data_2L6A
#
_entry.id   2L6A
#
_cell.length_a   1.000
_cell.length_b   1.000
_cell.length_c   1.000
_cell.angle_alpha   90.00
_cell.angle_beta   90.00
_cell.angle_gamma   90.00
#
_symmetry.space_group_name_H-M   'P 1'
#
_entity_poly.entity_id   1
_entity_poly.type   'polypeptide(L)'
_entity_poly.pdbx_seq_one_letter_code
;GHMLRTAGRDGLCRLSTYLEELEAVELKKFKLYLGTATELGEGKIPWGSMEKAGPLEMAQLLITHFGPEEAWRLALSTFE
RINRKDLWERGQREDLVRDTVE
;
_entity_poly.pdbx_strand_id   A
#
# COMPACT_ATOMS: atom_id res chain seq x y z
N GLY A 1 7.63 21.30 3.44
CA GLY A 1 6.84 20.44 2.56
C GLY A 1 7.45 20.32 1.20
N HIS A 2 7.31 21.33 0.39
CA HIS A 2 7.87 21.31 -0.95
C HIS A 2 9.33 21.74 -0.94
N MET A 3 10.05 21.33 -1.99
CA MET A 3 11.51 21.55 -2.17
C MET A 3 12.31 20.67 -1.22
N LEU A 4 11.62 19.71 -0.62
CA LEU A 4 12.23 18.78 0.31
C LEU A 4 12.94 17.72 -0.47
N ARG A 5 12.36 17.37 -1.54
CA ARG A 5 12.93 16.39 -2.41
C ARG A 5 13.33 17.02 -3.73
N THR A 6 14.52 17.57 -3.74
CA THR A 6 15.12 18.12 -4.92
C THR A 6 15.55 16.97 -5.81
N ALA A 7 16.08 15.96 -5.16
CA ALA A 7 16.45 14.73 -5.77
C ALA A 7 16.12 13.66 -4.78
N GLY A 8 15.12 12.88 -5.08
CA GLY A 8 14.70 11.87 -4.17
C GLY A 8 13.92 10.79 -4.86
N ARG A 9 13.72 9.71 -4.16
CA ARG A 9 13.01 8.57 -4.67
C ARG A 9 12.27 7.97 -3.50
N ASP A 10 10.97 7.89 -3.62
CA ASP A 10 10.14 7.44 -2.52
C ASP A 10 9.84 5.92 -2.52
N GLY A 11 8.61 5.55 -2.81
CA GLY A 11 8.21 4.18 -2.76
C GLY A 11 7.63 3.90 -1.42
N LEU A 12 8.49 3.45 -0.54
CA LEU A 12 8.13 3.08 0.83
C LEU A 12 7.68 4.34 1.56
N CYS A 13 8.40 5.42 1.30
CA CYS A 13 8.15 6.71 1.91
C CYS A 13 6.71 7.20 1.65
N ARG A 14 6.23 7.05 0.42
CA ARG A 14 4.87 7.48 0.07
C ARG A 14 3.84 6.49 0.63
N LEU A 15 4.20 5.22 0.59
CA LEU A 15 3.37 4.15 1.11
C LEU A 15 3.05 4.39 2.58
N SER A 16 4.10 4.58 3.40
CA SER A 16 3.95 4.84 4.82
C SER A 16 3.08 6.06 5.06
N THR A 17 3.38 7.15 4.36
CA THR A 17 2.69 8.42 4.51
C THR A 17 1.16 8.29 4.36
N TYR A 18 0.73 7.39 3.50
CA TYR A 18 -0.68 7.16 3.31
C TYR A 18 -1.23 6.11 4.27
N LEU A 19 -0.44 5.11 4.60
CA LEU A 19 -0.89 4.07 5.52
C LEU A 19 -0.98 4.58 6.97
N GLU A 20 -0.21 5.64 7.27
CA GLU A 20 -0.26 6.28 8.58
C GLU A 20 -1.60 7.01 8.77
N GLU A 21 -2.31 7.22 7.67
CA GLU A 21 -3.60 7.89 7.69
C GLU A 21 -4.72 6.92 7.99
N LEU A 22 -4.40 5.65 7.98
CA LEU A 22 -5.38 4.64 8.23
C LEU A 22 -5.35 4.24 9.68
N GLU A 23 -6.50 4.08 10.27
CA GLU A 23 -6.59 3.65 11.64
C GLU A 23 -6.54 2.12 11.68
N ALA A 24 -6.64 1.54 12.88
CA ALA A 24 -6.57 0.09 13.07
C ALA A 24 -7.54 -0.68 12.17
N VAL A 25 -8.80 -0.29 12.18
CA VAL A 25 -9.82 -0.97 11.36
C VAL A 25 -9.62 -0.70 9.86
N GLU A 26 -9.07 0.43 9.52
CA GLU A 26 -8.82 0.76 8.14
C GLU A 26 -7.71 -0.11 7.60
N LEU A 27 -6.68 -0.27 8.42
CA LEU A 27 -5.59 -1.16 8.10
C LEU A 27 -6.08 -2.59 8.09
N LYS A 28 -6.98 -2.88 9.02
CA LYS A 28 -7.63 -4.18 9.17
C LYS A 28 -8.24 -4.64 7.85
N LYS A 29 -9.02 -3.75 7.27
CA LYS A 29 -9.71 -4.02 6.00
C LYS A 29 -8.68 -4.26 4.92
N PHE A 30 -7.78 -3.31 4.83
CA PHE A 30 -6.68 -3.27 3.89
C PHE A 30 -5.88 -4.58 3.89
N LYS A 31 -5.43 -4.98 5.05
CA LYS A 31 -4.57 -6.14 5.17
C LYS A 31 -5.31 -7.45 4.98
N LEU A 32 -6.61 -7.48 5.22
CA LEU A 32 -7.32 -8.70 4.97
C LEU A 32 -7.64 -8.80 3.50
N TYR A 33 -7.98 -7.65 2.90
CA TYR A 33 -8.36 -7.58 1.50
C TYR A 33 -7.29 -8.15 0.61
N LEU A 34 -6.07 -7.71 0.79
CA LEU A 34 -4.98 -8.15 -0.04
C LEU A 34 -4.25 -9.34 0.55
N GLY A 35 -4.29 -9.46 1.87
CA GLY A 35 -3.52 -10.48 2.51
C GLY A 35 -4.16 -11.84 2.42
N THR A 36 -5.47 -11.88 2.54
CA THR A 36 -6.20 -13.15 2.50
C THR A 36 -6.91 -13.29 1.14
N ALA A 37 -6.44 -12.52 0.17
CA ALA A 37 -7.05 -12.43 -1.13
C ALA A 37 -6.81 -13.63 -1.99
N THR A 38 -7.87 -14.20 -2.49
CA THR A 38 -7.78 -15.26 -3.45
C THR A 38 -7.80 -14.66 -4.87
N GLU A 39 -8.16 -13.37 -4.95
CA GLU A 39 -8.14 -12.62 -6.21
C GLU A 39 -6.70 -12.25 -6.56
N LEU A 40 -5.84 -12.44 -5.59
CA LEU A 40 -4.44 -12.12 -5.70
C LEU A 40 -3.66 -13.43 -5.86
N GLY A 41 -4.40 -14.49 -6.00
CA GLY A 41 -3.87 -15.79 -6.21
C GLY A 41 -3.81 -16.57 -4.94
N GLU A 42 -2.71 -16.49 -4.30
CA GLU A 42 -2.48 -17.16 -3.05
C GLU A 42 -2.49 -16.20 -1.89
N GLY A 43 -1.94 -15.04 -2.12
CA GLY A 43 -1.82 -14.06 -1.09
C GLY A 43 -0.38 -14.01 -0.67
N LYS A 44 0.26 -12.88 -0.92
CA LYS A 44 1.69 -12.72 -0.63
C LYS A 44 1.95 -12.41 0.83
N ILE A 45 0.91 -12.30 1.59
CA ILE A 45 1.01 -12.01 2.98
C ILE A 45 0.94 -13.31 3.76
N PRO A 46 1.87 -13.54 4.71
CA PRO A 46 1.86 -14.73 5.55
C PRO A 46 0.54 -14.90 6.33
N TRP A 47 0.43 -15.99 6.99
CA TRP A 47 -0.79 -16.46 7.58
C TRP A 47 -1.08 -15.80 8.91
N GLY A 48 -1.65 -14.62 8.81
CA GLY A 48 -2.10 -13.87 9.98
C GLY A 48 -1.00 -13.08 10.65
N SER A 49 0.10 -12.88 9.95
CA SER A 49 1.27 -12.24 10.51
C SER A 49 1.22 -10.72 10.31
N MET A 50 0.02 -10.19 10.21
CA MET A 50 -0.17 -8.77 10.08
C MET A 50 -1.24 -8.27 11.02
N GLU A 51 -1.64 -9.10 11.95
CA GLU A 51 -2.70 -8.75 12.92
C GLU A 51 -2.23 -7.70 13.91
N LYS A 52 -1.01 -7.84 14.35
CA LYS A 52 -0.42 -6.94 15.32
C LYS A 52 0.50 -5.95 14.63
N ALA A 53 0.24 -5.73 13.37
CA ALA A 53 1.02 -4.84 12.56
C ALA A 53 0.30 -3.50 12.43
N GLY A 54 1.07 -2.43 12.40
CA GLY A 54 0.55 -1.11 12.28
C GLY A 54 1.01 -0.50 10.98
N PRO A 55 0.90 0.83 10.80
CA PRO A 55 1.28 1.49 9.54
C PRO A 55 2.75 1.27 9.18
N LEU A 56 3.59 1.26 10.20
CA LEU A 56 5.02 1.08 10.04
C LEU A 56 5.32 -0.34 9.58
N GLU A 57 4.79 -1.32 10.28
CA GLU A 57 5.01 -2.71 9.97
C GLU A 57 4.40 -3.07 8.62
N MET A 58 3.21 -2.55 8.35
CA MET A 58 2.52 -2.81 7.09
C MET A 58 3.28 -2.26 5.92
N ALA A 59 3.77 -1.04 6.03
CA ALA A 59 4.53 -0.43 4.94
C ALA A 59 5.74 -1.31 4.59
N GLN A 60 6.37 -1.84 5.62
CA GLN A 60 7.54 -2.66 5.45
C GLN A 60 7.17 -4.12 5.13
N LEU A 61 5.88 -4.41 5.17
CA LEU A 61 5.39 -5.73 4.88
C LEU A 61 5.18 -5.81 3.37
N LEU A 62 4.31 -4.91 2.86
CA LEU A 62 3.99 -4.87 1.44
C LEU A 62 5.24 -4.61 0.60
N ILE A 63 6.13 -3.77 1.12
CA ILE A 63 7.34 -3.39 0.40
C ILE A 63 8.29 -4.62 0.22
N THR A 64 8.25 -5.51 1.17
CA THR A 64 9.13 -6.65 1.14
C THR A 64 8.55 -7.79 0.28
N HIS A 65 7.26 -8.02 0.43
CA HIS A 65 6.61 -9.10 -0.32
C HIS A 65 6.35 -8.71 -1.77
N PHE A 66 5.66 -7.60 -1.96
CA PHE A 66 5.35 -7.11 -3.29
C PHE A 66 6.51 -6.38 -3.92
N GLY A 67 6.87 -5.27 -3.35
CA GLY A 67 7.95 -4.48 -3.88
C GLY A 67 7.71 -3.04 -3.56
N PRO A 68 8.64 -2.14 -3.90
CA PRO A 68 8.53 -0.71 -3.56
C PRO A 68 7.25 -0.04 -4.06
N GLU A 69 7.07 0.00 -5.36
CA GLU A 69 5.92 0.65 -5.92
C GLU A 69 4.75 -0.29 -6.04
N GLU A 70 5.05 -1.59 -6.01
CA GLU A 70 4.01 -2.60 -6.03
C GLU A 70 3.23 -2.50 -4.72
N ALA A 71 3.96 -2.31 -3.61
CA ALA A 71 3.37 -2.07 -2.30
C ALA A 71 2.46 -0.85 -2.34
N TRP A 72 2.95 0.21 -2.98
CA TRP A 72 2.19 1.44 -3.11
C TRP A 72 0.88 1.19 -3.86
N ARG A 73 0.98 0.44 -4.93
CA ARG A 73 -0.18 0.07 -5.71
C ARG A 73 -1.16 -0.71 -4.84
N LEU A 74 -0.64 -1.72 -4.15
CA LEU A 74 -1.44 -2.54 -3.25
C LEU A 74 -2.14 -1.72 -2.18
N ALA A 75 -1.55 -0.62 -1.77
CA ALA A 75 -2.19 0.22 -0.79
C ALA A 75 -3.23 1.13 -1.43
N LEU A 76 -2.85 1.92 -2.44
CA LEU A 76 -3.78 2.91 -3.03
C LEU A 76 -4.99 2.20 -3.66
N SER A 77 -4.72 1.13 -4.37
CA SER A 77 -5.75 0.38 -5.06
C SER A 77 -6.61 -0.45 -4.08
N THR A 78 -6.24 -0.45 -2.81
CA THR A 78 -7.04 -1.09 -1.81
C THR A 78 -7.76 -0.03 -0.97
N PHE A 79 -7.26 1.21 -1.01
CA PHE A 79 -7.91 2.33 -0.32
C PHE A 79 -9.35 2.45 -0.86
N GLU A 80 -9.47 2.42 -2.18
CA GLU A 80 -10.79 2.48 -2.85
C GLU A 80 -11.69 1.28 -2.45
N ARG A 81 -11.06 0.17 -2.08
CA ARG A 81 -11.77 -1.07 -1.80
C ARG A 81 -12.28 -1.12 -0.35
N ILE A 82 -11.65 -0.36 0.50
CA ILE A 82 -12.00 -0.37 1.92
C ILE A 82 -12.83 0.88 2.28
N ASN A 83 -13.26 1.57 1.23
CA ASN A 83 -14.00 2.83 1.31
C ASN A 83 -13.12 3.90 1.94
N ARG A 84 -12.03 4.12 1.29
CA ARG A 84 -11.06 5.12 1.62
C ARG A 84 -10.69 5.79 0.30
N LYS A 85 -11.74 6.14 -0.42
CA LYS A 85 -11.67 6.68 -1.73
C LYS A 85 -11.06 8.06 -1.68
N ASP A 86 -11.22 8.71 -0.55
CA ASP A 86 -10.69 10.03 -0.34
C ASP A 86 -9.18 10.04 -0.56
N LEU A 87 -8.51 9.18 0.17
CA LEU A 87 -7.04 9.07 0.16
C LEU A 87 -6.59 8.39 -1.12
N TRP A 88 -7.46 7.59 -1.66
CA TRP A 88 -7.24 6.90 -2.92
C TRP A 88 -7.10 7.91 -4.06
N GLU A 89 -7.92 8.94 -4.06
CA GLU A 89 -7.84 10.02 -5.05
C GLU A 89 -6.55 10.81 -4.86
N ARG A 90 -6.03 10.77 -3.65
CA ARG A 90 -4.74 11.40 -3.31
C ARG A 90 -3.60 10.55 -3.86
N GLY A 91 -3.93 9.34 -4.23
CA GLY A 91 -2.98 8.44 -4.80
C GLY A 91 -3.06 8.43 -6.30
N GLN A 92 -4.18 8.03 -6.86
CA GLN A 92 -4.27 7.98 -8.30
C GLN A 92 -5.22 9.00 -8.88
N ARG A 93 -4.68 9.72 -9.82
CA ARG A 93 -5.42 10.69 -10.60
C ARG A 93 -5.14 10.41 -12.08
N GLU A 94 -3.98 9.82 -12.30
CA GLU A 94 -3.48 9.32 -13.56
C GLU A 94 -3.40 10.37 -14.66
N ASP A 95 -4.47 10.53 -15.40
CA ASP A 95 -4.48 11.37 -16.58
C ASP A 95 -5.90 11.61 -17.05
N LEU A 96 -6.17 12.85 -17.45
CA LEU A 96 -7.43 13.31 -18.01
C LEU A 96 -8.60 13.32 -17.03
N VAL A 97 -9.43 14.32 -17.15
CA VAL A 97 -10.63 14.39 -16.38
C VAL A 97 -11.88 14.18 -17.27
N ARG A 98 -11.98 14.95 -18.35
CA ARG A 98 -13.11 14.87 -19.26
C ARG A 98 -12.70 15.16 -20.69
N ASP A 99 -12.42 16.42 -21.00
CA ASP A 99 -12.03 16.80 -22.35
C ASP A 99 -10.92 17.82 -22.31
N THR A 100 -9.83 17.52 -23.00
CA THR A 100 -8.67 18.42 -23.21
C THR A 100 -7.81 18.66 -21.95
N VAL A 101 -8.45 19.06 -20.87
CA VAL A 101 -7.76 19.43 -19.65
C VAL A 101 -7.47 18.23 -18.75
N GLU A 102 -6.56 18.47 -17.79
CA GLU A 102 -6.06 17.50 -16.81
C GLU A 102 -5.05 16.57 -17.50
N GLY A 1 26.55 2.01 -14.42
CA GLY A 1 25.59 3.04 -14.83
C GLY A 1 24.17 2.60 -14.64
N HIS A 2 23.23 3.31 -15.28
CA HIS A 2 21.78 3.09 -15.20
C HIS A 2 21.23 3.34 -13.80
N MET A 3 21.28 2.33 -12.95
CA MET A 3 20.74 2.39 -11.61
C MET A 3 21.71 1.71 -10.68
N LEU A 4 21.74 2.14 -9.46
CA LEU A 4 22.53 1.49 -8.43
C LEU A 4 21.54 0.84 -7.47
N ARG A 5 21.99 0.46 -6.28
CA ARG A 5 21.07 -0.08 -5.28
C ARG A 5 20.18 1.06 -4.76
N THR A 6 20.67 2.27 -4.96
CA THR A 6 19.98 3.45 -4.62
C THR A 6 19.39 4.06 -5.89
N ALA A 7 18.10 4.30 -5.89
CA ALA A 7 17.42 4.82 -7.05
C ALA A 7 16.16 5.55 -6.63
N GLY A 8 15.60 6.31 -7.55
CA GLY A 8 14.35 6.97 -7.30
C GLY A 8 13.22 6.00 -7.43
N ARG A 9 12.88 5.35 -6.36
CA ARG A 9 11.89 4.30 -6.40
C ARG A 9 11.08 4.36 -5.12
N ASP A 10 11.77 4.15 -4.01
CA ASP A 10 11.24 4.26 -2.64
C ASP A 10 10.04 3.37 -2.37
N GLY A 11 8.84 3.88 -2.61
CA GLY A 11 7.63 3.13 -2.35
C GLY A 11 7.28 3.20 -0.88
N LEU A 12 8.16 2.63 -0.07
CA LEU A 12 8.05 2.53 1.39
C LEU A 12 7.71 3.88 2.05
N CYS A 13 8.33 4.92 1.55
CA CYS A 13 8.18 6.27 2.07
C CYS A 13 6.73 6.76 1.92
N ARG A 14 6.25 6.80 0.69
CA ARG A 14 4.90 7.28 0.41
C ARG A 14 3.86 6.33 1.01
N LEU A 15 4.17 5.06 0.97
CA LEU A 15 3.31 4.00 1.46
C LEU A 15 2.97 4.22 2.95
N SER A 16 3.97 4.43 3.77
CA SER A 16 3.75 4.59 5.21
C SER A 16 3.00 5.89 5.53
N THR A 17 3.30 6.93 4.77
CA THR A 17 2.67 8.23 4.91
C THR A 17 1.14 8.16 4.66
N TYR A 18 0.73 7.34 3.72
CA TYR A 18 -0.69 7.20 3.43
C TYR A 18 -1.37 6.20 4.33
N LEU A 19 -0.66 5.13 4.66
CA LEU A 19 -1.22 4.09 5.52
C LEU A 19 -1.50 4.58 6.94
N GLU A 20 -0.89 5.70 7.33
CA GLU A 20 -1.11 6.22 8.66
C GLU A 20 -2.49 6.87 8.80
N GLU A 21 -3.16 7.07 7.68
CA GLU A 21 -4.49 7.63 7.72
C GLU A 21 -5.56 6.55 7.73
N LEU A 22 -5.13 5.33 7.97
CA LEU A 22 -6.05 4.24 8.18
C LEU A 22 -6.10 3.93 9.65
N GLU A 23 -7.27 3.66 10.14
CA GLU A 23 -7.46 3.31 11.53
C GLU A 23 -7.10 1.86 11.74
N ALA A 24 -7.08 1.42 12.98
CA ALA A 24 -6.80 0.02 13.30
C ALA A 24 -7.82 -0.89 12.62
N VAL A 25 -9.06 -0.43 12.61
CA VAL A 25 -10.13 -1.14 11.93
C VAL A 25 -9.94 -1.13 10.40
N GLU A 26 -9.49 0.01 9.87
CA GLU A 26 -9.33 0.18 8.43
C GLU A 26 -8.16 -0.63 7.93
N LEU A 27 -7.09 -0.66 8.74
CA LEU A 27 -5.92 -1.48 8.45
C LEU A 27 -6.32 -2.94 8.37
N LYS A 28 -7.14 -3.36 9.32
CA LYS A 28 -7.63 -4.72 9.36
C LYS A 28 -8.33 -5.10 8.05
N LYS A 29 -9.14 -4.18 7.54
CA LYS A 29 -9.86 -4.38 6.28
C LYS A 29 -8.86 -4.49 5.14
N PHE A 30 -7.97 -3.52 5.09
CA PHE A 30 -6.90 -3.41 4.11
C PHE A 30 -6.05 -4.69 4.05
N LYS A 31 -5.68 -5.21 5.19
CA LYS A 31 -4.84 -6.41 5.24
C LYS A 31 -5.57 -7.64 4.80
N LEU A 32 -6.84 -7.76 5.14
CA LEU A 32 -7.57 -8.94 4.72
C LEU A 32 -7.86 -8.87 3.25
N TYR A 33 -8.00 -7.66 2.76
CA TYR A 33 -8.27 -7.45 1.38
C TYR A 33 -7.10 -7.90 0.53
N LEU A 34 -5.93 -7.35 0.76
CA LEU A 34 -4.76 -7.66 -0.06
C LEU A 34 -3.95 -8.85 0.42
N GLY A 35 -3.98 -9.10 1.70
CA GLY A 35 -3.13 -10.13 2.27
C GLY A 35 -3.50 -11.51 1.83
N THR A 36 -4.77 -11.81 1.92
CA THR A 36 -5.27 -13.11 1.56
C THR A 36 -6.12 -13.00 0.28
N ALA A 37 -5.83 -11.96 -0.50
CA ALA A 37 -6.52 -11.67 -1.76
C ALA A 37 -6.34 -12.76 -2.79
N THR A 38 -7.44 -13.28 -3.26
CA THR A 38 -7.44 -14.26 -4.32
C THR A 38 -7.09 -13.61 -5.67
N GLU A 39 -7.19 -12.28 -5.71
CA GLU A 39 -6.85 -11.48 -6.90
C GLU A 39 -5.37 -11.54 -7.21
N LEU A 40 -4.60 -11.92 -6.20
CA LEU A 40 -3.15 -12.04 -6.33
C LEU A 40 -2.80 -13.45 -6.77
N GLY A 41 -3.77 -14.28 -6.71
CA GLY A 41 -3.62 -15.66 -7.01
C GLY A 41 -3.90 -16.44 -5.78
N GLU A 42 -3.04 -16.30 -4.82
CA GLU A 42 -3.18 -16.97 -3.56
C GLU A 42 -3.24 -16.00 -2.39
N GLY A 43 -2.25 -15.15 -2.28
CA GLY A 43 -2.19 -14.22 -1.19
C GLY A 43 -0.80 -14.18 -0.63
N LYS A 44 -0.14 -13.07 -0.80
CA LYS A 44 1.27 -12.93 -0.42
C LYS A 44 1.49 -12.81 1.07
N ILE A 45 0.49 -12.37 1.80
CA ILE A 45 0.67 -12.16 3.22
C ILE A 45 0.33 -13.43 4.00
N PRO A 46 1.25 -13.90 4.84
CA PRO A 46 1.05 -15.07 5.67
C PRO A 46 0.10 -14.81 6.85
N TRP A 47 -0.86 -15.74 7.02
CA TRP A 47 -1.89 -15.83 8.08
C TRP A 47 -2.30 -14.53 8.78
N GLY A 48 -1.45 -14.03 9.61
CA GLY A 48 -1.74 -12.87 10.38
C GLY A 48 -0.47 -12.26 10.90
N SER A 49 0.59 -12.33 10.10
CA SER A 49 1.89 -11.79 10.49
C SER A 49 1.88 -10.24 10.45
N MET A 50 0.72 -9.70 10.17
CA MET A 50 0.50 -8.28 10.08
C MET A 50 -0.50 -7.79 11.13
N GLU A 51 -0.84 -8.64 12.07
CA GLU A 51 -1.80 -8.29 13.10
C GLU A 51 -1.29 -7.22 14.05
N LYS A 52 -0.05 -7.33 14.42
CA LYS A 52 0.55 -6.35 15.33
C LYS A 52 1.31 -5.29 14.54
N ALA A 53 1.00 -5.21 13.27
CA ALA A 53 1.66 -4.31 12.38
C ALA A 53 0.80 -3.09 12.12
N GLY A 54 1.37 -1.93 12.32
CA GLY A 54 0.69 -0.70 12.05
C GLY A 54 1.15 -0.11 10.75
N PRO A 55 0.86 1.18 10.50
CA PRO A 55 1.17 1.89 9.24
C PRO A 55 2.62 1.72 8.78
N LEU A 56 3.54 1.79 9.72
CA LEU A 56 4.97 1.69 9.39
C LEU A 56 5.35 0.26 9.06
N GLU A 57 5.03 -0.62 9.98
CA GLU A 57 5.32 -2.04 9.84
C GLU A 57 4.66 -2.61 8.59
N MET A 58 3.43 -2.18 8.33
CA MET A 58 2.69 -2.60 7.14
C MET A 58 3.40 -2.22 5.90
N ALA A 59 3.85 -0.99 5.84
CA ALA A 59 4.56 -0.49 4.68
C ALA A 59 5.76 -1.37 4.38
N GLN A 60 6.42 -1.83 5.41
CA GLN A 60 7.57 -2.68 5.27
C GLN A 60 7.16 -4.08 4.83
N LEU A 61 6.04 -4.55 5.32
CA LEU A 61 5.52 -5.85 4.94
C LEU A 61 5.12 -5.91 3.47
N LEU A 62 4.34 -4.94 2.98
CA LEU A 62 3.99 -4.95 1.57
C LEU A 62 5.23 -4.74 0.69
N ILE A 63 6.19 -3.96 1.18
CA ILE A 63 7.40 -3.68 0.41
C ILE A 63 8.30 -4.95 0.32
N THR A 64 8.24 -5.80 1.34
CA THR A 64 9.02 -7.01 1.39
C THR A 64 8.47 -8.10 0.46
N HIS A 65 7.16 -8.17 0.33
CA HIS A 65 6.54 -9.20 -0.51
C HIS A 65 6.33 -8.73 -1.94
N PHE A 66 5.60 -7.65 -2.09
CA PHE A 66 5.25 -7.13 -3.40
C PHE A 66 6.41 -6.38 -4.05
N GLY A 67 6.84 -5.32 -3.44
CA GLY A 67 7.89 -4.52 -4.00
C GLY A 67 7.63 -3.08 -3.69
N PRO A 68 8.53 -2.14 -4.00
CA PRO A 68 8.33 -0.73 -3.70
C PRO A 68 7.10 -0.14 -4.39
N GLU A 69 7.09 -0.18 -5.70
CA GLU A 69 6.00 0.37 -6.49
C GLU A 69 4.74 -0.46 -6.32
N GLU A 70 4.93 -1.77 -6.21
CA GLU A 70 3.82 -2.69 -6.10
C GLU A 70 3.11 -2.50 -4.75
N ALA A 71 3.87 -2.37 -3.67
CA ALA A 71 3.32 -2.13 -2.32
C ALA A 71 2.47 -0.88 -2.31
N TRP A 72 2.99 0.17 -2.92
CA TRP A 72 2.27 1.42 -3.02
C TRP A 72 0.97 1.25 -3.80
N ARG A 73 1.04 0.56 -4.92
CA ARG A 73 -0.13 0.33 -5.72
C ARG A 73 -1.17 -0.48 -4.96
N LEU A 74 -0.71 -1.51 -4.28
CA LEU A 74 -1.56 -2.36 -3.45
C LEU A 74 -2.31 -1.55 -2.41
N ALA A 75 -1.62 -0.65 -1.74
CA ALA A 75 -2.26 0.16 -0.72
C ALA A 75 -3.27 1.11 -1.32
N LEU A 76 -2.89 1.85 -2.37
CA LEU A 76 -3.79 2.84 -2.97
C LEU A 76 -5.03 2.15 -3.53
N SER A 77 -4.82 1.05 -4.21
CA SER A 77 -5.87 0.30 -4.81
C SER A 77 -6.66 -0.55 -3.80
N THR A 78 -6.28 -0.48 -2.52
CA THR A 78 -7.05 -1.10 -1.48
C THR A 78 -7.85 -0.03 -0.72
N PHE A 79 -7.30 1.21 -0.67
CA PHE A 79 -7.97 2.34 -0.03
C PHE A 79 -9.36 2.52 -0.64
N GLU A 80 -9.42 2.39 -1.94
CA GLU A 80 -10.66 2.52 -2.68
C GLU A 80 -11.65 1.38 -2.35
N ARG A 81 -11.13 0.21 -2.08
CA ARG A 81 -11.97 -0.98 -1.90
C ARG A 81 -12.68 -0.94 -0.58
N ILE A 82 -11.97 -0.44 0.42
CA ILE A 82 -12.49 -0.39 1.77
C ILE A 82 -13.18 0.95 2.05
N ASN A 83 -13.44 1.69 0.97
CA ASN A 83 -14.07 3.00 1.01
C ASN A 83 -13.35 3.98 1.88
N ARG A 84 -12.22 4.30 1.39
CA ARG A 84 -11.33 5.29 1.94
C ARG A 84 -10.72 5.94 0.71
N LYS A 85 -11.59 6.33 -0.21
CA LYS A 85 -11.24 6.76 -1.51
C LYS A 85 -10.48 8.04 -1.48
N ASP A 86 -10.61 8.77 -0.38
CA ASP A 86 -9.93 10.04 -0.24
C ASP A 86 -8.40 9.88 -0.30
N LEU A 87 -7.88 8.76 0.22
CA LEU A 87 -6.43 8.51 0.15
C LEU A 87 -6.06 8.05 -1.23
N TRP A 88 -6.96 7.32 -1.81
CA TRP A 88 -6.83 6.74 -3.11
C TRP A 88 -6.75 7.82 -4.20
N GLU A 89 -7.59 8.84 -4.07
CA GLU A 89 -7.64 9.96 -5.01
C GLU A 89 -6.33 10.73 -5.02
N ARG A 90 -5.61 10.64 -3.94
CA ARG A 90 -4.35 11.35 -3.80
C ARG A 90 -3.25 10.56 -4.48
N GLY A 91 -3.47 9.26 -4.60
CA GLY A 91 -2.47 8.38 -5.14
C GLY A 91 -2.41 8.40 -6.64
N GLN A 92 -3.36 7.79 -7.28
CA GLN A 92 -3.38 7.75 -8.72
C GLN A 92 -3.96 9.03 -9.29
N ARG A 93 -3.30 9.54 -10.30
CA ARG A 93 -3.63 10.82 -10.88
C ARG A 93 -3.79 10.74 -12.39
N GLU A 94 -3.19 9.73 -12.96
CA GLU A 94 -3.25 9.51 -14.39
C GLU A 94 -4.59 8.91 -14.79
N ASP A 95 -5.20 8.24 -13.87
CA ASP A 95 -6.50 7.61 -14.04
C ASP A 95 -7.06 7.55 -12.67
N LEU A 96 -8.35 7.52 -12.53
CA LEU A 96 -8.92 7.47 -11.23
C LEU A 96 -10.22 6.71 -11.19
N VAL A 97 -11.30 7.35 -11.54
CA VAL A 97 -12.61 6.73 -11.41
C VAL A 97 -13.43 6.75 -12.70
N ARG A 98 -13.65 5.55 -13.24
CA ARG A 98 -14.50 5.29 -14.41
C ARG A 98 -13.92 5.88 -15.70
N ASP A 99 -13.47 5.01 -16.57
CA ASP A 99 -12.87 5.39 -17.84
C ASP A 99 -12.81 4.17 -18.73
N THR A 100 -11.94 3.22 -18.39
CA THR A 100 -11.88 1.97 -19.11
C THR A 100 -13.13 1.17 -18.76
N VAL A 101 -13.42 1.12 -17.47
CA VAL A 101 -14.61 0.47 -16.99
C VAL A 101 -15.70 1.52 -16.86
N GLU A 102 -16.88 1.16 -17.25
CA GLU A 102 -18.03 2.04 -17.20
C GLU A 102 -19.00 1.51 -16.17
N GLY A 1 24.14 -6.41 6.80
CA GLY A 1 24.69 -5.19 6.19
C GLY A 1 23.67 -4.52 5.31
N HIS A 2 24.14 -3.59 4.45
CA HIS A 2 23.28 -2.82 3.51
C HIS A 2 22.27 -1.98 4.26
N MET A 3 22.66 -1.55 5.45
CA MET A 3 21.78 -0.78 6.32
C MET A 3 21.48 0.58 5.75
N LEU A 4 20.22 0.78 5.39
CA LEU A 4 19.71 2.02 4.79
C LEU A 4 20.36 2.31 3.46
N ARG A 5 19.81 1.73 2.43
CA ARG A 5 20.27 1.95 1.08
C ARG A 5 19.53 3.14 0.49
N THR A 6 18.29 3.30 0.94
CA THR A 6 17.36 4.31 0.48
C THR A 6 16.75 3.87 -0.86
N ALA A 7 15.44 3.76 -0.88
CA ALA A 7 14.73 3.34 -2.07
C ALA A 7 14.73 4.46 -3.10
N GLY A 8 14.89 4.09 -4.36
CA GLY A 8 14.86 5.05 -5.43
C GLY A 8 13.45 5.33 -5.83
N ARG A 9 12.70 4.27 -5.98
CA ARG A 9 11.31 4.36 -6.31
C ARG A 9 10.50 4.61 -5.08
N ASP A 10 9.80 5.72 -5.05
CA ASP A 10 9.04 6.06 -3.89
C ASP A 10 7.75 5.31 -3.79
N GLY A 11 7.85 4.24 -3.12
CA GLY A 11 6.74 3.48 -2.76
C GLY A 11 6.63 3.48 -1.27
N LEU A 12 7.70 3.03 -0.62
CA LEU A 12 7.77 2.86 0.83
C LEU A 12 7.52 4.16 1.62
N CYS A 13 8.08 5.26 1.17
CA CYS A 13 7.99 6.51 1.91
C CYS A 13 6.56 7.02 1.90
N ARG A 14 5.98 7.15 0.71
CA ARG A 14 4.60 7.61 0.62
C ARG A 14 3.64 6.58 1.23
N LEU A 15 3.99 5.31 1.11
CA LEU A 15 3.20 4.20 1.64
C LEU A 15 2.98 4.37 3.14
N SER A 16 4.07 4.53 3.88
CA SER A 16 4.00 4.68 5.31
C SER A 16 3.29 6.00 5.68
N THR A 17 3.38 6.97 4.80
CA THR A 17 2.76 8.27 5.01
C THR A 17 1.22 8.19 4.86
N TYR A 18 0.73 7.55 3.80
CA TYR A 18 -0.72 7.44 3.59
C TYR A 18 -1.36 6.47 4.58
N LEU A 19 -0.63 5.42 4.95
CA LEU A 19 -1.15 4.42 5.88
C LEU A 19 -1.36 4.99 7.30
N GLU A 20 -0.65 6.08 7.61
CA GLU A 20 -0.82 6.78 8.89
C GLU A 20 -2.23 7.36 9.02
N GLU A 21 -2.84 7.68 7.89
CA GLU A 21 -4.15 8.32 7.85
C GLU A 21 -5.30 7.32 7.97
N LEU A 22 -4.99 6.06 8.14
CA LEU A 22 -6.02 5.06 8.28
C LEU A 22 -6.25 4.73 9.74
N GLU A 23 -7.48 4.42 10.09
CA GLU A 23 -7.80 3.93 11.43
C GLU A 23 -7.32 2.51 11.55
N ALA A 24 -7.30 1.99 12.77
CA ALA A 24 -6.94 0.61 12.99
C ALA A 24 -7.89 -0.31 12.24
N VAL A 25 -9.17 0.06 12.23
CA VAL A 25 -10.20 -0.71 11.52
C VAL A 25 -9.97 -0.66 9.99
N GLU A 26 -9.48 0.46 9.49
CA GLU A 26 -9.22 0.60 8.06
C GLU A 26 -8.00 -0.21 7.70
N LEU A 27 -7.00 -0.16 8.56
CA LEU A 27 -5.80 -0.96 8.41
C LEU A 27 -6.18 -2.43 8.42
N LYS A 28 -7.04 -2.78 9.37
CA LYS A 28 -7.59 -4.11 9.54
C LYS A 28 -8.23 -4.59 8.23
N LYS A 29 -9.02 -3.72 7.62
CA LYS A 29 -9.70 -4.05 6.39
C LYS A 29 -8.71 -4.28 5.25
N PHE A 30 -7.77 -3.37 5.09
CA PHE A 30 -6.82 -3.43 3.99
C PHE A 30 -5.88 -4.63 4.10
N LYS A 31 -5.46 -4.94 5.31
CA LYS A 31 -4.53 -6.04 5.54
C LYS A 31 -5.19 -7.37 5.36
N LEU A 32 -6.46 -7.49 5.73
CA LEU A 32 -7.12 -8.74 5.51
C LEU A 32 -7.46 -8.86 4.07
N TYR A 33 -7.75 -7.72 3.42
CA TYR A 33 -8.07 -7.73 2.03
C TYR A 33 -6.90 -8.24 1.24
N LEU A 34 -5.82 -7.48 1.18
CA LEU A 34 -4.68 -7.85 0.35
C LEU A 34 -3.88 -8.98 0.94
N GLY A 35 -4.05 -9.20 2.21
CA GLY A 35 -3.34 -10.26 2.84
C GLY A 35 -3.94 -11.60 2.52
N THR A 36 -5.25 -11.66 2.49
CA THR A 36 -5.92 -12.93 2.18
C THR A 36 -6.32 -12.98 0.70
N ALA A 37 -6.05 -11.88 -0.01
CA ALA A 37 -6.40 -11.71 -1.43
C ALA A 37 -5.78 -12.78 -2.30
N THR A 38 -6.62 -13.53 -2.92
CA THR A 38 -6.20 -14.62 -3.73
C THR A 38 -5.95 -14.16 -5.19
N GLU A 39 -6.39 -12.95 -5.54
CA GLU A 39 -6.16 -12.40 -6.89
C GLU A 39 -4.68 -11.99 -7.04
N LEU A 40 -3.98 -12.03 -5.93
CA LEU A 40 -2.56 -11.72 -5.87
C LEU A 40 -1.75 -13.00 -6.06
N GLY A 41 -2.44 -14.03 -6.37
CA GLY A 41 -1.87 -15.32 -6.59
C GLY A 41 -2.40 -16.28 -5.58
N GLU A 42 -1.82 -16.23 -4.40
CA GLU A 42 -2.25 -17.07 -3.29
C GLU A 42 -2.41 -16.23 -2.04
N GLY A 43 -2.02 -14.97 -2.15
CA GLY A 43 -1.94 -14.13 -1.00
C GLY A 43 -0.48 -13.99 -0.64
N LYS A 44 0.08 -12.84 -0.87
CA LYS A 44 1.50 -12.63 -0.67
C LYS A 44 1.86 -12.40 0.79
N ILE A 45 0.85 -12.16 1.59
CA ILE A 45 1.04 -11.93 3.01
C ILE A 45 0.87 -13.27 3.74
N PRO A 46 1.80 -13.65 4.62
CA PRO A 46 1.71 -14.88 5.38
C PRO A 46 0.55 -14.84 6.37
N TRP A 47 -0.34 -15.84 6.23
CA TRP A 47 -1.52 -16.12 7.03
C TRP A 47 -2.24 -14.91 7.65
N GLY A 48 -1.69 -14.42 8.71
CA GLY A 48 -2.25 -13.32 9.44
C GLY A 48 -1.20 -12.58 10.21
N SER A 49 0.03 -12.61 9.71
CA SER A 49 1.13 -11.95 10.39
C SER A 49 0.98 -10.43 10.30
N MET A 50 0.10 -9.99 9.42
CA MET A 50 -0.17 -8.58 9.22
C MET A 50 -1.05 -7.99 10.31
N GLU A 51 -1.64 -8.84 11.13
CA GLU A 51 -2.48 -8.40 12.23
C GLU A 51 -1.67 -7.57 13.22
N LYS A 52 -0.48 -8.03 13.48
CA LYS A 52 0.45 -7.39 14.43
C LYS A 52 1.27 -6.31 13.74
N ALA A 53 0.82 -5.88 12.60
CA ALA A 53 1.55 -4.92 11.83
C ALA A 53 0.78 -3.61 11.76
N GLY A 54 1.42 -2.54 12.17
CA GLY A 54 0.81 -1.25 12.09
C GLY A 54 1.18 -0.62 10.77
N PRO A 55 0.87 0.67 10.54
CA PRO A 55 1.10 1.34 9.25
C PRO A 55 2.56 1.25 8.77
N LEU A 56 3.50 1.37 9.70
CA LEU A 56 4.92 1.29 9.37
C LEU A 56 5.27 -0.11 8.97
N GLU A 57 4.94 -1.06 9.83
CA GLU A 57 5.24 -2.46 9.61
C GLU A 57 4.56 -2.96 8.34
N MET A 58 3.34 -2.49 8.11
CA MET A 58 2.58 -2.83 6.90
C MET A 58 3.31 -2.38 5.67
N ALA A 59 3.79 -1.16 5.69
CA ALA A 59 4.53 -0.60 4.58
C ALA A 59 5.75 -1.48 4.25
N GLN A 60 6.42 -1.91 5.29
CA GLN A 60 7.59 -2.74 5.17
C GLN A 60 7.23 -4.15 4.69
N LEU A 61 6.09 -4.66 5.15
CA LEU A 61 5.60 -5.96 4.67
C LEU A 61 5.29 -5.90 3.19
N LEU A 62 4.48 -4.93 2.79
CA LEU A 62 4.11 -4.76 1.38
C LEU A 62 5.34 -4.61 0.50
N ILE A 63 6.30 -3.81 0.95
CA ILE A 63 7.51 -3.57 0.17
C ILE A 63 8.36 -4.86 0.03
N THR A 64 8.27 -5.73 1.01
CA THR A 64 9.02 -6.95 1.02
C THR A 64 8.31 -8.06 0.21
N HIS A 65 7.01 -8.17 0.38
CA HIS A 65 6.24 -9.21 -0.30
C HIS A 65 5.93 -8.82 -1.73
N PHE A 66 5.43 -7.63 -1.92
CA PHE A 66 5.09 -7.14 -3.24
C PHE A 66 6.31 -6.56 -3.94
N GLY A 67 6.68 -5.37 -3.56
CA GLY A 67 7.79 -4.71 -4.19
C GLY A 67 7.74 -3.25 -3.87
N PRO A 68 8.71 -2.44 -4.30
CA PRO A 68 8.76 -1.02 -3.98
C PRO A 68 7.55 -0.25 -4.50
N GLU A 69 7.15 -0.55 -5.71
CA GLU A 69 6.06 0.17 -6.34
C GLU A 69 4.79 -0.62 -6.21
N GLU A 70 4.93 -1.93 -6.15
CA GLU A 70 3.82 -2.82 -6.02
C GLU A 70 3.16 -2.59 -4.67
N ALA A 71 3.99 -2.35 -3.65
CA ALA A 71 3.52 -2.02 -2.30
C ALA A 71 2.62 -0.81 -2.31
N TRP A 72 3.06 0.27 -2.94
CA TRP A 72 2.28 1.49 -3.01
C TRP A 72 0.97 1.23 -3.75
N ARG A 73 1.06 0.53 -4.83
CA ARG A 73 -0.09 0.16 -5.62
C ARG A 73 -1.08 -0.63 -4.77
N LEU A 74 -0.57 -1.64 -4.09
CA LEU A 74 -1.36 -2.49 -3.20
C LEU A 74 -2.07 -1.69 -2.15
N ALA A 75 -1.44 -0.67 -1.63
CA ALA A 75 -2.08 0.16 -0.64
C ALA A 75 -3.19 1.00 -1.26
N LEU A 76 -2.86 1.83 -2.26
CA LEU A 76 -3.83 2.77 -2.83
C LEU A 76 -5.02 2.05 -3.44
N SER A 77 -4.75 0.99 -4.16
CA SER A 77 -5.75 0.23 -4.83
C SER A 77 -6.58 -0.61 -3.84
N THR A 78 -6.13 -0.71 -2.60
CA THR A 78 -6.89 -1.37 -1.60
C THR A 78 -7.64 -0.32 -0.75
N PHE A 79 -7.15 0.93 -0.77
CA PHE A 79 -7.85 2.04 -0.10
C PHE A 79 -9.23 2.16 -0.69
N GLU A 80 -9.30 2.19 -2.01
CA GLU A 80 -10.57 2.27 -2.72
C GLU A 80 -11.47 1.06 -2.39
N ARG A 81 -10.86 -0.10 -2.17
CA ARG A 81 -11.60 -1.32 -1.87
C ARG A 81 -12.30 -1.17 -0.53
N ILE A 82 -11.58 -0.59 0.43
CA ILE A 82 -12.08 -0.42 1.78
C ILE A 82 -12.85 0.89 1.93
N ASN A 83 -13.29 1.42 0.80
CA ASN A 83 -14.14 2.62 0.70
C ASN A 83 -13.42 3.88 1.08
N ARG A 84 -12.18 3.78 1.08
CA ARG A 84 -11.32 4.87 1.39
C ARG A 84 -10.76 5.40 0.09
N LYS A 85 -11.63 6.02 -0.66
CA LYS A 85 -11.32 6.50 -1.94
C LYS A 85 -10.56 7.80 -1.80
N ASP A 86 -10.67 8.41 -0.64
CA ASP A 86 -10.13 9.71 -0.38
C ASP A 86 -8.63 9.69 -0.47
N LEU A 87 -8.02 8.72 0.18
CA LEU A 87 -6.55 8.60 0.15
C LEU A 87 -6.14 8.01 -1.18
N TRP A 88 -7.05 7.35 -1.80
CA TRP A 88 -6.88 6.78 -3.10
C TRP A 88 -6.76 7.90 -4.14
N GLU A 89 -7.69 8.86 -4.06
CA GLU A 89 -7.73 10.06 -4.90
C GLU A 89 -6.48 10.92 -4.68
N ARG A 90 -6.02 10.97 -3.43
CA ARG A 90 -4.82 11.71 -3.08
C ARG A 90 -3.58 10.96 -3.55
N GLY A 91 -3.66 9.66 -3.46
CA GLY A 91 -2.59 8.79 -3.83
C GLY A 91 -2.37 8.74 -5.30
N GLN A 92 -3.10 7.84 -5.95
CA GLN A 92 -2.99 7.55 -7.37
C GLN A 92 -1.55 7.07 -7.70
N ARG A 93 -1.31 6.78 -8.91
CA ARG A 93 0.01 6.37 -9.29
C ARG A 93 0.61 7.43 -10.17
N GLU A 94 1.88 7.50 -10.15
CA GLU A 94 2.59 8.39 -11.01
C GLU A 94 3.45 7.53 -11.89
N ASP A 95 3.09 7.46 -13.14
CA ASP A 95 3.76 6.55 -14.05
C ASP A 95 4.59 7.35 -15.07
N LEU A 96 4.77 6.80 -16.26
CA LEU A 96 5.54 7.43 -17.31
C LEU A 96 4.91 8.78 -17.69
N VAL A 97 5.72 9.66 -18.27
CA VAL A 97 5.36 11.04 -18.52
C VAL A 97 5.36 11.79 -17.19
N ARG A 98 6.55 12.12 -16.79
CA ARG A 98 6.83 12.79 -15.53
C ARG A 98 7.17 14.22 -15.81
N ASP A 99 6.79 14.66 -16.98
CA ASP A 99 7.01 16.03 -17.41
C ASP A 99 6.00 16.94 -16.74
N THR A 100 6.17 17.11 -15.46
CA THR A 100 5.34 18.00 -14.69
C THR A 100 5.98 19.39 -14.72
N VAL A 101 7.27 19.41 -15.00
CA VAL A 101 8.04 20.62 -15.11
C VAL A 101 7.57 21.40 -16.32
N GLU A 102 6.87 22.47 -16.08
CA GLU A 102 6.34 23.32 -17.11
C GLU A 102 6.08 24.64 -16.43
N GLY A 1 14.89 5.82 -10.45
CA GLY A 1 15.75 5.24 -9.42
C GLY A 1 16.28 3.88 -9.83
N HIS A 2 17.18 3.86 -10.78
CA HIS A 2 17.79 2.61 -11.20
C HIS A 2 18.98 2.27 -10.29
N MET A 3 18.72 1.33 -9.38
CA MET A 3 19.64 0.93 -8.31
C MET A 3 19.80 2.07 -7.31
N LEU A 4 20.88 2.03 -6.53
CA LEU A 4 21.24 3.04 -5.54
C LEU A 4 20.39 2.90 -4.27
N ARG A 5 21.06 2.60 -3.19
CA ARG A 5 20.43 2.36 -1.93
C ARG A 5 20.03 3.68 -1.28
N THR A 6 20.97 4.58 -1.19
CA THR A 6 20.70 5.85 -0.58
C THR A 6 20.35 6.89 -1.65
N ALA A 7 19.07 7.05 -1.88
CA ALA A 7 18.57 7.99 -2.86
C ALA A 7 17.25 8.57 -2.42
N GLY A 8 16.28 7.70 -2.23
CA GLY A 8 14.95 8.13 -1.89
C GLY A 8 14.01 7.72 -2.99
N ARG A 9 13.09 6.87 -2.68
CA ARG A 9 12.22 6.31 -3.68
C ARG A 9 10.80 6.28 -3.18
N ASP A 10 9.86 6.12 -4.09
CA ASP A 10 8.47 5.95 -3.75
C ASP A 10 8.29 4.55 -3.23
N GLY A 11 7.25 4.37 -2.49
CA GLY A 11 6.99 3.10 -1.90
C GLY A 11 6.89 3.25 -0.43
N LEU A 12 7.98 2.89 0.26
CA LEU A 12 8.04 2.86 1.73
C LEU A 12 7.63 4.21 2.31
N CYS A 13 8.24 5.25 1.77
CA CYS A 13 8.00 6.62 2.16
C CYS A 13 6.50 6.98 2.11
N ARG A 14 5.86 6.67 1.00
CA ARG A 14 4.45 6.99 0.80
C ARG A 14 3.58 6.13 1.69
N LEU A 15 3.96 4.90 1.84
CA LEU A 15 3.25 3.96 2.69
C LEU A 15 3.28 4.42 4.13
N SER A 16 4.45 4.84 4.58
CA SER A 16 4.66 5.33 5.94
C SER A 16 3.99 6.71 6.12
N THR A 17 3.35 7.19 5.09
CA THR A 17 2.60 8.39 5.16
C THR A 17 1.10 8.06 5.13
N TYR A 18 0.67 7.43 4.05
CA TYR A 18 -0.74 7.14 3.81
C TYR A 18 -1.32 6.09 4.72
N LEU A 19 -0.52 5.15 5.15
CA LEU A 19 -1.03 4.11 6.03
C LEU A 19 -1.17 4.62 7.46
N GLU A 20 -0.53 5.77 7.76
CA GLU A 20 -0.66 6.38 9.08
C GLU A 20 -1.86 7.32 9.09
N GLU A 21 -2.44 7.51 7.92
CA GLU A 21 -3.62 8.32 7.78
C GLU A 21 -4.83 7.45 8.08
N LEU A 22 -4.61 6.15 8.08
CA LEU A 22 -5.66 5.19 8.27
C LEU A 22 -5.93 4.92 9.72
N GLU A 23 -7.02 4.27 9.90
CA GLU A 23 -7.53 3.90 11.17
C GLU A 23 -7.26 2.42 11.36
N ALA A 24 -7.39 1.94 12.58
CA ALA A 24 -7.22 0.52 12.89
C ALA A 24 -8.19 -0.33 12.07
N VAL A 25 -9.43 0.15 11.95
CA VAL A 25 -10.44 -0.55 11.18
C VAL A 25 -10.06 -0.55 9.67
N GLU A 26 -9.49 0.54 9.22
CA GLU A 26 -9.07 0.69 7.83
C GLU A 26 -7.92 -0.24 7.55
N LEU A 27 -6.95 -0.26 8.46
CA LEU A 27 -5.79 -1.12 8.36
C LEU A 27 -6.23 -2.57 8.33
N LYS A 28 -7.16 -2.90 9.21
CA LYS A 28 -7.74 -4.24 9.29
C LYS A 28 -8.36 -4.64 7.95
N LYS A 29 -9.10 -3.75 7.37
CA LYS A 29 -9.80 -4.02 6.13
C LYS A 29 -8.85 -4.13 4.95
N PHE A 30 -7.83 -3.30 4.92
CA PHE A 30 -6.90 -3.31 3.81
C PHE A 30 -6.00 -4.56 3.85
N LYS A 31 -5.59 -4.96 5.06
CA LYS A 31 -4.70 -6.12 5.20
C LYS A 31 -5.45 -7.41 4.91
N LEU A 32 -6.74 -7.45 5.19
CA LEU A 32 -7.45 -8.65 4.91
C LEU A 32 -7.69 -8.75 3.43
N TYR A 33 -7.98 -7.61 2.81
CA TYR A 33 -8.28 -7.56 1.41
C TYR A 33 -7.13 -8.08 0.57
N LEU A 34 -5.97 -7.47 0.69
CA LEU A 34 -4.84 -7.87 -0.13
C LEU A 34 -4.08 -9.04 0.46
N GLY A 35 -4.22 -9.25 1.75
CA GLY A 35 -3.45 -10.26 2.37
C GLY A 35 -4.05 -11.65 2.29
N THR A 36 -5.37 -11.74 2.39
CA THR A 36 -6.03 -13.06 2.34
C THR A 36 -6.58 -13.33 0.93
N ALA A 37 -6.33 -12.37 0.05
CA ALA A 37 -6.86 -12.37 -1.30
C ALA A 37 -6.49 -13.60 -2.09
N THR A 38 -7.48 -14.44 -2.32
CA THR A 38 -7.30 -15.61 -3.12
C THR A 38 -7.50 -15.21 -4.60
N GLU A 39 -8.01 -14.00 -4.78
CA GLU A 39 -8.13 -13.35 -6.08
C GLU A 39 -6.75 -12.90 -6.53
N LEU A 40 -5.92 -12.60 -5.55
CA LEU A 40 -4.58 -12.12 -5.78
C LEU A 40 -3.67 -13.31 -5.99
N GLY A 41 -3.90 -14.34 -5.21
CA GLY A 41 -3.15 -15.54 -5.32
C GLY A 41 -3.53 -16.47 -4.21
N GLU A 42 -2.55 -16.89 -3.47
CA GLU A 42 -2.75 -17.71 -2.29
C GLU A 42 -3.22 -16.76 -1.22
N GLY A 43 -2.45 -15.74 -1.16
CA GLY A 43 -2.49 -14.68 -0.32
C GLY A 43 -1.12 -14.17 -0.52
N LYS A 44 -0.61 -13.48 0.38
CA LYS A 44 0.77 -13.01 0.32
C LYS A 44 1.34 -12.89 1.70
N ILE A 45 0.55 -12.36 2.58
CA ILE A 45 0.97 -12.05 3.93
C ILE A 45 1.04 -13.31 4.80
N PRO A 46 2.16 -13.51 5.51
CA PRO A 46 2.33 -14.65 6.40
C PRO A 46 1.40 -14.58 7.63
N TRP A 47 0.56 -15.62 7.73
CA TRP A 47 -0.43 -15.89 8.77
C TRP A 47 -0.89 -14.71 9.64
N GLY A 48 -0.07 -14.30 10.55
CA GLY A 48 -0.45 -13.30 11.50
C GLY A 48 0.57 -12.23 11.70
N SER A 49 1.46 -12.06 10.75
CA SER A 49 2.47 -11.03 10.85
C SER A 49 1.84 -9.64 10.77
N MET A 50 0.68 -9.55 10.14
CA MET A 50 -0.03 -8.30 10.01
C MET A 50 -0.92 -7.99 11.20
N GLU A 51 -0.82 -8.80 12.24
CA GLU A 51 -1.57 -8.57 13.47
C GLU A 51 -0.87 -7.55 14.34
N LYS A 52 0.43 -7.67 14.43
CA LYS A 52 1.23 -6.71 15.18
C LYS A 52 1.59 -5.51 14.31
N ALA A 53 1.28 -5.64 13.05
CA ALA A 53 1.68 -4.68 12.05
C ALA A 53 0.84 -3.43 12.08
N GLY A 54 1.51 -2.34 12.16
CA GLY A 54 0.90 -1.07 12.07
C GLY A 54 1.36 -0.45 10.80
N PRO A 55 1.15 0.85 10.61
CA PRO A 55 1.52 1.56 9.36
C PRO A 55 2.97 1.31 8.94
N LEU A 56 3.87 1.28 9.90
CA LEU A 56 5.28 1.06 9.66
C LEU A 56 5.54 -0.36 9.17
N GLU A 57 5.05 -1.33 9.90
CA GLU A 57 5.24 -2.72 9.56
C GLU A 57 4.56 -3.05 8.26
N MET A 58 3.37 -2.47 8.05
CA MET A 58 2.60 -2.67 6.82
C MET A 58 3.38 -2.18 5.61
N ALA A 59 4.02 -1.03 5.74
CA ALA A 59 4.82 -0.48 4.65
C ALA A 59 5.94 -1.43 4.29
N GLN A 60 6.58 -1.98 5.30
CA GLN A 60 7.67 -2.92 5.09
C GLN A 60 7.13 -4.26 4.59
N LEU A 61 5.98 -4.61 5.08
CA LEU A 61 5.27 -5.84 4.74
C LEU A 61 4.99 -5.85 3.24
N LEU A 62 4.30 -4.82 2.77
CA LEU A 62 3.97 -4.65 1.36
C LEU A 62 5.22 -4.63 0.51
N ILE A 63 6.22 -3.87 0.94
CA ILE A 63 7.44 -3.70 0.17
C ILE A 63 8.18 -5.07 -0.01
N THR A 64 8.04 -5.94 0.96
CA THR A 64 8.68 -7.23 0.93
C THR A 64 7.96 -8.18 -0.03
N HIS A 65 6.65 -8.23 0.04
CA HIS A 65 5.88 -9.17 -0.77
C HIS A 65 5.64 -8.67 -2.18
N PHE A 66 5.25 -7.44 -2.29
CA PHE A 66 4.91 -6.84 -3.56
C PHE A 66 6.13 -6.25 -4.27
N GLY A 67 6.74 -5.28 -3.67
CA GLY A 67 7.85 -4.61 -4.28
C GLY A 67 7.75 -3.15 -4.01
N PRO A 68 8.69 -2.32 -4.43
CA PRO A 68 8.66 -0.89 -4.13
C PRO A 68 7.46 -0.17 -4.77
N GLU A 69 7.33 -0.29 -6.08
CA GLU A 69 6.27 0.36 -6.80
C GLU A 69 4.95 -0.34 -6.51
N GLU A 70 5.05 -1.67 -6.43
CA GLU A 70 3.91 -2.54 -6.26
C GLU A 70 3.27 -2.37 -4.87
N ALA A 71 4.09 -2.15 -3.84
CA ALA A 71 3.59 -1.93 -2.47
C ALA A 71 2.74 -0.68 -2.44
N TRP A 72 3.23 0.37 -3.07
CA TRP A 72 2.53 1.62 -3.15
C TRP A 72 1.20 1.43 -3.83
N ARG A 73 1.26 0.76 -4.94
CA ARG A 73 0.11 0.49 -5.73
C ARG A 73 -0.91 -0.33 -4.94
N LEU A 74 -0.43 -1.39 -4.31
CA LEU A 74 -1.26 -2.28 -3.49
C LEU A 74 -1.96 -1.54 -2.36
N ALA A 75 -1.31 -0.56 -1.77
CA ALA A 75 -1.93 0.20 -0.72
C ALA A 75 -3.07 1.04 -1.26
N LEU A 76 -2.75 1.93 -2.22
CA LEU A 76 -3.73 2.87 -2.73
C LEU A 76 -4.90 2.17 -3.40
N SER A 77 -4.62 1.10 -4.12
CA SER A 77 -5.63 0.38 -4.86
C SER A 77 -6.56 -0.38 -3.93
N THR A 78 -6.11 -0.61 -2.71
CA THR A 78 -6.91 -1.27 -1.73
C THR A 78 -7.69 -0.24 -0.91
N PHE A 79 -7.19 1.01 -0.90
CA PHE A 79 -7.87 2.09 -0.21
C PHE A 79 -9.27 2.25 -0.78
N GLU A 80 -9.37 2.37 -2.10
CA GLU A 80 -10.66 2.54 -2.78
C GLU A 80 -11.61 1.34 -2.49
N ARG A 81 -11.01 0.16 -2.43
CA ARG A 81 -11.72 -1.09 -2.19
C ARG A 81 -12.36 -1.09 -0.83
N ILE A 82 -11.64 -0.59 0.14
CA ILE A 82 -12.12 -0.57 1.50
C ILE A 82 -12.90 0.72 1.82
N ASN A 83 -13.38 1.38 0.77
CA ASN A 83 -14.23 2.60 0.85
C ASN A 83 -13.44 3.79 1.39
N ARG A 84 -12.17 3.75 1.13
CA ARG A 84 -11.27 4.81 1.50
C ARG A 84 -10.78 5.46 0.20
N LYS A 85 -11.74 5.96 -0.55
CA LYS A 85 -11.50 6.50 -1.87
C LYS A 85 -10.88 7.87 -1.73
N ASP A 86 -11.11 8.49 -0.58
CA ASP A 86 -10.60 9.82 -0.29
C ASP A 86 -9.07 9.82 -0.32
N LEU A 87 -8.50 8.89 0.42
CA LEU A 87 -7.06 8.76 0.53
C LEU A 87 -6.50 8.17 -0.76
N TRP A 88 -7.33 7.43 -1.45
CA TRP A 88 -6.98 6.86 -2.73
C TRP A 88 -6.71 7.98 -3.76
N GLU A 89 -7.63 8.94 -3.82
CA GLU A 89 -7.52 10.12 -4.69
C GLU A 89 -6.28 10.93 -4.32
N ARG A 90 -5.96 10.93 -3.04
CA ARG A 90 -4.78 11.61 -2.53
C ARG A 90 -3.50 10.85 -2.90
N GLY A 91 -3.61 9.53 -2.94
CA GLY A 91 -2.50 8.65 -3.16
C GLY A 91 -1.99 8.64 -4.58
N GLN A 92 -2.86 8.30 -5.52
CA GLN A 92 -2.46 8.19 -6.91
C GLN A 92 -2.06 9.53 -7.49
N ARG A 93 -0.79 9.72 -7.56
CA ARG A 93 -0.24 10.98 -8.02
C ARG A 93 1.01 10.73 -8.88
N GLU A 94 1.55 9.55 -8.75
CA GLU A 94 2.77 9.12 -9.44
C GLU A 94 2.53 8.85 -10.92
N ASP A 95 1.27 8.90 -11.31
CA ASP A 95 0.88 8.75 -12.71
C ASP A 95 1.16 10.03 -13.44
N LEU A 96 1.09 11.06 -12.69
CA LEU A 96 1.23 12.39 -13.18
C LEU A 96 2.68 12.82 -13.07
N VAL A 97 3.23 13.10 -14.21
CA VAL A 97 4.61 13.49 -14.37
C VAL A 97 4.76 14.99 -14.08
N ARG A 98 5.95 15.40 -13.62
CA ARG A 98 6.25 16.80 -13.27
C ARG A 98 5.46 17.20 -12.02
N ASP A 99 5.52 16.33 -11.04
CA ASP A 99 4.90 16.52 -9.74
C ASP A 99 5.49 15.51 -8.81
N THR A 100 5.05 14.27 -8.97
CA THR A 100 5.59 13.14 -8.27
C THR A 100 5.29 13.23 -6.77
N VAL A 101 6.16 13.93 -6.05
CA VAL A 101 6.20 14.19 -4.60
C VAL A 101 7.55 14.84 -4.38
N GLU A 102 7.84 15.27 -3.18
CA GLU A 102 9.15 15.78 -2.88
C GLU A 102 9.97 14.69 -2.25
N GLY A 1 12.81 -5.13 -1.67
CA GLY A 1 11.97 -5.46 -2.83
C GLY A 1 12.57 -6.59 -3.59
N HIS A 2 11.91 -7.06 -4.63
CA HIS A 2 12.46 -8.17 -5.40
C HIS A 2 13.52 -7.66 -6.33
N MET A 3 13.10 -6.88 -7.29
CA MET A 3 13.96 -6.35 -8.29
C MET A 3 14.41 -4.98 -7.85
N LEU A 4 15.60 -4.90 -7.32
CA LEU A 4 16.12 -3.66 -6.79
C LEU A 4 16.95 -2.94 -7.84
N ARG A 5 16.43 -1.84 -8.31
CA ARG A 5 17.08 -1.01 -9.31
C ARG A 5 16.38 0.35 -9.26
N THR A 6 16.27 1.07 -10.38
CA THR A 6 15.47 2.30 -10.44
C THR A 6 14.06 2.02 -9.87
N ALA A 7 13.58 0.79 -10.13
CA ALA A 7 12.41 0.24 -9.51
C ALA A 7 12.69 0.06 -8.03
N GLY A 8 12.40 1.07 -7.31
CA GLY A 8 12.65 1.11 -5.92
C GLY A 8 12.61 2.52 -5.51
N ARG A 9 13.34 2.85 -4.46
CA ARG A 9 13.40 4.18 -3.90
C ARG A 9 12.08 4.65 -3.33
N ASP A 10 11.13 4.89 -4.19
CA ASP A 10 9.84 5.34 -3.77
C ASP A 10 8.96 4.10 -3.58
N GLY A 11 7.86 4.26 -2.91
CA GLY A 11 6.99 3.15 -2.61
C GLY A 11 7.13 2.71 -1.18
N LEU A 12 7.91 3.44 -0.40
CA LEU A 12 8.12 3.11 0.99
C LEU A 12 7.64 4.23 1.90
N CYS A 13 8.26 5.39 1.77
CA CYS A 13 7.91 6.55 2.56
C CYS A 13 6.50 7.05 2.22
N ARG A 14 6.19 7.02 0.93
CA ARG A 14 4.89 7.42 0.40
C ARG A 14 3.84 6.47 0.97
N LEU A 15 4.17 5.20 0.90
CA LEU A 15 3.32 4.12 1.37
C LEU A 15 3.01 4.29 2.85
N SER A 16 4.06 4.47 3.64
CA SER A 16 3.98 4.65 5.07
C SER A 16 3.05 5.82 5.42
N THR A 17 3.33 6.97 4.82
CA THR A 17 2.60 8.21 5.09
C THR A 17 1.08 8.06 4.89
N TYR A 18 0.68 7.37 3.83
CA TYR A 18 -0.74 7.17 3.53
C TYR A 18 -1.37 6.14 4.43
N LEU A 19 -0.64 5.10 4.77
CA LEU A 19 -1.17 4.05 5.63
C LEU A 19 -1.36 4.55 7.07
N GLU A 20 -0.64 5.62 7.42
CA GLU A 20 -0.78 6.23 8.73
C GLU A 20 -2.12 6.93 8.89
N GLU A 21 -2.76 7.24 7.77
CA GLU A 21 -4.05 7.89 7.80
C GLU A 21 -5.20 6.89 7.82
N LEU A 22 -4.87 5.61 7.93
CA LEU A 22 -5.88 4.58 8.08
C LEU A 22 -5.98 4.24 9.54
N GLU A 23 -7.18 4.17 10.07
CA GLU A 23 -7.32 3.79 11.46
C GLU A 23 -7.17 2.28 11.61
N ALA A 24 -7.21 1.77 12.84
CA ALA A 24 -7.00 0.35 13.12
C ALA A 24 -7.97 -0.55 12.36
N VAL A 25 -9.25 -0.14 12.31
CA VAL A 25 -10.24 -0.93 11.58
C VAL A 25 -9.98 -0.86 10.07
N GLU A 26 -9.41 0.23 9.62
CA GLU A 26 -9.14 0.40 8.20
C GLU A 26 -7.95 -0.44 7.79
N LEU A 27 -6.96 -0.50 8.67
CA LEU A 27 -5.80 -1.37 8.47
C LEU A 27 -6.27 -2.81 8.45
N LYS A 28 -7.24 -3.11 9.30
CA LYS A 28 -7.87 -4.41 9.40
C LYS A 28 -8.54 -4.79 8.07
N LYS A 29 -9.22 -3.82 7.47
CA LYS A 29 -9.86 -4.00 6.16
C LYS A 29 -8.79 -4.26 5.11
N PHE A 30 -7.83 -3.37 5.11
CA PHE A 30 -6.69 -3.39 4.22
C PHE A 30 -5.95 -4.74 4.22
N LYS A 31 -5.61 -5.23 5.40
CA LYS A 31 -4.88 -6.48 5.51
C LYS A 31 -5.71 -7.71 5.14
N LEU A 32 -7.00 -7.68 5.35
CA LEU A 32 -7.80 -8.83 4.98
C LEU A 32 -8.07 -8.81 3.50
N TYR A 33 -8.11 -7.61 2.94
CA TYR A 33 -8.35 -7.49 1.54
C TYR A 33 -7.20 -8.05 0.75
N LEU A 34 -6.00 -7.63 1.05
CA LEU A 34 -4.83 -8.07 0.29
C LEU A 34 -4.10 -9.26 0.88
N GLY A 35 -4.14 -9.42 2.19
CA GLY A 35 -3.35 -10.45 2.83
C GLY A 35 -3.81 -11.85 2.52
N THR A 36 -5.09 -12.05 2.47
CA THR A 36 -5.64 -13.36 2.18
C THR A 36 -6.36 -13.32 0.82
N ALA A 37 -6.00 -12.33 0.01
CA ALA A 37 -6.60 -12.15 -1.30
C ALA A 37 -6.22 -13.23 -2.26
N THR A 38 -7.21 -13.85 -2.82
CA THR A 38 -7.02 -14.80 -3.87
C THR A 38 -6.84 -14.03 -5.19
N GLU A 39 -7.26 -12.77 -5.15
CA GLU A 39 -7.16 -11.82 -6.27
C GLU A 39 -5.69 -11.58 -6.65
N LEU A 40 -4.82 -11.70 -5.67
CA LEU A 40 -3.38 -11.48 -5.85
C LEU A 40 -2.70 -12.79 -6.18
N GLY A 41 -3.41 -13.85 -5.95
CA GLY A 41 -2.89 -15.15 -6.17
C GLY A 41 -3.10 -15.98 -4.95
N GLU A 42 -2.05 -16.16 -4.21
CA GLU A 42 -2.09 -17.00 -3.01
C GLU A 42 -2.21 -16.16 -1.75
N GLY A 43 -2.01 -14.87 -1.88
CA GLY A 43 -1.91 -14.03 -0.71
C GLY A 43 -0.48 -14.07 -0.24
N LYS A 44 0.23 -12.98 -0.43
CA LYS A 44 1.67 -12.95 -0.20
C LYS A 44 2.02 -12.52 1.22
N ILE A 45 1.03 -12.39 2.04
CA ILE A 45 1.26 -11.98 3.40
C ILE A 45 1.37 -13.21 4.28
N PRO A 46 2.42 -13.31 5.08
CA PRO A 46 2.61 -14.41 6.00
C PRO A 46 1.59 -14.38 7.15
N TRP A 47 0.88 -15.50 7.25
CA TRP A 47 -0.12 -15.89 8.26
C TRP A 47 -0.73 -14.75 9.06
N GLY A 48 -0.01 -14.29 10.03
CA GLY A 48 -0.51 -13.29 10.93
C GLY A 48 0.52 -12.27 11.28
N SER A 49 1.38 -11.97 10.32
CA SER A 49 2.41 -10.97 10.50
C SER A 49 1.78 -9.59 10.56
N MET A 50 0.68 -9.45 9.84
CA MET A 50 -0.05 -8.19 9.76
C MET A 50 -0.96 -7.97 10.95
N GLU A 51 -0.95 -8.89 11.89
CA GLU A 51 -1.72 -8.77 13.09
C GLU A 51 -1.04 -7.83 14.08
N LYS A 52 0.26 -7.96 14.17
CA LYS A 52 1.06 -7.11 15.05
C LYS A 52 1.70 -5.98 14.25
N ALA A 53 1.11 -5.66 13.13
CA ALA A 53 1.66 -4.68 12.23
C ALA A 53 0.80 -3.42 12.19
N GLY A 54 1.46 -2.28 12.16
CA GLY A 54 0.80 -1.02 12.04
C GLY A 54 1.20 -0.39 10.72
N PRO A 55 0.92 0.91 10.52
CA PRO A 55 1.18 1.62 9.25
C PRO A 55 2.60 1.44 8.71
N LEU A 56 3.58 1.55 9.58
CA LEU A 56 4.98 1.45 9.18
C LEU A 56 5.34 0.01 8.91
N GLU A 57 4.89 -0.88 9.77
CA GLU A 57 5.17 -2.31 9.63
C GLU A 57 4.52 -2.82 8.34
N MET A 58 3.33 -2.32 8.05
CA MET A 58 2.60 -2.67 6.83
C MET A 58 3.36 -2.21 5.62
N ALA A 59 3.82 -0.98 5.63
CA ALA A 59 4.57 -0.45 4.50
C ALA A 59 5.78 -1.32 4.17
N GLN A 60 6.47 -1.74 5.21
CA GLN A 60 7.66 -2.55 5.07
C GLN A 60 7.30 -4.02 4.80
N LEU A 61 6.04 -4.33 4.95
CA LEU A 61 5.51 -5.65 4.71
C LEU A 61 5.24 -5.77 3.22
N LEU A 62 4.35 -4.90 2.72
CA LEU A 62 3.96 -4.89 1.31
C LEU A 62 5.17 -4.68 0.39
N ILE A 63 6.07 -3.80 0.81
CA ILE A 63 7.26 -3.45 0.01
C ILE A 63 8.18 -4.68 -0.18
N THR A 64 8.18 -5.56 0.77
CA THR A 64 9.05 -6.69 0.73
C THR A 64 8.41 -7.89 0.01
N HIS A 65 7.14 -8.11 0.27
CA HIS A 65 6.46 -9.27 -0.31
C HIS A 65 6.04 -9.01 -1.73
N PHE A 66 5.54 -7.83 -2.00
CA PHE A 66 5.15 -7.42 -3.32
C PHE A 66 6.28 -6.74 -4.07
N GLY A 67 6.74 -5.65 -3.54
CA GLY A 67 7.77 -4.89 -4.18
C GLY A 67 7.53 -3.42 -3.99
N PRO A 68 8.46 -2.55 -4.35
CA PRO A 68 8.30 -1.09 -4.13
C PRO A 68 7.14 -0.48 -4.91
N GLU A 69 7.01 -0.89 -6.14
CA GLU A 69 6.02 -0.34 -7.03
C GLU A 69 4.68 -1.06 -6.81
N GLU A 70 4.80 -2.30 -6.43
CA GLU A 70 3.68 -3.16 -6.22
C GLU A 70 2.98 -2.80 -4.91
N ALA A 71 3.77 -2.62 -3.84
CA ALA A 71 3.29 -2.23 -2.51
C ALA A 71 2.43 -0.99 -2.57
N TRP A 72 2.91 0.02 -3.29
CA TRP A 72 2.19 1.25 -3.43
C TRP A 72 0.85 1.03 -4.13
N ARG A 73 0.86 0.23 -5.18
CA ARG A 73 -0.36 -0.05 -5.89
C ARG A 73 -1.32 -0.81 -4.98
N LEU A 74 -0.78 -1.78 -4.26
CA LEU A 74 -1.55 -2.57 -3.29
C LEU A 74 -2.27 -1.68 -2.30
N ALA A 75 -1.58 -0.69 -1.77
CA ALA A 75 -2.19 0.19 -0.81
C ALA A 75 -3.26 1.07 -1.42
N LEU A 76 -2.90 1.81 -2.47
CA LEU A 76 -3.85 2.77 -3.05
C LEU A 76 -5.08 2.06 -3.61
N SER A 77 -4.86 0.95 -4.26
CA SER A 77 -5.91 0.19 -4.85
C SER A 77 -6.73 -0.60 -3.81
N THR A 78 -6.26 -0.64 -2.59
CA THR A 78 -7.04 -1.22 -1.54
C THR A 78 -7.85 -0.11 -0.86
N PHE A 79 -7.29 1.13 -0.84
CA PHE A 79 -7.94 2.29 -0.25
C PHE A 79 -9.35 2.46 -0.83
N GLU A 80 -9.41 2.53 -2.16
CA GLU A 80 -10.66 2.69 -2.91
C GLU A 80 -11.71 1.61 -2.57
N ARG A 81 -11.25 0.44 -2.22
CA ARG A 81 -12.12 -0.71 -2.00
C ARG A 81 -12.48 -0.88 -0.53
N ILE A 82 -11.75 -0.20 0.34
CA ILE A 82 -12.07 -0.20 1.76
C ILE A 82 -12.82 1.09 2.10
N ASN A 83 -13.33 1.75 1.03
CA ASN A 83 -14.15 2.98 1.10
C ASN A 83 -13.30 4.20 1.48
N ARG A 84 -12.04 4.06 1.34
CA ARG A 84 -11.14 5.11 1.61
C ARG A 84 -10.65 5.72 0.29
N LYS A 85 -11.53 6.42 -0.35
CA LYS A 85 -11.26 7.01 -1.63
C LYS A 85 -10.54 8.35 -1.45
N ASP A 86 -10.63 8.86 -0.25
CA ASP A 86 -10.01 10.13 0.16
C ASP A 86 -8.51 10.10 -0.11
N LEU A 87 -7.87 9.05 0.38
CA LEU A 87 -6.42 8.89 0.23
C LEU A 87 -6.09 8.41 -1.17
N TRP A 88 -7.02 7.68 -1.72
CA TRP A 88 -6.89 7.07 -3.01
C TRP A 88 -6.67 8.10 -4.11
N GLU A 89 -7.49 9.13 -4.11
CA GLU A 89 -7.39 10.20 -5.11
C GLU A 89 -6.09 10.96 -4.98
N ARG A 90 -5.60 11.08 -3.75
CA ARG A 90 -4.34 11.77 -3.49
C ARG A 90 -3.21 10.91 -4.02
N GLY A 91 -3.40 9.61 -3.89
CA GLY A 91 -2.43 8.63 -4.31
C GLY A 91 -2.18 8.66 -5.80
N GLN A 92 -3.23 8.85 -6.56
CA GLN A 92 -3.11 8.84 -7.99
C GLN A 92 -2.68 10.21 -8.51
N ARG A 93 -2.09 10.22 -9.68
CA ARG A 93 -1.60 11.45 -10.28
C ARG A 93 -2.62 11.97 -11.26
N GLU A 94 -2.68 13.26 -11.39
CA GLU A 94 -3.51 13.90 -12.40
C GLU A 94 -2.68 14.90 -13.19
N ASP A 95 -1.39 14.74 -13.15
CA ASP A 95 -0.51 15.61 -13.88
C ASP A 95 -0.32 15.07 -15.29
N LEU A 96 -0.49 15.95 -16.25
CA LEU A 96 -0.38 15.60 -17.65
C LEU A 96 1.07 15.40 -17.98
N VAL A 97 1.85 16.41 -17.75
CA VAL A 97 3.25 16.35 -18.01
C VAL A 97 3.94 16.04 -16.69
N ARG A 98 4.11 17.06 -15.88
CA ARG A 98 4.60 17.00 -14.50
C ARG A 98 4.04 18.22 -13.83
N ASP A 99 4.38 19.36 -14.41
CA ASP A 99 3.83 20.64 -14.04
C ASP A 99 2.75 20.90 -15.05
N THR A 100 1.56 21.15 -14.60
CA THR A 100 0.46 21.31 -15.48
C THR A 100 -0.40 22.45 -14.98
N VAL A 101 -1.12 23.07 -15.85
CA VAL A 101 -1.92 24.22 -15.52
C VAL A 101 -3.33 23.81 -15.12
N GLU A 102 -3.93 24.58 -14.28
CA GLU A 102 -5.24 24.34 -13.78
C GLU A 102 -5.93 25.66 -13.64
N GLY A 1 2.63 7.14 13.30
CA GLY A 1 4.01 6.86 13.68
C GLY A 1 4.91 7.91 13.14
N HIS A 2 6.20 7.64 13.09
CA HIS A 2 7.14 8.63 12.60
C HIS A 2 7.06 8.75 11.09
N MET A 3 7.07 9.97 10.63
CA MET A 3 7.06 10.27 9.21
C MET A 3 8.42 10.00 8.61
N LEU A 4 8.44 9.19 7.58
CA LEU A 4 9.68 8.89 6.89
C LEU A 4 10.04 10.09 6.04
N ARG A 5 11.23 10.57 6.21
CA ARG A 5 11.69 11.72 5.47
C ARG A 5 12.81 11.32 4.54
N THR A 6 13.90 10.90 5.10
CA THR A 6 14.98 10.39 4.30
C THR A 6 15.38 9.04 4.84
N ALA A 7 14.61 8.05 4.43
CA ALA A 7 14.79 6.67 4.80
C ALA A 7 13.78 5.89 4.02
N GLY A 8 14.07 4.64 3.78
CA GLY A 8 13.16 3.80 3.08
C GLY A 8 13.53 3.68 1.62
N ARG A 9 12.57 3.93 0.78
CA ARG A 9 12.69 3.81 -0.65
C ARG A 9 11.43 4.44 -1.21
N ASP A 10 11.53 5.20 -2.28
CA ASP A 10 10.35 5.85 -2.86
C ASP A 10 9.33 4.80 -3.29
N GLY A 11 8.14 4.95 -2.77
CA GLY A 11 7.10 4.00 -2.94
C GLY A 11 6.62 3.57 -1.58
N LEU A 12 7.58 3.31 -0.71
CA LEU A 12 7.34 2.85 0.65
C LEU A 12 7.01 4.05 1.53
N CYS A 13 7.74 5.10 1.30
CA CYS A 13 7.65 6.32 2.08
C CYS A 13 6.27 7.00 1.92
N ARG A 14 5.69 6.93 0.74
CA ARG A 14 4.37 7.53 0.51
C ARG A 14 3.26 6.53 0.91
N LEU A 15 3.65 5.27 1.03
CA LEU A 15 2.75 4.17 1.36
C LEU A 15 2.38 4.30 2.85
N SER A 16 3.42 4.43 3.67
CA SER A 16 3.28 4.52 5.11
C SER A 16 2.40 5.72 5.51
N THR A 17 2.66 6.86 4.86
CA THR A 17 1.95 8.11 5.11
C THR A 17 0.42 7.98 4.97
N TYR A 18 -0.03 7.18 4.03
CA TYR A 18 -1.45 7.03 3.84
C TYR A 18 -2.06 5.98 4.77
N LEU A 19 -1.26 5.02 5.16
CA LEU A 19 -1.70 4.01 6.11
C LEU A 19 -1.88 4.64 7.50
N GLU A 20 -1.12 5.72 7.73
CA GLU A 20 -1.16 6.49 8.97
C GLU A 20 -2.56 7.03 9.30
N GLU A 21 -3.34 7.30 8.27
CA GLU A 21 -4.66 7.89 8.45
C GLU A 21 -5.73 6.81 8.49
N LEU A 22 -5.34 5.60 8.82
CA LEU A 22 -6.27 4.50 8.94
C LEU A 22 -6.25 4.03 10.38
N GLU A 23 -7.38 3.57 10.85
CA GLU A 23 -7.46 3.04 12.19
C GLU A 23 -7.37 1.53 12.14
N ALA A 24 -7.37 0.87 13.29
CA ALA A 24 -7.23 -0.59 13.37
C ALA A 24 -8.22 -1.34 12.48
N VAL A 25 -9.50 -0.96 12.53
CA VAL A 25 -10.50 -1.64 11.68
C VAL A 25 -10.25 -1.37 10.19
N GLU A 26 -9.83 -0.16 9.86
CA GLU A 26 -9.60 0.21 8.48
C GLU A 26 -8.38 -0.53 7.94
N LEU A 27 -7.37 -0.64 8.78
CA LEU A 27 -6.16 -1.40 8.46
C LEU A 27 -6.51 -2.88 8.30
N LYS A 28 -7.36 -3.38 9.19
CA LYS A 28 -7.78 -4.76 9.17
C LYS A 28 -8.47 -5.10 7.85
N LYS A 29 -9.30 -4.17 7.37
CA LYS A 29 -10.02 -4.36 6.13
C LYS A 29 -9.07 -4.38 4.94
N PHE A 30 -8.11 -3.49 4.95
CA PHE A 30 -7.14 -3.41 3.86
C PHE A 30 -6.25 -4.66 3.82
N LYS A 31 -5.84 -5.14 4.97
CA LYS A 31 -4.95 -6.29 5.03
C LYS A 31 -5.68 -7.59 4.82
N LEU A 32 -6.98 -7.60 5.00
CA LEU A 32 -7.71 -8.79 4.70
C LEU A 32 -7.93 -8.86 3.21
N TYR A 33 -8.20 -7.70 2.62
CA TYR A 33 -8.48 -7.61 1.22
C TYR A 33 -7.30 -8.06 0.38
N LEU A 34 -6.12 -7.58 0.69
CA LEU A 34 -4.96 -7.97 -0.11
C LEU A 34 -4.13 -9.07 0.50
N GLY A 35 -4.47 -9.48 1.71
CA GLY A 35 -3.67 -10.49 2.35
C GLY A 35 -4.21 -11.88 2.11
N THR A 36 -5.51 -12.06 2.29
CA THR A 36 -6.15 -13.38 2.09
C THR A 36 -6.90 -13.36 0.73
N ALA A 37 -6.44 -12.49 -0.13
CA ALA A 37 -7.00 -12.27 -1.45
C ALA A 37 -6.85 -13.46 -2.36
N THR A 38 -7.95 -13.92 -2.89
CA THR A 38 -7.95 -14.96 -3.87
C THR A 38 -7.51 -14.36 -5.22
N GLU A 39 -7.78 -13.07 -5.37
CA GLU A 39 -7.41 -12.34 -6.59
C GLU A 39 -5.89 -12.22 -6.74
N LEU A 40 -5.17 -12.47 -5.66
CA LEU A 40 -3.71 -12.45 -5.70
C LEU A 40 -3.16 -13.85 -5.86
N GLY A 41 -4.06 -14.80 -5.95
CA GLY A 41 -3.69 -16.18 -6.05
C GLY A 41 -3.28 -16.72 -4.70
N GLU A 42 -2.05 -16.44 -4.33
CA GLU A 42 -1.50 -16.89 -3.07
C GLU A 42 -2.03 -16.03 -1.95
N GLY A 43 -1.96 -14.74 -2.14
CA GLY A 43 -2.17 -13.83 -1.06
C GLY A 43 -0.85 -13.72 -0.34
N LYS A 44 -0.04 -12.77 -0.77
CA LYS A 44 1.36 -12.67 -0.36
C LYS A 44 1.55 -12.54 1.14
N ILE A 45 0.65 -11.84 1.79
CA ILE A 45 0.81 -11.58 3.20
C ILE A 45 0.31 -12.76 4.01
N PRO A 46 1.16 -13.33 4.86
CA PRO A 46 0.74 -14.37 5.77
C PRO A 46 -0.28 -13.82 6.77
N TRP A 47 -1.27 -14.62 6.99
CA TRP A 47 -2.49 -14.39 7.77
C TRP A 47 -2.34 -13.49 9.01
N GLY A 48 -1.30 -13.68 9.79
CA GLY A 48 -1.17 -12.93 11.00
C GLY A 48 0.13 -12.18 11.10
N SER A 49 0.69 -11.80 9.98
CA SER A 49 1.94 -11.09 9.99
C SER A 49 1.73 -9.57 10.10
N MET A 50 0.55 -9.09 9.75
CA MET A 50 0.30 -7.66 9.85
C MET A 50 -0.72 -7.34 10.94
N GLU A 51 -0.78 -8.17 11.96
CA GLU A 51 -1.66 -7.95 13.09
C GLU A 51 -1.08 -6.85 13.99
N LYS A 52 0.14 -7.08 14.43
CA LYS A 52 0.84 -6.18 15.34
C LYS A 52 1.56 -5.08 14.60
N ALA A 53 1.68 -5.26 13.32
CA ALA A 53 2.37 -4.31 12.47
C ALA A 53 1.48 -3.11 12.26
N GLY A 54 2.00 -1.94 12.49
CA GLY A 54 1.25 -0.75 12.27
C GLY A 54 1.49 -0.22 10.88
N PRO A 55 0.99 0.96 10.57
CA PRO A 55 1.10 1.59 9.24
C PRO A 55 2.55 1.60 8.72
N LEU A 56 3.47 1.97 9.60
CA LEU A 56 4.88 2.10 9.23
C LEU A 56 5.50 0.75 8.94
N GLU A 57 4.96 -0.28 9.54
CA GLU A 57 5.50 -1.62 9.43
C GLU A 57 4.83 -2.35 8.27
N MET A 58 3.55 -2.09 8.09
CA MET A 58 2.78 -2.68 6.99
C MET A 58 3.39 -2.33 5.66
N ALA A 59 3.73 -1.05 5.48
CA ALA A 59 4.34 -0.57 4.23
C ALA A 59 5.60 -1.37 3.90
N GLN A 60 6.32 -1.77 4.93
CA GLN A 60 7.54 -2.53 4.78
C GLN A 60 7.18 -3.95 4.39
N LEU A 61 6.13 -4.46 4.96
CA LEU A 61 5.66 -5.79 4.67
C LEU A 61 5.12 -5.93 3.25
N LEU A 62 4.37 -4.93 2.75
CA LEU A 62 3.98 -4.98 1.36
C LEU A 62 5.23 -4.96 0.46
N ILE A 63 6.22 -4.14 0.83
CA ILE A 63 7.45 -4.00 0.02
C ILE A 63 8.29 -5.31 0.08
N THR A 64 8.13 -6.07 1.15
CA THR A 64 8.88 -7.30 1.33
C THR A 64 8.30 -8.45 0.46
N HIS A 65 7.07 -8.31 0.04
CA HIS A 65 6.45 -9.35 -0.74
C HIS A 65 6.14 -8.93 -2.17
N PHE A 66 5.41 -7.85 -2.31
CA PHE A 66 4.96 -7.38 -3.61
C PHE A 66 6.07 -6.75 -4.43
N GLY A 67 6.78 -5.85 -3.83
CA GLY A 67 7.81 -5.15 -4.54
C GLY A 67 7.70 -3.67 -4.28
N PRO A 68 8.65 -2.86 -4.76
CA PRO A 68 8.64 -1.41 -4.49
C PRO A 68 7.41 -0.68 -5.04
N GLU A 69 7.17 -0.80 -6.33
CA GLU A 69 6.02 -0.15 -6.94
C GLU A 69 4.75 -0.90 -6.62
N GLU A 70 4.86 -2.21 -6.65
CA GLU A 70 3.74 -3.10 -6.44
C GLU A 70 3.12 -2.88 -5.05
N ALA A 71 3.96 -2.70 -4.03
CA ALA A 71 3.51 -2.48 -2.66
C ALA A 71 2.67 -1.22 -2.58
N TRP A 72 3.18 -0.17 -3.17
CA TRP A 72 2.52 1.10 -3.22
C TRP A 72 1.17 0.96 -3.93
N ARG A 73 1.20 0.31 -5.06
CA ARG A 73 0.01 0.07 -5.86
C ARG A 73 -1.05 -0.70 -5.04
N LEU A 74 -0.59 -1.76 -4.37
CA LEU A 74 -1.43 -2.59 -3.53
C LEU A 74 -2.10 -1.79 -2.42
N ALA A 75 -1.33 -0.96 -1.74
CA ALA A 75 -1.87 -0.16 -0.65
C ALA A 75 -2.91 0.80 -1.16
N LEU A 76 -2.54 1.60 -2.15
CA LEU A 76 -3.43 2.64 -2.65
C LEU A 76 -4.70 2.07 -3.23
N SER A 77 -4.58 0.98 -3.98
CA SER A 77 -5.72 0.43 -4.65
C SER A 77 -6.63 -0.30 -3.68
N THR A 78 -6.14 -0.58 -2.49
CA THR A 78 -6.97 -1.19 -1.50
C THR A 78 -7.70 -0.11 -0.69
N PHE A 79 -7.15 1.10 -0.68
CA PHE A 79 -7.76 2.23 0.02
C PHE A 79 -9.13 2.53 -0.58
N GLU A 80 -9.23 2.47 -1.89
CA GLU A 80 -10.49 2.72 -2.58
C GLU A 80 -11.50 1.57 -2.30
N ARG A 81 -10.96 0.35 -2.10
CA ARG A 81 -11.76 -0.85 -1.91
C ARG A 81 -12.42 -0.85 -0.55
N ILE A 82 -11.75 -0.26 0.43
CA ILE A 82 -12.25 -0.20 1.80
C ILE A 82 -12.92 1.14 2.05
N ASN A 83 -13.10 1.86 0.96
CA ASN A 83 -13.70 3.19 0.93
C ASN A 83 -12.91 4.19 1.75
N ARG A 84 -11.81 4.57 1.19
CA ARG A 84 -10.94 5.57 1.71
C ARG A 84 -10.37 6.26 0.49
N LYS A 85 -11.30 6.73 -0.31
CA LYS A 85 -11.06 7.23 -1.64
C LYS A 85 -10.34 8.57 -1.58
N ASP A 86 -10.36 9.17 -0.39
CA ASP A 86 -9.68 10.44 -0.13
C ASP A 86 -8.22 10.26 -0.43
N LEU A 87 -7.66 9.28 0.25
CA LEU A 87 -6.24 9.00 0.20
C LEU A 87 -5.88 8.25 -1.04
N TRP A 88 -6.83 7.51 -1.57
CA TRP A 88 -6.62 6.81 -2.80
C TRP A 88 -6.30 7.79 -3.92
N GLU A 89 -7.12 8.83 -4.05
CA GLU A 89 -6.91 9.84 -5.09
C GLU A 89 -5.67 10.68 -4.83
N ARG A 90 -5.26 10.71 -3.58
CA ARG A 90 -4.04 11.41 -3.20
C ARG A 90 -2.81 10.58 -3.59
N GLY A 91 -3.04 9.36 -3.97
CA GLY A 91 -2.00 8.49 -4.40
C GLY A 91 -2.11 8.18 -5.87
N GLN A 92 -3.01 7.23 -6.19
CA GLN A 92 -3.25 6.69 -7.55
C GLN A 92 -1.96 6.27 -8.24
N ARG A 93 -1.29 7.19 -8.86
CA ARG A 93 0.02 7.02 -9.43
C ARG A 93 0.49 8.37 -9.90
N GLU A 94 -0.07 9.39 -9.30
CA GLU A 94 0.13 10.72 -9.77
C GLU A 94 1.27 11.43 -9.10
N ASP A 95 1.96 12.17 -9.90
CA ASP A 95 3.08 12.97 -9.48
C ASP A 95 2.76 14.39 -9.88
N LEU A 96 3.74 15.24 -9.86
CA LEU A 96 3.54 16.61 -10.26
C LEU A 96 3.87 16.74 -11.74
N VAL A 97 3.48 17.83 -12.32
CA VAL A 97 3.75 18.10 -13.70
C VAL A 97 5.01 18.93 -13.78
N ARG A 98 4.98 20.08 -13.16
CA ARG A 98 6.09 21.01 -13.14
C ARG A 98 5.88 22.01 -12.03
N ASP A 99 6.89 22.18 -11.22
CA ASP A 99 6.85 23.13 -10.12
C ASP A 99 8.26 23.53 -9.87
N THR A 100 8.47 24.72 -9.40
CA THR A 100 9.79 25.19 -9.06
C THR A 100 9.66 26.21 -7.91
N VAL A 101 8.58 26.10 -7.15
CA VAL A 101 8.39 27.01 -6.04
C VAL A 101 8.60 26.29 -4.73
N GLU A 102 8.24 25.04 -4.67
CA GLU A 102 8.44 24.26 -3.47
C GLU A 102 9.77 23.57 -3.57
N GLY A 1 22.90 -6.16 -13.40
CA GLY A 1 22.31 -6.62 -14.65
C GLY A 1 21.38 -5.60 -15.21
N HIS A 2 20.63 -5.96 -16.21
CA HIS A 2 19.67 -5.05 -16.78
C HIS A 2 18.49 -4.93 -15.84
N MET A 3 18.18 -3.71 -15.47
CA MET A 3 17.09 -3.45 -14.59
C MET A 3 15.80 -3.28 -15.35
N LEU A 4 14.91 -4.23 -15.19
CA LEU A 4 13.59 -4.13 -15.82
C LEU A 4 12.61 -3.53 -14.85
N ARG A 5 13.10 -3.20 -13.69
CA ARG A 5 12.31 -2.63 -12.65
C ARG A 5 13.12 -1.52 -11.99
N THR A 6 12.49 -0.38 -11.78
CA THR A 6 13.14 0.69 -11.09
C THR A 6 13.16 0.38 -9.59
N ALA A 7 14.01 1.06 -8.86
CA ALA A 7 14.08 0.87 -7.43
C ALA A 7 12.88 1.53 -6.77
N GLY A 8 12.36 2.56 -7.44
CA GLY A 8 11.18 3.26 -6.98
C GLY A 8 11.43 4.11 -5.75
N ARG A 9 11.52 3.43 -4.60
CA ARG A 9 11.76 4.00 -3.26
C ARG A 9 10.53 4.77 -2.74
N ASP A 10 9.93 5.53 -3.63
CA ASP A 10 8.75 6.36 -3.37
C ASP A 10 7.63 5.50 -2.82
N GLY A 11 7.47 4.32 -3.40
CA GLY A 11 6.46 3.38 -2.98
C GLY A 11 6.61 2.85 -1.55
N LEU A 12 7.70 3.19 -0.89
CA LEU A 12 7.91 2.79 0.50
C LEU A 12 7.64 3.98 1.42
N CYS A 13 8.25 5.10 1.12
CA CYS A 13 8.13 6.29 1.95
C CYS A 13 6.72 6.90 1.86
N ARG A 14 6.17 6.93 0.65
CA ARG A 14 4.84 7.47 0.45
C ARG A 14 3.81 6.53 1.09
N LEU A 15 4.15 5.25 1.07
CA LEU A 15 3.32 4.19 1.57
C LEU A 15 3.01 4.38 3.05
N SER A 16 4.06 4.52 3.85
CA SER A 16 3.89 4.70 5.29
C SER A 16 3.11 6.00 5.57
N THR A 17 3.41 7.03 4.78
CA THR A 17 2.76 8.33 4.89
C THR A 17 1.22 8.21 4.73
N TYR A 18 0.78 7.39 3.79
CA TYR A 18 -0.64 7.21 3.53
C TYR A 18 -1.28 6.22 4.48
N LEU A 19 -0.54 5.21 4.89
CA LEU A 19 -1.06 4.24 5.82
C LEU A 19 -1.28 4.86 7.21
N GLU A 20 -0.61 5.99 7.47
CA GLU A 20 -0.83 6.81 8.67
C GLU A 20 -2.22 7.44 8.65
N GLU A 21 -2.83 7.50 7.49
CA GLU A 21 -4.15 8.08 7.34
C GLU A 21 -5.22 7.00 7.43
N LEU A 22 -4.82 5.82 7.88
CA LEU A 22 -5.73 4.76 8.09
C LEU A 22 -5.85 4.45 9.57
N GLU A 23 -7.07 4.38 10.04
CA GLU A 23 -7.36 4.01 11.42
C GLU A 23 -7.12 2.53 11.60
N ALA A 24 -7.22 2.04 12.83
CA ALA A 24 -7.05 0.62 13.12
C ALA A 24 -8.05 -0.22 12.32
N VAL A 25 -9.28 0.28 12.23
CA VAL A 25 -10.33 -0.36 11.45
C VAL A 25 -9.99 -0.37 9.96
N GLU A 26 -9.38 0.71 9.49
CA GLU A 26 -9.05 0.85 8.10
C GLU A 26 -7.91 -0.09 7.75
N LEU A 27 -6.91 -0.14 8.63
CA LEU A 27 -5.78 -1.05 8.49
C LEU A 27 -6.25 -2.49 8.53
N LYS A 28 -7.24 -2.75 9.37
CA LYS A 28 -7.86 -4.06 9.53
C LYS A 28 -8.47 -4.51 8.21
N LYS A 29 -9.15 -3.60 7.54
CA LYS A 29 -9.78 -3.86 6.26
C LYS A 29 -8.72 -4.06 5.20
N PHE A 30 -7.77 -3.17 5.22
CA PHE A 30 -6.65 -3.15 4.33
C PHE A 30 -5.88 -4.49 4.34
N LYS A 31 -5.57 -5.00 5.51
CA LYS A 31 -4.82 -6.25 5.62
C LYS A 31 -5.66 -7.47 5.29
N LEU A 32 -6.97 -7.39 5.47
CA LEU A 32 -7.79 -8.52 5.11
C LEU A 32 -8.00 -8.53 3.61
N TYR A 33 -8.08 -7.33 3.04
CA TYR A 33 -8.28 -7.19 1.63
C TYR A 33 -7.13 -7.78 0.86
N LEU A 34 -5.94 -7.26 1.04
CA LEU A 34 -4.80 -7.72 0.27
C LEU A 34 -4.15 -8.96 0.88
N GLY A 35 -4.37 -9.18 2.16
CA GLY A 35 -3.71 -10.27 2.80
C GLY A 35 -4.26 -11.62 2.41
N THR A 36 -5.55 -11.80 2.57
CA THR A 36 -6.17 -13.08 2.23
C THR A 36 -6.87 -12.97 0.86
N ALA A 37 -6.40 -12.03 0.06
CA ALA A 37 -6.91 -11.79 -1.28
C ALA A 37 -6.68 -12.97 -2.20
N THR A 38 -7.75 -13.56 -2.66
CA THR A 38 -7.70 -14.66 -3.57
C THR A 38 -7.31 -14.13 -4.96
N GLU A 39 -7.63 -12.86 -5.18
CA GLU A 39 -7.32 -12.14 -6.43
C GLU A 39 -5.80 -11.99 -6.63
N LEU A 40 -5.05 -12.19 -5.56
CA LEU A 40 -3.60 -12.11 -5.62
C LEU A 40 -3.00 -13.48 -5.86
N GLY A 41 -3.85 -14.42 -6.10
CA GLY A 41 -3.45 -15.76 -6.42
C GLY A 41 -3.22 -16.57 -5.17
N GLU A 42 -2.17 -16.22 -4.46
CA GLU A 42 -1.82 -16.91 -3.23
C GLU A 42 -2.31 -16.14 -2.04
N GLY A 43 -2.32 -14.83 -2.15
CA GLY A 43 -2.47 -14.02 -0.97
C GLY A 43 -1.10 -13.95 -0.33
N LYS A 44 -0.30 -13.00 -0.76
CA LYS A 44 1.13 -12.93 -0.43
C LYS A 44 1.43 -12.73 1.05
N ILE A 45 0.47 -12.34 1.82
CA ILE A 45 0.72 -12.07 3.22
C ILE A 45 0.75 -13.38 4.04
N PRO A 46 1.84 -13.59 4.82
CA PRO A 46 2.01 -14.78 5.65
C PRO A 46 1.03 -14.88 6.84
N TRP A 47 1.33 -15.76 7.75
CA TRP A 47 0.45 -16.14 8.84
C TRP A 47 0.35 -15.11 9.97
N GLY A 48 -0.30 -14.01 9.69
CA GLY A 48 -0.57 -13.01 10.71
C GLY A 48 0.58 -12.05 10.96
N SER A 49 1.35 -11.75 9.94
CA SER A 49 2.46 -10.83 10.11
C SER A 49 1.99 -9.37 10.19
N MET A 50 0.86 -9.06 9.56
CA MET A 50 0.38 -7.66 9.52
C MET A 50 -0.41 -7.32 10.77
N GLU A 51 -0.51 -8.27 11.67
CA GLU A 51 -1.25 -8.09 12.89
C GLU A 51 -0.47 -7.21 13.85
N LYS A 52 0.80 -7.51 13.97
CA LYS A 52 1.71 -6.81 14.85
C LYS A 52 2.15 -5.51 14.19
N ALA A 53 2.01 -5.47 12.90
CA ALA A 53 2.56 -4.40 12.10
C ALA A 53 1.65 -3.19 12.05
N GLY A 54 2.22 -2.04 12.26
CA GLY A 54 1.51 -0.81 12.14
C GLY A 54 1.73 -0.26 10.76
N PRO A 55 1.29 0.97 10.47
CA PRO A 55 1.42 1.60 9.13
C PRO A 55 2.84 1.49 8.56
N LEU A 56 3.82 1.79 9.39
CA LEU A 56 5.24 1.76 9.01
C LEU A 56 5.68 0.34 8.68
N GLU A 57 5.35 -0.57 9.56
CA GLU A 57 5.75 -1.94 9.38
C GLU A 57 4.97 -2.62 8.27
N MET A 58 3.73 -2.22 8.08
CA MET A 58 2.93 -2.72 6.96
C MET A 58 3.60 -2.33 5.67
N ALA A 59 4.06 -1.08 5.62
CA ALA A 59 4.76 -0.56 4.46
C ALA A 59 5.93 -1.47 4.09
N GLN A 60 6.63 -1.95 5.11
CA GLN A 60 7.78 -2.81 4.90
C GLN A 60 7.33 -4.20 4.47
N LEU A 61 6.18 -4.62 4.93
CA LEU A 61 5.65 -5.92 4.55
C LEU A 61 5.23 -5.93 3.09
N LEU A 62 4.42 -4.97 2.66
CA LEU A 62 4.02 -4.91 1.27
C LEU A 62 5.23 -4.72 0.36
N ILE A 63 6.21 -3.93 0.82
CA ILE A 63 7.42 -3.67 0.03
C ILE A 63 8.25 -4.98 -0.17
N THR A 64 8.22 -5.86 0.82
CA THR A 64 8.98 -7.10 0.75
C THR A 64 8.29 -8.11 -0.17
N HIS A 65 6.99 -8.26 -0.02
CA HIS A 65 6.25 -9.26 -0.78
C HIS A 65 5.98 -8.82 -2.21
N PHE A 66 5.45 -7.64 -2.36
CA PHE A 66 5.10 -7.12 -3.66
C PHE A 66 6.26 -6.47 -4.36
N GLY A 67 6.83 -5.49 -3.73
CA GLY A 67 7.92 -4.74 -4.31
C GLY A 67 7.74 -3.30 -3.96
N PRO A 68 8.67 -2.41 -4.36
CA PRO A 68 8.61 -0.99 -4.00
C PRO A 68 7.34 -0.28 -4.47
N GLU A 69 7.17 -0.18 -5.76
CA GLU A 69 6.04 0.53 -6.31
C GLU A 69 4.81 -0.34 -6.31
N GLU A 70 5.03 -1.64 -6.23
CA GLU A 70 3.96 -2.62 -6.19
C GLU A 70 3.24 -2.52 -4.83
N ALA A 71 4.03 -2.37 -3.75
CA ALA A 71 3.50 -2.16 -2.38
C ALA A 71 2.57 -0.97 -2.34
N TRP A 72 3.05 0.14 -2.87
CA TRP A 72 2.28 1.36 -2.94
C TRP A 72 0.99 1.15 -3.71
N ARG A 73 1.10 0.46 -4.82
CA ARG A 73 -0.03 0.16 -5.66
C ARG A 73 -1.05 -0.66 -4.88
N LEU A 74 -0.57 -1.67 -4.17
CA LEU A 74 -1.39 -2.50 -3.33
C LEU A 74 -2.15 -1.68 -2.31
N ALA A 75 -1.47 -0.76 -1.66
CA ALA A 75 -2.11 0.07 -0.66
C ALA A 75 -3.16 0.97 -1.25
N LEU A 76 -2.81 1.74 -2.29
CA LEU A 76 -3.77 2.68 -2.88
C LEU A 76 -4.98 1.96 -3.46
N SER A 77 -4.72 0.83 -4.07
CA SER A 77 -5.75 0.03 -4.64
C SER A 77 -6.51 -0.82 -3.61
N THR A 78 -6.08 -0.74 -2.39
CA THR A 78 -6.81 -1.30 -1.32
C THR A 78 -7.66 -0.20 -0.69
N PHE A 79 -7.09 1.04 -0.59
CA PHE A 79 -7.79 2.21 -0.03
C PHE A 79 -9.14 2.38 -0.71
N GLU A 80 -9.12 2.35 -2.04
CA GLU A 80 -10.31 2.51 -2.85
C GLU A 80 -11.40 1.47 -2.52
N ARG A 81 -11.01 0.22 -2.40
CA ARG A 81 -11.97 -0.85 -2.26
C ARG A 81 -12.37 -1.13 -0.81
N ILE A 82 -11.63 -0.58 0.14
CA ILE A 82 -12.01 -0.72 1.56
C ILE A 82 -12.87 0.47 1.98
N ASN A 83 -13.30 1.23 0.97
CA ASN A 83 -14.13 2.43 1.14
C ASN A 83 -13.37 3.52 1.89
N ARG A 84 -12.23 3.84 1.32
CA ARG A 84 -11.37 4.90 1.78
C ARG A 84 -10.80 5.49 0.49
N LYS A 85 -11.72 5.75 -0.44
CA LYS A 85 -11.45 6.20 -1.79
C LYS A 85 -10.86 7.58 -1.74
N ASP A 86 -11.07 8.24 -0.62
CA ASP A 86 -10.55 9.56 -0.35
C ASP A 86 -9.05 9.57 -0.54
N LEU A 87 -8.42 8.61 0.10
CA LEU A 87 -6.97 8.53 0.16
C LEU A 87 -6.44 7.93 -1.13
N TRP A 88 -7.30 7.27 -1.85
CA TRP A 88 -6.98 6.72 -3.14
C TRP A 88 -6.84 7.87 -4.13
N GLU A 89 -7.76 8.82 -4.02
CA GLU A 89 -7.77 10.07 -4.77
C GLU A 89 -6.55 10.92 -4.42
N ARG A 90 -5.92 10.60 -3.31
CA ARG A 90 -4.71 11.26 -2.86
C ARG A 90 -3.50 10.50 -3.35
N GLY A 91 -3.63 9.20 -3.37
CA GLY A 91 -2.56 8.30 -3.70
C GLY A 91 -2.17 8.31 -5.15
N GLN A 92 -3.15 8.18 -6.02
CA GLN A 92 -2.84 8.12 -7.41
C GLN A 92 -2.74 9.50 -7.99
N ARG A 93 -2.05 9.61 -9.06
CA ARG A 93 -1.90 10.84 -9.74
C ARG A 93 -2.48 10.69 -11.11
N GLU A 94 -3.11 11.71 -11.60
CA GLU A 94 -3.64 11.62 -12.94
C GLU A 94 -2.85 12.48 -13.91
N ASP A 95 -1.74 13.06 -13.43
CA ASP A 95 -0.89 13.98 -14.21
C ASP A 95 -1.60 15.29 -14.48
N LEU A 96 -2.65 15.49 -13.74
CA LEU A 96 -3.46 16.66 -13.78
C LEU A 96 -3.00 17.59 -12.69
N VAL A 97 -2.77 18.82 -13.02
CA VAL A 97 -2.36 19.78 -12.05
C VAL A 97 -3.55 20.23 -11.23
N ARG A 98 -3.61 19.71 -10.05
CA ARG A 98 -4.61 20.05 -9.08
C ARG A 98 -3.89 20.16 -7.78
N ASP A 99 -3.29 19.06 -7.41
CA ASP A 99 -2.45 19.01 -6.25
C ASP A 99 -1.02 19.07 -6.72
N THR A 100 -0.14 19.34 -5.84
CA THR A 100 1.26 19.38 -6.12
C THR A 100 1.99 18.91 -4.86
N VAL A 101 2.10 17.60 -4.71
CA VAL A 101 2.66 17.01 -3.51
C VAL A 101 3.67 15.91 -3.81
N GLU A 102 4.89 16.16 -3.47
CA GLU A 102 5.92 15.16 -3.56
C GLU A 102 6.23 14.72 -2.15
N GLY A 1 20.74 7.58 -21.18
CA GLY A 1 21.67 6.93 -20.26
C GLY A 1 21.52 5.44 -20.34
N HIS A 2 21.27 4.81 -19.21
CA HIS A 2 21.10 3.35 -19.15
C HIS A 2 19.93 2.97 -18.28
N MET A 3 19.12 3.97 -17.92
CA MET A 3 17.93 3.82 -17.03
C MET A 3 18.36 3.57 -15.57
N LEU A 4 19.15 2.50 -15.38
CA LEU A 4 19.67 2.07 -14.06
C LEU A 4 18.56 1.61 -13.16
N ARG A 5 17.43 1.24 -13.78
CA ARG A 5 16.20 0.82 -13.10
C ARG A 5 15.63 1.94 -12.23
N THR A 6 14.51 1.69 -11.65
CA THR A 6 13.93 2.61 -10.74
C THR A 6 14.48 2.26 -9.34
N ALA A 7 15.43 3.03 -8.89
CA ALA A 7 16.09 2.78 -7.62
C ALA A 7 15.66 3.80 -6.59
N GLY A 8 16.15 3.65 -5.38
CA GLY A 8 15.86 4.60 -4.31
C GLY A 8 14.69 4.17 -3.45
N ARG A 9 13.93 3.20 -3.97
CA ARG A 9 12.73 2.68 -3.33
C ARG A 9 11.69 3.78 -3.16
N ASP A 10 10.85 3.93 -4.14
CA ASP A 10 9.88 5.02 -4.14
C ASP A 10 8.61 4.69 -3.34
N GLY A 11 8.30 3.44 -3.21
CA GLY A 11 7.08 3.06 -2.55
C GLY A 11 7.25 2.65 -1.10
N LEU A 12 7.81 3.53 -0.29
CA LEU A 12 7.89 3.26 1.15
C LEU A 12 7.62 4.52 1.96
N CYS A 13 8.40 5.56 1.73
CA CYS A 13 8.28 6.84 2.43
C CYS A 13 6.86 7.45 2.25
N ARG A 14 6.33 7.31 1.06
CA ARG A 14 4.98 7.78 0.75
C ARG A 14 3.96 6.80 1.33
N LEU A 15 4.32 5.54 1.29
CA LEU A 15 3.45 4.45 1.67
C LEU A 15 3.11 4.52 3.16
N SER A 16 4.12 4.79 3.97
CA SER A 16 3.94 4.90 5.39
C SER A 16 2.99 6.05 5.73
N THR A 17 3.22 7.21 5.10
CA THR A 17 2.43 8.40 5.32
C THR A 17 0.93 8.14 5.08
N TYR A 18 0.62 7.47 3.98
CA TYR A 18 -0.76 7.16 3.64
C TYR A 18 -1.39 6.13 4.57
N LEU A 19 -0.63 5.13 4.94
CA LEU A 19 -1.14 4.06 5.80
C LEU A 19 -1.37 4.54 7.23
N GLU A 20 -0.63 5.55 7.66
CA GLU A 20 -0.83 6.13 9.00
C GLU A 20 -2.16 6.85 9.10
N GLU A 21 -2.70 7.22 7.96
CA GLU A 21 -3.95 7.95 7.88
C GLU A 21 -5.13 6.98 8.06
N LEU A 22 -4.83 5.72 8.23
CA LEU A 22 -5.83 4.72 8.46
C LEU A 22 -5.75 4.27 9.91
N GLU A 23 -6.87 4.12 10.57
CA GLU A 23 -6.84 3.61 11.92
C GLU A 23 -6.77 2.10 11.90
N ALA A 24 -6.70 1.47 13.07
CA ALA A 24 -6.50 0.03 13.18
C ALA A 24 -7.57 -0.78 12.45
N VAL A 25 -8.82 -0.35 12.52
CA VAL A 25 -9.89 -1.06 11.83
C VAL A 25 -9.83 -0.83 10.32
N GLU A 26 -9.37 0.33 9.92
CA GLU A 26 -9.28 0.66 8.52
C GLU A 26 -8.14 -0.13 7.91
N LEU A 27 -7.06 -0.25 8.67
CA LEU A 27 -5.94 -1.09 8.31
C LEU A 27 -6.40 -2.54 8.22
N LYS A 28 -7.18 -2.94 9.24
CA LYS A 28 -7.77 -4.30 9.33
C LYS A 28 -8.50 -4.66 8.05
N LYS A 29 -9.26 -3.73 7.53
CA LYS A 29 -10.04 -3.97 6.33
C LYS A 29 -9.18 -4.05 5.07
N PHE A 30 -8.05 -3.36 5.06
CA PHE A 30 -7.17 -3.39 3.88
C PHE A 30 -6.31 -4.66 3.89
N LYS A 31 -5.85 -5.05 5.08
CA LYS A 31 -5.01 -6.24 5.24
C LYS A 31 -5.80 -7.51 5.04
N LEU A 32 -7.10 -7.50 5.36
CA LEU A 32 -7.90 -8.67 5.13
C LEU A 32 -8.22 -8.78 3.65
N TYR A 33 -8.20 -7.66 2.97
CA TYR A 33 -8.51 -7.63 1.57
C TYR A 33 -7.39 -8.26 0.77
N LEU A 34 -6.25 -7.59 0.73
CA LEU A 34 -5.12 -8.04 -0.07
C LEU A 34 -4.36 -9.20 0.54
N GLY A 35 -4.59 -9.43 1.80
CA GLY A 35 -3.87 -10.47 2.47
C GLY A 35 -4.53 -11.83 2.34
N THR A 36 -5.85 -11.88 2.41
CA THR A 36 -6.52 -13.18 2.32
C THR A 36 -6.78 -13.55 0.86
N ALA A 37 -6.74 -12.54 0.01
CA ALA A 37 -7.06 -12.66 -1.40
C ALA A 37 -6.16 -13.63 -2.14
N THR A 38 -6.77 -14.45 -2.95
CA THR A 38 -6.06 -15.42 -3.72
C THR A 38 -5.66 -14.86 -5.08
N GLU A 39 -6.08 -13.63 -5.38
CA GLU A 39 -5.78 -12.98 -6.66
C GLU A 39 -4.30 -12.57 -6.75
N LEU A 40 -3.57 -12.75 -5.67
CA LEU A 40 -2.14 -12.48 -5.64
C LEU A 40 -1.38 -13.73 -6.02
N GLY A 41 -2.13 -14.78 -6.18
CA GLY A 41 -1.59 -16.06 -6.51
C GLY A 41 -2.11 -17.07 -5.54
N GLU A 42 -1.83 -16.82 -4.29
CA GLU A 42 -2.25 -17.68 -3.19
C GLU A 42 -2.58 -16.77 -2.02
N GLY A 43 -1.62 -15.92 -1.76
CA GLY A 43 -1.63 -15.01 -0.66
C GLY A 43 -0.21 -14.63 -0.46
N LYS A 44 0.10 -13.38 -0.70
CA LYS A 44 1.46 -12.94 -0.74
C LYS A 44 2.01 -12.61 0.65
N ILE A 45 1.19 -12.75 1.66
CA ILE A 45 1.59 -12.44 3.01
C ILE A 45 1.81 -13.72 3.79
N PRO A 46 2.90 -13.81 4.56
CA PRO A 46 3.15 -14.96 5.39
C PRO A 46 2.22 -15.03 6.60
N TRP A 47 1.31 -15.99 6.54
CA TRP A 47 0.40 -16.45 7.58
C TRP A 47 -0.29 -15.38 8.43
N GLY A 48 0.44 -14.75 9.28
CA GLY A 48 -0.12 -13.78 10.18
C GLY A 48 0.85 -12.69 10.53
N SER A 49 1.79 -12.43 9.64
CA SER A 49 2.82 -11.44 9.87
C SER A 49 2.23 -10.01 9.99
N MET A 50 1.09 -9.76 9.34
CA MET A 50 0.47 -8.41 9.37
C MET A 50 -0.33 -8.18 10.63
N GLU A 51 -0.51 -9.21 11.42
CA GLU A 51 -1.32 -9.11 12.63
C GLU A 51 -0.76 -8.14 13.64
N LYS A 52 0.52 -8.22 13.89
CA LYS A 52 1.15 -7.38 14.89
C LYS A 52 1.86 -6.22 14.24
N ALA A 53 1.47 -5.92 13.04
CA ALA A 53 2.07 -4.87 12.29
C ALA A 53 1.19 -3.63 12.33
N GLY A 54 1.81 -2.49 12.53
CA GLY A 54 1.10 -1.25 12.46
C GLY A 54 1.24 -0.64 11.09
N PRO A 55 0.79 0.61 10.88
CA PRO A 55 0.81 1.26 9.56
C PRO A 55 2.22 1.33 8.95
N LEU A 56 3.21 1.60 9.80
CA LEU A 56 4.59 1.73 9.34
C LEU A 56 5.13 0.36 8.95
N GLU A 57 4.78 -0.62 9.75
CA GLU A 57 5.22 -1.97 9.54
C GLU A 57 4.55 -2.57 8.31
N MET A 58 3.28 -2.26 8.12
CA MET A 58 2.52 -2.73 6.95
C MET A 58 3.17 -2.23 5.69
N ALA A 59 3.59 -0.98 5.71
CA ALA A 59 4.31 -0.39 4.58
C ALA A 59 5.54 -1.22 4.25
N GLN A 60 6.25 -1.62 5.28
CA GLN A 60 7.46 -2.40 5.14
C GLN A 60 7.14 -3.84 4.69
N LEU A 61 6.04 -4.38 5.15
CA LEU A 61 5.60 -5.71 4.73
C LEU A 61 5.20 -5.72 3.26
N LEU A 62 4.36 -4.77 2.85
CA LEU A 62 3.97 -4.65 1.46
C LEU A 62 5.20 -4.50 0.55
N ILE A 63 6.11 -3.62 0.95
CA ILE A 63 7.31 -3.34 0.17
C ILE A 63 8.21 -4.60 0.04
N THR A 64 8.22 -5.41 1.08
CA THR A 64 9.03 -6.61 1.12
C THR A 64 8.46 -7.73 0.23
N HIS A 65 7.16 -7.89 0.23
CA HIS A 65 6.56 -9.00 -0.53
C HIS A 65 6.15 -8.58 -1.93
N PHE A 66 5.38 -7.53 -2.03
CA PHE A 66 4.91 -7.05 -3.30
C PHE A 66 6.04 -6.39 -4.08
N GLY A 67 6.68 -5.43 -3.47
CA GLY A 67 7.77 -4.74 -4.12
C GLY A 67 7.61 -3.26 -3.95
N PRO A 68 8.60 -2.46 -4.33
CA PRO A 68 8.59 -1.00 -4.12
C PRO A 68 7.39 -0.31 -4.74
N GLU A 69 7.12 -0.58 -5.99
CA GLU A 69 6.01 0.08 -6.66
C GLU A 69 4.76 -0.75 -6.55
N GLU A 70 4.91 -1.99 -6.20
CA GLU A 70 3.79 -2.88 -6.10
C GLU A 70 3.07 -2.63 -4.78
N ALA A 71 3.85 -2.41 -3.72
CA ALA A 71 3.35 -2.11 -2.38
C ALA A 71 2.46 -0.89 -2.41
N TRP A 72 2.95 0.15 -3.05
CA TRP A 72 2.22 1.38 -3.16
C TRP A 72 0.91 1.17 -3.91
N ARG A 73 0.97 0.42 -4.99
CA ARG A 73 -0.20 0.13 -5.78
C ARG A 73 -1.22 -0.65 -4.93
N LEU A 74 -0.73 -1.67 -4.23
CA LEU A 74 -1.54 -2.49 -3.35
C LEU A 74 -2.27 -1.67 -2.32
N ALA A 75 -1.59 -0.75 -1.69
CA ALA A 75 -2.21 0.08 -0.68
C ALA A 75 -3.21 1.04 -1.28
N LEU A 76 -2.81 1.80 -2.32
CA LEU A 76 -3.69 2.82 -2.89
C LEU A 76 -4.95 2.19 -3.47
N SER A 77 -4.78 1.09 -4.19
CA SER A 77 -5.87 0.39 -4.82
C SER A 77 -6.71 -0.43 -3.83
N THR A 78 -6.32 -0.43 -2.57
CA THR A 78 -7.10 -1.06 -1.54
C THR A 78 -7.80 0.03 -0.69
N PHE A 79 -7.26 1.25 -0.71
CA PHE A 79 -7.88 2.38 0.00
C PHE A 79 -9.29 2.59 -0.55
N GLU A 80 -9.43 2.47 -1.86
CA GLU A 80 -10.70 2.63 -2.54
C GLU A 80 -11.68 1.49 -2.19
N ARG A 81 -11.15 0.37 -1.72
CA ARG A 81 -11.95 -0.83 -1.44
C ARG A 81 -12.57 -0.71 -0.08
N ILE A 82 -11.88 0.00 0.78
CA ILE A 82 -12.32 0.21 2.14
C ILE A 82 -13.04 1.56 2.27
N ASN A 83 -13.39 2.10 1.09
CA ASN A 83 -14.18 3.35 0.92
C ASN A 83 -13.41 4.62 1.22
N ARG A 84 -12.17 4.47 1.56
CA ARG A 84 -11.35 5.60 1.84
C ARG A 84 -10.68 5.97 0.53
N LYS A 85 -11.51 6.41 -0.38
CA LYS A 85 -11.18 6.67 -1.77
C LYS A 85 -10.40 7.94 -1.88
N ASP A 86 -10.49 8.72 -0.83
CA ASP A 86 -9.82 10.00 -0.69
C ASP A 86 -8.33 9.84 -0.90
N LEU A 87 -7.74 8.85 -0.21
CA LEU A 87 -6.30 8.63 -0.31
C LEU A 87 -5.95 8.01 -1.64
N TRP A 88 -6.88 7.25 -2.16
CA TRP A 88 -6.72 6.61 -3.44
C TRP A 88 -6.62 7.66 -4.54
N GLU A 89 -7.53 8.63 -4.50
CA GLU A 89 -7.55 9.75 -5.46
C GLU A 89 -6.26 10.56 -5.42
N ARG A 90 -5.61 10.56 -4.26
CA ARG A 90 -4.35 11.27 -4.12
C ARG A 90 -3.23 10.46 -4.80
N GLY A 91 -3.30 9.15 -4.60
CA GLY A 91 -2.26 8.25 -5.02
C GLY A 91 -2.37 7.75 -6.44
N GLN A 92 -3.35 8.24 -7.18
CA GLN A 92 -3.51 7.86 -8.59
C GLN A 92 -2.32 8.35 -9.41
N ARG A 93 -1.39 7.45 -9.64
CA ARG A 93 -0.15 7.76 -10.31
C ARG A 93 -0.10 7.18 -11.71
N GLU A 94 -0.82 6.09 -11.91
CA GLU A 94 -0.77 5.33 -13.15
C GLU A 94 -2.17 5.00 -13.56
N ASP A 95 -3.01 5.93 -13.28
CA ASP A 95 -4.42 5.79 -13.44
C ASP A 95 -4.90 6.93 -14.30
N LEU A 96 -6.19 7.09 -14.43
CA LEU A 96 -6.73 8.20 -15.17
C LEU A 96 -6.50 9.49 -14.38
N VAL A 97 -6.25 10.58 -15.11
CA VAL A 97 -5.93 11.89 -14.55
C VAL A 97 -4.49 11.91 -14.02
N ARG A 98 -3.71 12.75 -14.61
CA ARG A 98 -2.33 12.88 -14.25
C ARG A 98 -2.09 14.03 -13.31
N ASP A 99 -2.74 13.98 -12.17
CA ASP A 99 -2.53 15.00 -11.17
C ASP A 99 -1.22 14.71 -10.47
N THR A 100 -0.55 15.77 -10.00
CA THR A 100 0.77 15.68 -9.38
C THR A 100 1.80 15.34 -10.50
N VAL A 101 1.38 15.62 -11.70
CA VAL A 101 2.17 15.56 -12.92
C VAL A 101 1.94 16.87 -13.58
N GLU A 102 0.68 17.11 -13.85
CA GLU A 102 0.23 18.37 -14.31
C GLU A 102 -0.25 19.13 -13.09
N GLY A 1 25.04 1.67 -18.59
CA GLY A 1 24.43 2.98 -18.77
C GLY A 1 22.93 2.93 -18.61
N HIS A 2 22.48 2.72 -17.38
CA HIS A 2 21.05 2.65 -17.08
C HIS A 2 20.74 3.39 -15.81
N MET A 3 19.51 3.82 -15.69
CA MET A 3 19.04 4.51 -14.51
C MET A 3 17.66 3.97 -14.17
N LEU A 4 17.47 3.66 -12.92
CA LEU A 4 16.23 3.06 -12.47
C LEU A 4 15.14 4.10 -12.22
N ARG A 5 14.00 3.84 -12.80
CA ARG A 5 12.81 4.63 -12.56
C ARG A 5 11.80 3.75 -11.83
N THR A 6 11.94 2.48 -12.06
CA THR A 6 11.16 1.49 -11.42
C THR A 6 11.98 0.86 -10.32
N ALA A 7 11.32 0.41 -9.26
CA ALA A 7 11.95 -0.24 -8.12
C ALA A 7 12.96 0.64 -7.39
N GLY A 8 12.47 1.40 -6.44
CA GLY A 8 13.34 2.24 -5.67
C GLY A 8 12.78 2.46 -4.31
N ARG A 9 13.53 3.11 -3.45
CA ARG A 9 13.07 3.40 -2.09
C ARG A 9 11.99 4.48 -2.15
N ASP A 10 12.03 5.26 -3.23
CA ASP A 10 11.00 6.26 -3.48
C ASP A 10 9.67 5.56 -3.61
N GLY A 11 8.89 5.64 -2.58
CA GLY A 11 7.64 4.95 -2.54
C GLY A 11 7.34 4.50 -1.14
N LEU A 12 8.37 4.03 -0.43
CA LEU A 12 8.23 3.52 0.95
C LEU A 12 7.68 4.60 1.86
N CYS A 13 8.33 5.73 1.82
CA CYS A 13 7.98 6.88 2.61
C CYS A 13 6.57 7.39 2.28
N ARG A 14 6.23 7.30 1.01
CA ARG A 14 4.94 7.74 0.48
C ARG A 14 3.84 6.78 0.97
N LEU A 15 4.14 5.52 0.86
CA LEU A 15 3.29 4.43 1.30
C LEU A 15 2.99 4.55 2.79
N SER A 16 4.04 4.72 3.58
CA SER A 16 3.96 4.84 5.02
C SER A 16 3.01 5.97 5.44
N THR A 17 3.19 7.14 4.84
CA THR A 17 2.44 8.33 5.21
C THR A 17 0.92 8.17 4.99
N TYR A 18 0.53 7.51 3.90
CA TYR A 18 -0.88 7.31 3.63
C TYR A 18 -1.47 6.21 4.49
N LEU A 19 -0.65 5.25 4.85
CA LEU A 19 -1.10 4.16 5.70
C LEU A 19 -1.26 4.60 7.15
N GLU A 20 -0.69 5.76 7.48
CA GLU A 20 -0.82 6.33 8.82
C GLU A 20 -2.21 6.91 9.04
N GLU A 21 -2.91 7.13 7.94
CA GLU A 21 -4.27 7.66 8.00
C GLU A 21 -5.25 6.56 8.34
N LEU A 22 -4.79 5.33 8.23
CA LEU A 22 -5.62 4.20 8.50
C LEU A 22 -5.24 3.64 9.84
N GLU A 23 -6.22 3.35 10.66
CA GLU A 23 -5.96 2.81 11.96
C GLU A 23 -6.01 1.27 11.91
N ALA A 24 -5.96 0.62 13.08
CA ALA A 24 -5.94 -0.84 13.19
C ALA A 24 -7.07 -1.51 12.40
N VAL A 25 -8.31 -1.07 12.62
CA VAL A 25 -9.45 -1.67 11.92
C VAL A 25 -9.39 -1.39 10.41
N GLU A 26 -8.89 -0.22 10.06
CA GLU A 26 -8.82 0.20 8.68
C GLU A 26 -7.73 -0.57 7.95
N LEU A 27 -6.63 -0.79 8.63
CA LEU A 27 -5.52 -1.54 8.11
C LEU A 27 -5.85 -3.03 8.04
N LYS A 28 -6.89 -3.42 8.75
CA LYS A 28 -7.37 -4.78 8.75
C LYS A 28 -8.32 -4.98 7.57
N LYS A 29 -9.09 -3.94 7.23
CA LYS A 29 -9.93 -3.93 6.02
C LYS A 29 -9.00 -4.02 4.83
N PHE A 30 -7.97 -3.21 4.92
CA PHE A 30 -6.90 -3.17 3.97
C PHE A 30 -6.12 -4.50 3.96
N LYS A 31 -6.34 -5.31 4.95
CA LYS A 31 -5.61 -6.52 5.03
C LYS A 31 -6.34 -7.68 4.38
N LEU A 32 -7.61 -7.90 4.71
CA LEU A 32 -8.31 -9.07 4.17
C LEU A 32 -8.66 -8.87 2.70
N TYR A 33 -8.56 -7.65 2.22
CA TYR A 33 -8.78 -7.43 0.82
C TYR A 33 -7.66 -8.06 0.01
N LEU A 34 -6.46 -8.00 0.54
CA LEU A 34 -5.30 -8.46 -0.19
C LEU A 34 -4.66 -9.71 0.42
N GLY A 35 -4.43 -9.71 1.71
CA GLY A 35 -3.63 -10.73 2.34
C GLY A 35 -4.29 -12.08 2.42
N THR A 36 -5.60 -12.11 2.39
CA THR A 36 -6.33 -13.35 2.44
C THR A 36 -6.87 -13.69 1.03
N ALA A 37 -6.64 -12.80 0.08
CA ALA A 37 -7.19 -12.94 -1.26
C ALA A 37 -6.41 -13.96 -2.08
N THR A 38 -7.12 -14.71 -2.90
CA THR A 38 -6.55 -15.73 -3.75
C THR A 38 -5.72 -15.12 -4.86
N GLU A 39 -6.07 -13.90 -5.20
CA GLU A 39 -5.50 -13.12 -6.29
C GLU A 39 -4.00 -12.85 -6.12
N LEU A 40 -3.52 -13.02 -4.91
CA LEU A 40 -2.12 -12.78 -4.62
C LEU A 40 -1.36 -14.07 -4.42
N GLY A 41 -2.00 -15.12 -4.74
CA GLY A 41 -1.43 -16.44 -4.60
C GLY A 41 -1.86 -17.09 -3.31
N GLU A 42 -3.15 -16.90 -2.98
CA GLU A 42 -3.81 -17.44 -1.77
C GLU A 42 -3.36 -16.80 -0.46
N GLY A 43 -2.48 -15.85 -0.56
CA GLY A 43 -2.00 -15.20 0.60
C GLY A 43 -0.52 -14.96 0.54
N LYS A 44 -0.14 -13.75 0.25
CA LYS A 44 1.23 -13.37 0.15
C LYS A 44 1.78 -13.07 1.56
N ILE A 45 0.86 -12.92 2.48
CA ILE A 45 1.15 -12.60 3.86
C ILE A 45 1.45 -13.88 4.67
N PRO A 46 2.40 -13.81 5.63
CA PRO A 46 2.74 -14.93 6.52
C PRO A 46 1.65 -15.21 7.61
N TRP A 47 2.05 -15.99 8.63
CA TRP A 47 1.17 -16.47 9.72
C TRP A 47 0.24 -15.42 10.36
N GLY A 48 0.79 -14.32 10.82
CA GLY A 48 -0.02 -13.28 11.45
C GLY A 48 0.81 -12.08 11.80
N SER A 49 1.84 -11.86 11.04
CA SER A 49 2.79 -10.79 11.26
C SER A 49 2.19 -9.43 10.89
N MET A 50 1.10 -9.46 10.17
CA MET A 50 0.49 -8.28 9.61
C MET A 50 -0.62 -7.80 10.51
N GLU A 51 -0.85 -8.56 11.52
CA GLU A 51 -1.91 -8.33 12.46
C GLU A 51 -1.37 -7.54 13.65
N LYS A 52 -0.05 -7.49 13.72
CA LYS A 52 0.68 -6.81 14.77
C LYS A 52 1.48 -5.69 14.14
N ALA A 53 1.04 -5.31 12.98
CA ALA A 53 1.72 -4.34 12.19
C ALA A 53 0.98 -3.01 12.24
N GLY A 54 1.73 -1.93 12.39
CA GLY A 54 1.17 -0.62 12.38
C GLY A 54 1.38 -0.02 11.03
N PRO A 55 1.05 1.26 10.83
CA PRO A 55 1.15 1.95 9.53
C PRO A 55 2.53 1.76 8.87
N LEU A 56 3.56 1.92 9.67
CA LEU A 56 4.94 1.80 9.19
C LEU A 56 5.25 0.34 8.87
N GLU A 57 4.88 -0.56 9.75
CA GLU A 57 5.11 -1.98 9.54
C GLU A 57 4.29 -2.52 8.40
N MET A 58 3.19 -1.87 8.11
CA MET A 58 2.36 -2.20 6.97
C MET A 58 3.10 -1.82 5.72
N ALA A 59 3.59 -0.60 5.67
CA ALA A 59 4.35 -0.13 4.53
C ALA A 59 5.56 -1.03 4.29
N GLN A 60 6.24 -1.34 5.37
CA GLN A 60 7.43 -2.18 5.32
C GLN A 60 7.06 -3.66 5.14
N LEU A 61 5.79 -3.96 5.19
CA LEU A 61 5.27 -5.30 5.00
C LEU A 61 5.06 -5.51 3.52
N LEU A 62 4.17 -4.71 2.94
CA LEU A 62 3.83 -4.83 1.54
C LEU A 62 5.05 -4.59 0.66
N ILE A 63 5.94 -3.69 1.08
CA ILE A 63 7.14 -3.37 0.31
C ILE A 63 8.08 -4.61 0.24
N THR A 64 8.03 -5.43 1.27
CA THR A 64 8.89 -6.59 1.34
C THR A 64 8.24 -7.80 0.65
N HIS A 65 6.94 -7.93 0.79
CA HIS A 65 6.23 -9.04 0.19
C HIS A 65 6.01 -8.84 -1.30
N PHE A 66 5.52 -7.69 -1.65
CA PHE A 66 5.26 -7.35 -3.04
C PHE A 66 6.45 -6.71 -3.69
N GLY A 67 6.65 -5.46 -3.41
CA GLY A 67 7.70 -4.71 -4.00
C GLY A 67 7.46 -3.27 -3.76
N PRO A 68 8.38 -2.40 -4.16
CA PRO A 68 8.27 -0.95 -3.89
C PRO A 68 7.01 -0.32 -4.50
N GLU A 69 6.82 -0.51 -5.78
CA GLU A 69 5.71 0.10 -6.48
C GLU A 69 4.48 -0.76 -6.37
N GLU A 70 4.70 -2.05 -6.18
CA GLU A 70 3.60 -2.98 -6.07
C GLU A 70 2.89 -2.73 -4.74
N ALA A 71 3.67 -2.57 -3.67
CA ALA A 71 3.13 -2.21 -2.35
C ALA A 71 2.33 -0.94 -2.45
N TRP A 72 2.86 0.00 -3.19
CA TRP A 72 2.21 1.26 -3.40
C TRP A 72 0.85 1.07 -4.06
N ARG A 73 0.83 0.27 -5.09
CA ARG A 73 -0.40 0.02 -5.80
C ARG A 73 -1.39 -0.74 -4.90
N LEU A 74 -0.90 -1.76 -4.21
CA LEU A 74 -1.70 -2.56 -3.29
C LEU A 74 -2.33 -1.69 -2.21
N ALA A 75 -1.65 -0.64 -1.80
CA ALA A 75 -2.21 0.26 -0.82
C ALA A 75 -3.29 1.13 -1.41
N LEU A 76 -2.93 1.92 -2.42
CA LEU A 76 -3.88 2.90 -2.98
C LEU A 76 -5.12 2.23 -3.55
N SER A 77 -4.94 1.10 -4.22
CA SER A 77 -6.01 0.39 -4.86
C SER A 77 -6.93 -0.24 -3.80
N THR A 78 -6.41 -0.52 -2.62
CA THR A 78 -7.21 -1.08 -1.58
C THR A 78 -7.94 0.03 -0.82
N PHE A 79 -7.31 1.23 -0.77
CA PHE A 79 -7.91 2.40 -0.12
C PHE A 79 -9.30 2.64 -0.66
N GLU A 80 -9.41 2.76 -1.96
CA GLU A 80 -10.68 3.06 -2.58
C GLU A 80 -11.70 1.93 -2.39
N ARG A 81 -11.24 0.74 -2.17
CA ARG A 81 -12.11 -0.41 -2.05
C ARG A 81 -12.51 -0.69 -0.62
N ILE A 82 -11.87 -0.01 0.31
CA ILE A 82 -12.28 -0.06 1.70
C ILE A 82 -13.01 1.23 2.03
N ASN A 83 -13.48 1.90 0.97
CA ASN A 83 -14.28 3.13 1.03
C ASN A 83 -13.44 4.33 1.44
N ARG A 84 -12.21 4.32 0.99
CA ARG A 84 -11.30 5.40 1.21
C ARG A 84 -10.73 5.88 -0.13
N LYS A 85 -11.62 6.40 -0.96
CA LYS A 85 -11.25 6.85 -2.29
C LYS A 85 -10.57 8.21 -2.16
N ASP A 86 -10.86 8.83 -1.04
CA ASP A 86 -10.28 10.10 -0.60
C ASP A 86 -8.75 10.08 -0.69
N LEU A 87 -8.12 9.09 -0.09
CA LEU A 87 -6.67 9.00 -0.10
C LEU A 87 -6.17 8.35 -1.37
N TRP A 88 -7.04 7.57 -2.01
CA TRP A 88 -6.72 6.90 -3.25
C TRP A 88 -6.30 7.93 -4.31
N GLU A 89 -7.11 8.96 -4.48
CA GLU A 89 -6.85 10.01 -5.46
C GLU A 89 -5.59 10.79 -5.12
N ARG A 90 -5.30 10.87 -3.83
CA ARG A 90 -4.13 11.59 -3.34
C ARG A 90 -2.89 10.75 -3.53
N GLY A 91 -3.09 9.47 -3.67
CA GLY A 91 -2.03 8.56 -3.93
C GLY A 91 -1.68 8.60 -5.38
N GLN A 92 -2.20 7.61 -6.10
CA GLN A 92 -2.03 7.47 -7.55
C GLN A 92 -0.57 7.56 -8.03
N ARG A 93 -0.44 7.65 -9.31
CA ARG A 93 0.81 7.88 -9.96
C ARG A 93 0.52 8.69 -11.18
N GLU A 94 -0.12 8.08 -12.14
CA GLU A 94 -0.50 8.75 -13.34
C GLU A 94 -1.90 8.34 -13.78
N ASP A 95 -2.85 9.18 -13.40
CA ASP A 95 -4.31 8.97 -13.61
C ASP A 95 -4.70 8.81 -15.05
N LEU A 96 -5.84 8.12 -15.23
CA LEU A 96 -6.50 7.86 -16.51
C LEU A 96 -5.62 7.06 -17.49
N VAL A 97 -6.08 5.84 -17.79
CA VAL A 97 -5.37 4.87 -18.64
C VAL A 97 -4.12 4.36 -17.91
N ARG A 98 -4.04 3.03 -17.74
CA ARG A 98 -2.98 2.36 -16.93
C ARG A 98 -3.23 2.65 -15.45
N ASP A 99 -4.45 3.02 -15.16
CA ASP A 99 -4.90 3.34 -13.82
C ASP A 99 -5.62 2.16 -13.19
N THR A 100 -6.78 1.86 -13.69
CA THR A 100 -7.62 0.81 -13.16
C THR A 100 -7.69 -0.39 -14.09
N VAL A 101 -6.74 -0.47 -15.01
CA VAL A 101 -6.64 -1.57 -15.96
C VAL A 101 -5.23 -2.15 -15.93
N GLU A 102 -4.49 -1.78 -14.87
CA GLU A 102 -3.08 -2.11 -14.65
C GLU A 102 -2.24 -1.68 -15.84
N GLY A 1 15.40 5.86 -16.85
CA GLY A 1 15.31 7.02 -15.95
C GLY A 1 14.78 6.61 -14.59
N HIS A 2 14.68 7.59 -13.69
CA HIS A 2 14.23 7.40 -12.32
C HIS A 2 15.16 6.54 -11.48
N MET A 3 16.10 7.19 -10.84
CA MET A 3 16.98 6.54 -9.90
C MET A 3 16.71 7.15 -8.54
N LEU A 4 15.81 8.11 -8.52
CA LEU A 4 15.50 8.85 -7.33
C LEU A 4 14.01 9.11 -7.23
N ARG A 5 13.62 9.55 -6.06
CA ARG A 5 12.26 9.95 -5.72
C ARG A 5 11.22 8.84 -5.92
N THR A 6 10.64 8.77 -7.07
CA THR A 6 9.51 7.92 -7.29
C THR A 6 9.92 6.51 -7.72
N ALA A 7 9.17 5.51 -7.20
CA ALA A 7 9.39 4.08 -7.41
C ALA A 7 10.60 3.58 -6.62
N GLY A 8 11.10 4.47 -5.78
CA GLY A 8 12.17 4.16 -4.89
C GLY A 8 11.80 4.61 -3.51
N ARG A 9 11.84 5.91 -3.30
CA ARG A 9 11.44 6.48 -2.02
C ARG A 9 9.92 6.57 -1.96
N ASP A 10 9.31 6.95 -3.09
CA ASP A 10 7.85 6.97 -3.18
C ASP A 10 7.36 5.55 -3.35
N GLY A 11 7.39 4.87 -2.27
CA GLY A 11 6.94 3.55 -2.15
C GLY A 11 6.75 3.29 -0.70
N LEU A 12 7.79 2.78 -0.05
CA LEU A 12 7.76 2.44 1.38
C LEU A 12 7.44 3.71 2.20
N CYS A 13 8.13 4.79 1.90
CA CYS A 13 7.95 6.05 2.61
C CYS A 13 6.58 6.64 2.33
N ARG A 14 6.13 6.53 1.08
CA ARG A 14 4.83 7.06 0.69
C ARG A 14 3.73 6.25 1.39
N LEU A 15 3.95 4.94 1.52
CA LEU A 15 3.05 4.06 2.25
C LEU A 15 2.97 4.49 3.69
N SER A 16 4.13 4.71 4.29
CA SER A 16 4.24 5.13 5.69
C SER A 16 3.47 6.42 5.94
N THR A 17 3.33 7.24 4.91
CA THR A 17 2.61 8.47 5.02
C THR A 17 1.07 8.23 4.98
N TYR A 18 0.61 7.55 3.95
CA TYR A 18 -0.83 7.36 3.76
C TYR A 18 -1.43 6.32 4.69
N LEU A 19 -0.68 5.33 5.06
CA LEU A 19 -1.19 4.29 5.95
C LEU A 19 -1.38 4.78 7.39
N GLU A 20 -0.79 5.94 7.71
CA GLU A 20 -1.00 6.53 9.04
C GLU A 20 -2.33 7.26 9.10
N GLU A 21 -2.95 7.45 7.95
CA GLU A 21 -4.24 8.09 7.88
C GLU A 21 -5.32 7.08 8.20
N LEU A 22 -4.96 5.82 8.21
CA LEU A 22 -5.89 4.77 8.49
C LEU A 22 -5.84 4.33 9.90
N GLU A 23 -6.92 3.76 10.30
CA GLU A 23 -7.12 3.24 11.59
C GLU A 23 -6.63 1.79 11.59
N ALA A 24 -6.44 1.23 12.77
CA ALA A 24 -6.02 -0.15 12.90
C ALA A 24 -7.05 -1.09 12.29
N VAL A 25 -8.33 -0.75 12.45
CA VAL A 25 -9.42 -1.54 11.85
C VAL A 25 -9.37 -1.41 10.30
N GLU A 26 -9.01 -0.23 9.83
CA GLU A 26 -8.93 0.03 8.42
C GLU A 26 -7.74 -0.70 7.83
N LEU A 27 -6.64 -0.70 8.57
CA LEU A 27 -5.43 -1.43 8.20
C LEU A 27 -5.70 -2.92 8.21
N LYS A 28 -6.57 -3.34 9.12
CA LYS A 28 -7.02 -4.72 9.21
C LYS A 28 -7.74 -5.10 7.93
N LYS A 29 -8.64 -4.23 7.47
CA LYS A 29 -9.39 -4.45 6.23
C LYS A 29 -8.43 -4.52 5.06
N PHE A 30 -7.54 -3.56 5.05
CA PHE A 30 -6.50 -3.42 4.06
C PHE A 30 -5.63 -4.69 3.94
N LYS A 31 -5.10 -5.19 5.05
CA LYS A 31 -4.25 -6.39 5.01
C LYS A 31 -5.04 -7.62 4.66
N LEU A 32 -6.28 -7.60 5.00
CA LEU A 32 -7.18 -8.67 4.74
C LEU A 32 -7.41 -8.79 3.25
N TYR A 33 -7.78 -7.66 2.67
CA TYR A 33 -8.17 -7.56 1.30
C TYR A 33 -7.05 -7.98 0.33
N LEU A 34 -5.82 -7.81 0.72
CA LEU A 34 -4.74 -8.15 -0.19
C LEU A 34 -3.86 -9.26 0.31
N GLY A 35 -3.91 -9.50 1.59
CA GLY A 35 -3.04 -10.45 2.18
C GLY A 35 -3.57 -11.85 2.11
N THR A 36 -4.85 -12.00 2.29
CA THR A 36 -5.44 -13.33 2.30
C THR A 36 -6.57 -13.44 1.24
N ALA A 37 -6.55 -12.56 0.27
CA ALA A 37 -7.55 -12.57 -0.78
C ALA A 37 -7.20 -13.56 -1.86
N THR A 38 -8.20 -14.07 -2.55
CA THR A 38 -7.97 -15.04 -3.58
C THR A 38 -7.60 -14.31 -4.89
N GLU A 39 -7.85 -13.00 -4.94
CA GLU A 39 -7.53 -12.19 -6.13
C GLU A 39 -6.05 -11.85 -6.19
N LEU A 40 -5.33 -12.30 -5.17
CA LEU A 40 -3.87 -12.20 -5.11
C LEU A 40 -3.30 -13.60 -5.23
N GLY A 41 -4.14 -14.45 -5.73
CA GLY A 41 -3.83 -15.82 -5.95
C GLY A 41 -3.89 -16.57 -4.66
N GLU A 42 -2.80 -16.58 -3.98
CA GLU A 42 -2.69 -17.27 -2.73
C GLU A 42 -2.77 -16.28 -1.61
N GLY A 43 -2.35 -15.07 -1.88
CA GLY A 43 -2.18 -14.10 -0.86
C GLY A 43 -0.75 -14.14 -0.43
N LYS A 44 -0.02 -13.08 -0.70
CA LYS A 44 1.42 -13.06 -0.44
C LYS A 44 1.74 -12.75 1.01
N ILE A 45 0.75 -12.39 1.76
CA ILE A 45 0.93 -12.03 3.13
C ILE A 45 0.64 -13.24 4.00
N PRO A 46 1.40 -13.44 5.10
CA PRO A 46 1.11 -14.47 6.08
C PRO A 46 -0.34 -14.42 6.57
N TRP A 47 -0.72 -15.43 7.29
CA TRP A 47 -2.09 -15.62 7.69
C TRP A 47 -2.49 -14.72 8.86
N GLY A 48 -1.52 -14.32 9.67
CA GLY A 48 -1.83 -13.49 10.79
C GLY A 48 -0.63 -12.80 11.40
N SER A 49 0.28 -12.33 10.57
CA SER A 49 1.43 -11.64 11.09
C SER A 49 1.15 -10.18 11.19
N MET A 50 0.13 -9.75 10.49
CA MET A 50 -0.13 -8.36 10.33
C MET A 50 -1.37 -7.95 11.06
N GLU A 51 -1.58 -8.62 12.14
CA GLU A 51 -2.68 -8.33 13.02
C GLU A 51 -2.39 -7.10 13.86
N LYS A 52 -1.27 -7.14 14.54
CA LYS A 52 -0.82 -6.06 15.42
C LYS A 52 0.09 -5.09 14.64
N ALA A 53 -0.03 -5.14 13.34
CA ALA A 53 0.80 -4.37 12.46
C ALA A 53 0.17 -3.03 12.18
N GLY A 54 0.98 -2.02 12.27
CA GLY A 54 0.54 -0.70 12.02
C GLY A 54 1.13 -0.19 10.74
N PRO A 55 1.09 1.13 10.52
CA PRO A 55 1.54 1.78 9.27
C PRO A 55 2.96 1.39 8.87
N LEU A 56 3.87 1.35 9.83
CA LEU A 56 5.27 1.06 9.57
C LEU A 56 5.45 -0.38 9.15
N GLU A 57 4.88 -1.29 9.94
CA GLU A 57 4.94 -2.71 9.65
C GLU A 57 4.29 -3.02 8.30
N MET A 58 3.20 -2.32 8.01
CA MET A 58 2.48 -2.49 6.75
C MET A 58 3.29 -2.00 5.57
N ALA A 59 3.87 -0.81 5.68
CA ALA A 59 4.66 -0.25 4.59
C ALA A 59 5.79 -1.19 4.18
N GLN A 60 6.41 -1.81 5.17
CA GLN A 60 7.48 -2.74 4.91
C GLN A 60 6.92 -4.07 4.41
N LEU A 61 5.74 -4.42 4.89
CA LEU A 61 5.03 -5.64 4.53
C LEU A 61 4.83 -5.70 3.02
N LEU A 62 4.15 -4.70 2.49
CA LEU A 62 3.85 -4.65 1.09
C LEU A 62 5.13 -4.52 0.25
N ILE A 63 6.08 -3.73 0.75
CA ILE A 63 7.31 -3.48 -0.01
C ILE A 63 8.18 -4.77 -0.11
N THR A 64 8.12 -5.61 0.91
CA THR A 64 8.93 -6.80 0.92
C THR A 64 8.32 -7.90 0.06
N HIS A 65 7.02 -8.11 0.17
CA HIS A 65 6.38 -9.19 -0.55
C HIS A 65 6.08 -8.81 -2.00
N PHE A 66 5.46 -7.67 -2.19
CA PHE A 66 5.09 -7.20 -3.51
C PHE A 66 6.23 -6.52 -4.26
N GLY A 67 6.77 -5.48 -3.69
CA GLY A 67 7.83 -4.75 -4.35
C GLY A 67 7.63 -3.28 -4.15
N PRO A 68 8.57 -2.42 -4.56
CA PRO A 68 8.45 -0.96 -4.33
C PRO A 68 7.24 -0.33 -5.02
N GLU A 69 7.13 -0.50 -6.34
CA GLU A 69 6.02 0.07 -7.08
C GLU A 69 4.75 -0.69 -6.79
N GLU A 70 4.92 -1.99 -6.63
CA GLU A 70 3.81 -2.89 -6.44
C GLU A 70 3.10 -2.62 -5.11
N ALA A 71 3.89 -2.40 -4.06
CA ALA A 71 3.37 -2.06 -2.73
C ALA A 71 2.52 -0.82 -2.79
N TRP A 72 2.95 0.16 -3.57
CA TRP A 72 2.23 1.39 -3.70
C TRP A 72 0.88 1.17 -4.36
N ARG A 73 0.87 0.38 -5.41
CA ARG A 73 -0.37 0.07 -6.09
C ARG A 73 -1.32 -0.65 -5.13
N LEU A 74 -0.78 -1.63 -4.42
CA LEU A 74 -1.52 -2.41 -3.47
C LEU A 74 -2.16 -1.57 -2.36
N ALA A 75 -1.52 -0.49 -1.98
CA ALA A 75 -2.11 0.38 -0.97
C ALA A 75 -3.19 1.27 -1.57
N LEU A 76 -2.84 2.04 -2.60
CA LEU A 76 -3.79 3.04 -3.14
C LEU A 76 -5.03 2.37 -3.73
N SER A 77 -4.83 1.29 -4.43
CA SER A 77 -5.89 0.59 -5.08
C SER A 77 -6.72 -0.23 -4.10
N THR A 78 -6.24 -0.38 -2.87
CA THR A 78 -7.00 -1.08 -1.88
C THR A 78 -7.74 -0.07 -0.99
N PHE A 79 -7.28 1.19 -1.01
CA PHE A 79 -7.95 2.24 -0.28
C PHE A 79 -9.38 2.38 -0.77
N GLU A 80 -9.54 2.46 -2.08
CA GLU A 80 -10.87 2.57 -2.68
C GLU A 80 -11.72 1.31 -2.38
N ARG A 81 -11.05 0.15 -2.32
CA ARG A 81 -11.70 -1.15 -2.08
C ARG A 81 -12.31 -1.23 -0.69
N ILE A 82 -11.63 -0.65 0.28
CA ILE A 82 -12.09 -0.67 1.67
C ILE A 82 -12.94 0.55 1.95
N ASN A 83 -13.32 1.22 0.88
CA ASN A 83 -14.12 2.42 0.89
C ASN A 83 -13.34 3.59 1.49
N ARG A 84 -12.41 4.04 0.71
CA ARG A 84 -11.57 5.16 1.01
C ARG A 84 -11.04 5.74 -0.28
N LYS A 85 -11.88 6.47 -0.95
CA LYS A 85 -11.55 7.10 -2.21
C LYS A 85 -10.78 8.39 -1.92
N ASP A 86 -10.97 8.84 -0.68
CA ASP A 86 -10.32 10.02 -0.11
C ASP A 86 -8.78 9.93 -0.16
N LEU A 87 -8.21 8.82 0.26
CA LEU A 87 -6.75 8.66 0.22
C LEU A 87 -6.30 8.23 -1.16
N TRP A 88 -7.17 7.55 -1.84
CA TRP A 88 -6.95 7.03 -3.17
C TRP A 88 -6.59 8.17 -4.14
N GLU A 89 -7.40 9.22 -4.13
CA GLU A 89 -7.18 10.38 -5.00
C GLU A 89 -5.91 11.14 -4.64
N ARG A 90 -5.55 11.14 -3.37
CA ARG A 90 -4.33 11.82 -2.93
C ARG A 90 -3.15 11.02 -3.46
N GLY A 91 -3.29 9.71 -3.37
CA GLY A 91 -2.31 8.76 -3.80
C GLY A 91 -2.01 8.87 -5.27
N GLN A 92 -3.02 8.78 -6.09
CA GLN A 92 -2.78 8.83 -7.50
C GLN A 92 -2.72 10.26 -8.05
N ARG A 93 -1.57 10.85 -7.86
CA ARG A 93 -1.25 12.12 -8.48
C ARG A 93 -0.49 11.77 -9.78
N GLU A 94 -0.17 10.49 -9.86
CA GLU A 94 0.58 9.87 -10.91
C GLU A 94 -0.35 8.88 -11.53
N ASP A 95 -0.29 8.75 -12.81
CA ASP A 95 -1.16 7.84 -13.52
C ASP A 95 -0.68 6.42 -13.37
N LEU A 96 -1.58 5.50 -13.59
CA LEU A 96 -1.31 4.11 -13.39
C LEU A 96 -1.74 3.30 -14.62
N VAL A 97 -2.99 3.45 -14.98
CA VAL A 97 -3.64 2.67 -16.06
C VAL A 97 -3.93 3.55 -17.29
N ARG A 98 -3.81 4.83 -17.08
CA ARG A 98 -4.31 5.87 -17.95
C ARG A 98 -5.76 6.11 -17.64
N ASP A 99 -5.94 6.79 -16.54
CA ASP A 99 -7.25 7.16 -16.05
C ASP A 99 -7.45 8.59 -16.40
N THR A 100 -8.56 8.92 -16.97
CA THR A 100 -8.75 10.26 -17.43
C THR A 100 -9.50 11.11 -16.41
N VAL A 101 -10.80 10.94 -16.32
CA VAL A 101 -11.62 11.79 -15.48
C VAL A 101 -12.71 10.99 -14.78
N GLU A 102 -13.12 11.51 -13.63
CA GLU A 102 -14.17 10.93 -12.82
C GLU A 102 -14.38 11.89 -11.64
N GLY A 1 25.96 9.56 -5.03
CA GLY A 1 25.37 10.87 -4.76
C GLY A 1 24.42 10.80 -3.59
N HIS A 2 24.48 11.78 -2.71
CA HIS A 2 23.59 11.82 -1.55
C HIS A 2 22.90 13.16 -1.42
N MET A 3 23.09 14.03 -2.39
CA MET A 3 22.52 15.37 -2.30
C MET A 3 21.30 15.48 -3.19
N LEU A 4 20.32 16.25 -2.72
CA LEU A 4 19.06 16.50 -3.41
C LEU A 4 18.16 15.29 -3.49
N ARG A 5 16.99 15.39 -2.88
CA ARG A 5 16.02 14.35 -2.96
C ARG A 5 15.27 14.46 -4.29
N THR A 6 15.73 13.73 -5.26
CA THR A 6 15.17 13.76 -6.57
C THR A 6 15.22 12.34 -7.15
N ALA A 7 14.08 11.63 -7.06
CA ALA A 7 13.89 10.27 -7.62
C ALA A 7 14.92 9.27 -7.07
N GLY A 8 15.32 9.47 -5.83
CA GLY A 8 16.28 8.60 -5.20
C GLY A 8 15.69 7.24 -4.92
N ARG A 9 14.73 7.18 -4.02
CA ARG A 9 14.10 5.92 -3.69
C ARG A 9 12.62 6.11 -3.41
N ASP A 10 12.29 6.62 -2.21
CA ASP A 10 10.89 6.87 -1.79
C ASP A 10 10.12 5.52 -1.85
N GLY A 11 8.83 5.57 -2.05
CA GLY A 11 8.05 4.38 -2.15
C GLY A 11 7.57 3.98 -0.79
N LEU A 12 8.51 3.52 0.02
CA LEU A 12 8.25 3.10 1.40
C LEU A 12 7.77 4.32 2.19
N CYS A 13 8.50 5.40 2.03
CA CYS A 13 8.23 6.67 2.68
C CYS A 13 6.81 7.14 2.31
N ARG A 14 6.54 7.16 1.02
CA ARG A 14 5.26 7.53 0.46
C ARG A 14 4.16 6.66 1.06
N LEU A 15 4.38 5.36 0.99
CA LEU A 15 3.43 4.33 1.41
C LEU A 15 2.98 4.53 2.86
N SER A 16 3.95 4.70 3.75
CA SER A 16 3.67 4.88 5.16
C SER A 16 2.87 6.18 5.41
N THR A 17 3.12 7.19 4.58
CA THR A 17 2.47 8.49 4.71
C THR A 17 0.95 8.40 4.38
N TYR A 18 0.57 7.37 3.63
CA TYR A 18 -0.82 7.13 3.32
C TYR A 18 -1.40 6.19 4.34
N LEU A 19 -0.65 5.18 4.69
CA LEU A 19 -1.09 4.19 5.64
C LEU A 19 -1.30 4.75 7.04
N GLU A 20 -0.65 5.87 7.36
CA GLU A 20 -0.83 6.54 8.65
C GLU A 20 -2.20 7.24 8.70
N GLU A 21 -2.81 7.41 7.54
CA GLU A 21 -4.13 8.03 7.42
C GLU A 21 -5.21 7.01 7.70
N LEU A 22 -4.80 5.78 7.89
CA LEU A 22 -5.71 4.70 8.17
C LEU A 22 -5.68 4.35 9.64
N GLU A 23 -6.86 4.07 10.18
CA GLU A 23 -6.97 3.64 11.56
C GLU A 23 -6.60 2.19 11.68
N ALA A 24 -6.61 1.69 12.90
CA ALA A 24 -6.36 0.29 13.16
C ALA A 24 -7.42 -0.57 12.46
N VAL A 25 -8.67 -0.07 12.49
CA VAL A 25 -9.77 -0.71 11.78
C VAL A 25 -9.52 -0.73 10.27
N GLU A 26 -9.09 0.41 9.74
CA GLU A 26 -8.85 0.54 8.30
C GLU A 26 -7.72 -0.36 7.87
N LEU A 27 -6.67 -0.38 8.67
CA LEU A 27 -5.51 -1.22 8.40
C LEU A 27 -5.90 -2.71 8.42
N LYS A 28 -6.76 -3.06 9.37
CA LYS A 28 -7.25 -4.42 9.52
C LYS A 28 -8.01 -4.85 8.26
N LYS A 29 -8.82 -3.93 7.75
CA LYS A 29 -9.63 -4.20 6.57
C LYS A 29 -8.74 -4.30 5.33
N PHE A 30 -7.78 -3.39 5.20
CA PHE A 30 -6.92 -3.36 4.04
C PHE A 30 -6.01 -4.59 3.98
N LYS A 31 -5.59 -5.06 5.14
CA LYS A 31 -4.77 -6.26 5.21
C LYS A 31 -5.56 -7.53 5.00
N LEU A 32 -6.85 -7.51 5.27
CA LEU A 32 -7.62 -8.68 4.97
C LEU A 32 -7.86 -8.73 3.49
N TYR A 33 -8.06 -7.56 2.89
CA TYR A 33 -8.30 -7.46 1.47
C TYR A 33 -7.10 -7.94 0.68
N LEU A 34 -5.97 -7.26 0.80
CA LEU A 34 -4.79 -7.61 0.01
C LEU A 34 -3.97 -8.73 0.64
N GLY A 35 -4.43 -9.23 1.75
CA GLY A 35 -3.70 -10.26 2.41
C GLY A 35 -4.19 -11.62 2.03
N THR A 36 -5.47 -11.84 2.17
CA THR A 36 -6.06 -13.15 1.84
C THR A 36 -6.81 -13.06 0.49
N ALA A 37 -6.47 -12.02 -0.26
CA ALA A 37 -7.05 -11.74 -1.59
C ALA A 37 -6.99 -12.93 -2.53
N THR A 38 -8.14 -13.39 -2.95
CA THR A 38 -8.23 -14.47 -3.90
C THR A 38 -7.86 -13.92 -5.29
N GLU A 39 -7.92 -12.61 -5.41
CA GLU A 39 -7.58 -11.90 -6.63
C GLU A 39 -6.06 -11.71 -6.76
N LEU A 40 -5.32 -12.29 -5.81
CA LEU A 40 -3.87 -12.34 -5.91
C LEU A 40 -3.49 -13.76 -6.21
N GLY A 41 -3.95 -14.67 -5.38
CA GLY A 41 -3.68 -16.07 -5.60
C GLY A 41 -2.87 -16.67 -4.50
N GLU A 42 -1.77 -16.03 -4.17
CA GLU A 42 -0.88 -16.51 -3.14
C GLU A 42 -1.46 -16.24 -1.75
N GLY A 43 -1.77 -15.00 -1.49
CA GLY A 43 -2.13 -14.60 -0.15
C GLY A 43 -0.85 -14.35 0.61
N LYS A 44 -0.21 -13.23 0.28
CA LYS A 44 1.13 -12.94 0.77
C LYS A 44 1.19 -12.63 2.25
N ILE A 45 0.15 -12.05 2.79
CA ILE A 45 0.21 -11.62 4.17
C ILE A 45 -0.26 -12.71 5.12
N PRO A 46 0.61 -13.11 6.06
CA PRO A 46 0.22 -14.01 7.12
C PRO A 46 -0.70 -13.31 8.12
N TRP A 47 -1.55 -14.11 8.70
CA TRP A 47 -2.67 -13.74 9.56
C TRP A 47 -2.26 -12.90 10.78
N GLY A 48 -1.05 -13.04 11.23
CA GLY A 48 -0.64 -12.35 12.42
C GLY A 48 0.66 -11.60 12.27
N SER A 49 0.83 -10.96 11.15
CA SER A 49 2.03 -10.15 10.93
C SER A 49 1.67 -8.67 10.93
N MET A 50 0.39 -8.42 10.90
CA MET A 50 -0.11 -7.08 10.76
C MET A 50 -1.09 -6.71 11.86
N GLU A 51 -0.98 -7.39 12.97
CA GLU A 51 -1.85 -7.11 14.09
C GLU A 51 -1.21 -6.02 14.92
N LYS A 52 0.06 -6.23 15.23
CA LYS A 52 0.84 -5.30 16.02
C LYS A 52 1.56 -4.30 15.12
N ALA A 53 1.19 -4.31 13.88
CA ALA A 53 1.81 -3.46 12.90
C ALA A 53 1.09 -2.13 12.82
N GLY A 54 1.84 -1.09 12.56
CA GLY A 54 1.31 0.22 12.38
C GLY A 54 1.66 0.65 10.98
N PRO A 55 1.44 1.92 10.60
CA PRO A 55 1.68 2.40 9.22
C PRO A 55 3.08 2.05 8.70
N LEU A 56 4.06 2.16 9.57
CA LEU A 56 5.45 1.91 9.24
C LEU A 56 5.64 0.42 8.91
N GLU A 57 5.21 -0.44 9.82
CA GLU A 57 5.36 -1.87 9.64
C GLU A 57 4.51 -2.35 8.47
N MET A 58 3.31 -1.79 8.33
CA MET A 58 2.40 -2.13 7.23
C MET A 58 3.07 -1.89 5.91
N ALA A 59 3.69 -0.73 5.78
CA ALA A 59 4.39 -0.33 4.57
C ALA A 59 5.47 -1.35 4.22
N GLN A 60 6.27 -1.71 5.21
CA GLN A 60 7.35 -2.67 5.03
C GLN A 60 6.79 -4.01 4.59
N LEU A 61 5.67 -4.39 5.18
CA LEU A 61 4.98 -5.62 4.82
C LEU A 61 4.65 -5.68 3.33
N LEU A 62 4.13 -4.60 2.75
CA LEU A 62 3.84 -4.63 1.33
C LEU A 62 5.12 -4.64 0.51
N ILE A 63 6.08 -3.84 0.92
CA ILE A 63 7.33 -3.67 0.15
C ILE A 63 8.17 -4.97 0.16
N THR A 64 8.02 -5.76 1.20
CA THR A 64 8.76 -6.99 1.33
C THR A 64 8.12 -8.13 0.53
N HIS A 65 6.81 -8.21 0.55
CA HIS A 65 6.12 -9.32 -0.11
C HIS A 65 5.86 -9.03 -1.58
N PHE A 66 5.39 -7.85 -1.87
CA PHE A 66 5.08 -7.44 -3.24
C PHE A 66 6.29 -6.86 -3.96
N GLY A 67 6.64 -5.64 -3.63
CA GLY A 67 7.73 -4.97 -4.30
C GLY A 67 7.58 -3.49 -4.15
N PRO A 68 8.52 -2.68 -4.63
CA PRO A 68 8.46 -1.22 -4.44
C PRO A 68 7.25 -0.57 -5.14
N GLU A 69 7.04 -0.91 -6.40
CA GLU A 69 5.93 -0.38 -7.15
C GLU A 69 4.64 -1.09 -6.80
N GLU A 70 4.75 -2.39 -6.66
CA GLU A 70 3.62 -3.23 -6.41
C GLU A 70 2.99 -2.93 -5.05
N ALA A 71 3.83 -2.71 -4.03
CA ALA A 71 3.37 -2.36 -2.67
C ALA A 71 2.50 -1.12 -2.68
N TRP A 72 3.00 -0.09 -3.32
CA TRP A 72 2.31 1.17 -3.41
C TRP A 72 0.98 1.02 -4.16
N ARG A 73 1.01 0.30 -5.25
CA ARG A 73 -0.18 0.09 -6.04
C ARG A 73 -1.19 -0.71 -5.23
N LEU A 74 -0.71 -1.74 -4.55
CA LEU A 74 -1.52 -2.58 -3.68
C LEU A 74 -2.22 -1.77 -2.62
N ALA A 75 -1.51 -0.88 -1.97
CA ALA A 75 -2.11 -0.07 -0.93
C ALA A 75 -3.11 0.91 -1.51
N LEU A 76 -2.71 1.68 -2.54
CA LEU A 76 -3.59 2.72 -3.09
C LEU A 76 -4.87 2.11 -3.66
N SER A 77 -4.71 1.03 -4.40
CA SER A 77 -5.82 0.37 -5.03
C SER A 77 -6.60 -0.54 -4.05
N THR A 78 -6.19 -0.58 -2.79
CA THR A 78 -6.92 -1.28 -1.76
C THR A 78 -7.65 -0.27 -0.87
N PHE A 79 -7.14 0.96 -0.82
CA PHE A 79 -7.77 2.03 -0.04
C PHE A 79 -9.21 2.20 -0.47
N GLU A 80 -9.43 2.28 -1.76
CA GLU A 80 -10.76 2.46 -2.31
C GLU A 80 -11.67 1.25 -2.01
N ARG A 81 -11.06 0.09 -1.85
CA ARG A 81 -11.78 -1.17 -1.69
C ARG A 81 -12.34 -1.29 -0.28
N ILE A 82 -11.76 -0.54 0.63
CA ILE A 82 -12.19 -0.57 2.01
C ILE A 82 -13.00 0.69 2.34
N ASN A 83 -13.49 1.33 1.26
CA ASN A 83 -14.34 2.54 1.33
C ASN A 83 -13.51 3.76 1.73
N ARG A 84 -12.26 3.74 1.34
CA ARG A 84 -11.35 4.82 1.56
C ARG A 84 -10.79 5.32 0.21
N LYS A 85 -11.69 5.78 -0.62
CA LYS A 85 -11.34 6.26 -1.94
C LYS A 85 -10.71 7.64 -1.79
N ASP A 86 -10.95 8.22 -0.63
CA ASP A 86 -10.42 9.52 -0.22
C ASP A 86 -8.89 9.55 -0.27
N LEU A 87 -8.29 8.46 0.20
CA LEU A 87 -6.85 8.35 0.28
C LEU A 87 -6.31 7.91 -1.06
N TRP A 88 -7.10 7.12 -1.73
CA TRP A 88 -6.82 6.64 -3.06
C TRP A 88 -6.63 7.83 -4.02
N GLU A 89 -7.54 8.79 -3.91
CA GLU A 89 -7.52 10.04 -4.68
C GLU A 89 -6.26 10.88 -4.39
N ARG A 90 -5.64 10.65 -3.26
CA ARG A 90 -4.44 11.37 -2.89
C ARG A 90 -3.25 10.68 -3.51
N GLY A 91 -3.43 9.40 -3.80
CA GLY A 91 -2.39 8.61 -4.43
C GLY A 91 -2.17 9.04 -5.85
N GLN A 92 -3.10 8.70 -6.71
CA GLN A 92 -3.01 9.13 -8.08
C GLN A 92 -3.78 10.42 -8.28
N ARG A 93 -3.05 11.51 -8.31
CA ARG A 93 -3.65 12.83 -8.43
C ARG A 93 -2.95 13.68 -9.48
N GLU A 94 -1.66 13.43 -9.67
CA GLU A 94 -0.87 14.23 -10.55
C GLU A 94 -0.10 13.36 -11.52
N ASP A 95 -0.01 13.82 -12.75
CA ASP A 95 0.72 13.18 -13.85
C ASP A 95 0.12 11.78 -14.13
N LEU A 96 0.79 10.98 -14.89
CA LEU A 96 0.25 9.68 -15.25
C LEU A 96 1.37 8.69 -15.50
N VAL A 97 1.09 7.42 -15.30
CA VAL A 97 2.05 6.39 -15.62
C VAL A 97 1.98 6.13 -17.12
N ARG A 98 3.11 6.06 -17.77
CA ARG A 98 3.16 5.93 -19.22
C ARG A 98 4.29 5.01 -19.63
N ASP A 99 4.22 4.56 -20.86
CA ASP A 99 5.26 3.76 -21.47
C ASP A 99 5.66 4.37 -22.81
N THR A 100 5.19 5.57 -23.06
CA THR A 100 5.48 6.21 -24.32
C THR A 100 6.63 7.23 -24.18
N VAL A 101 6.38 8.35 -23.52
CA VAL A 101 7.41 9.36 -23.36
C VAL A 101 8.04 9.26 -21.98
N GLU A 102 7.29 9.65 -20.97
CA GLU A 102 7.75 9.57 -19.62
C GLU A 102 7.05 8.44 -18.92
N GLY A 1 15.73 12.83 -8.61
CA GLY A 1 16.31 13.25 -9.88
C GLY A 1 16.96 14.60 -9.75
N HIS A 2 17.17 15.27 -10.87
CA HIS A 2 17.78 16.61 -10.96
C HIS A 2 19.25 16.57 -10.53
N MET A 3 19.48 16.47 -9.25
CA MET A 3 20.81 16.43 -8.72
C MET A 3 20.95 15.29 -7.70
N LEU A 4 19.84 14.74 -7.29
CA LEU A 4 19.85 13.61 -6.37
C LEU A 4 19.31 12.39 -7.09
N ARG A 5 20.21 11.52 -7.49
CA ARG A 5 19.86 10.33 -8.26
C ARG A 5 19.26 9.23 -7.37
N THR A 6 19.66 9.21 -6.11
CA THR A 6 19.15 8.23 -5.17
C THR A 6 17.67 8.53 -4.85
N ALA A 7 17.29 9.77 -4.95
CA ALA A 7 15.93 10.18 -4.69
C ALA A 7 15.15 10.24 -5.99
N GLY A 8 13.87 9.98 -5.91
CA GLY A 8 13.04 10.03 -7.09
C GLY A 8 12.02 8.93 -7.08
N ARG A 9 12.42 7.78 -6.61
CA ARG A 9 11.54 6.65 -6.52
C ARG A 9 11.48 6.14 -5.09
N ASP A 10 10.32 6.17 -4.51
CA ASP A 10 10.09 5.64 -3.20
C ASP A 10 8.87 4.76 -3.29
N GLY A 11 8.84 3.74 -2.51
CA GLY A 11 7.71 2.86 -2.45
C GLY A 11 7.53 2.37 -1.06
N LEU A 12 7.93 3.19 -0.12
CA LEU A 12 7.91 2.83 1.27
C LEU A 12 7.56 4.03 2.12
N CYS A 13 8.24 5.12 1.87
CA CYS A 13 8.03 6.34 2.63
C CYS A 13 6.61 6.88 2.39
N ARG A 14 6.24 7.00 1.13
CA ARG A 14 4.95 7.51 0.70
C ARG A 14 3.86 6.58 1.21
N LEU A 15 4.13 5.30 1.03
CA LEU A 15 3.28 4.21 1.42
C LEU A 15 2.95 4.30 2.91
N SER A 16 4.00 4.37 3.71
CA SER A 16 3.89 4.44 5.14
C SER A 16 3.10 5.71 5.55
N THR A 17 3.41 6.84 4.90
CA THR A 17 2.79 8.12 5.19
C THR A 17 1.24 8.08 5.04
N TYR A 18 0.76 7.42 4.00
CA TYR A 18 -0.68 7.33 3.78
C TYR A 18 -1.33 6.27 4.63
N LEU A 19 -0.63 5.18 4.88
CA LEU A 19 -1.16 4.11 5.71
C LEU A 19 -1.28 4.55 7.18
N GLU A 20 -0.57 5.62 7.54
CA GLU A 20 -0.65 6.22 8.87
C GLU A 20 -2.04 6.72 9.17
N GLU A 21 -2.74 7.13 8.14
CA GLU A 21 -4.04 7.75 8.31
C GLU A 21 -5.17 6.72 8.34
N LEU A 22 -4.82 5.46 8.40
CA LEU A 22 -5.81 4.41 8.48
C LEU A 22 -5.99 3.94 9.92
N GLU A 23 -7.24 3.70 10.29
CA GLU A 23 -7.59 3.20 11.61
C GLU A 23 -7.24 1.72 11.65
N ALA A 24 -7.36 1.10 12.80
CA ALA A 24 -7.12 -0.33 12.92
C ALA A 24 -8.13 -1.09 12.07
N VAL A 25 -9.37 -0.60 12.04
CA VAL A 25 -10.41 -1.17 11.21
C VAL A 25 -10.07 -1.02 9.72
N GLU A 26 -9.55 0.15 9.35
CA GLU A 26 -9.16 0.42 7.97
C GLU A 26 -8.01 -0.49 7.57
N LEU A 27 -7.04 -0.60 8.46
CA LEU A 27 -5.89 -1.47 8.26
C LEU A 27 -6.33 -2.92 8.16
N LYS A 28 -7.28 -3.31 8.98
CA LYS A 28 -7.86 -4.64 8.95
C LYS A 28 -8.47 -4.94 7.59
N LYS A 29 -9.23 -3.97 7.05
CA LYS A 29 -9.89 -4.11 5.74
C LYS A 29 -8.82 -4.29 4.68
N PHE A 30 -7.90 -3.33 4.67
CA PHE A 30 -6.76 -3.27 3.78
C PHE A 30 -5.98 -4.59 3.80
N LYS A 31 -5.70 -5.05 4.98
CA LYS A 31 -4.96 -6.27 5.19
C LYS A 31 -5.73 -7.51 4.70
N LEU A 32 -7.01 -7.60 4.99
CA LEU A 32 -7.76 -8.79 4.60
C LEU A 32 -7.97 -8.84 3.09
N TYR A 33 -8.08 -7.66 2.51
CA TYR A 33 -8.34 -7.51 1.10
C TYR A 33 -7.11 -7.85 0.24
N LEU A 34 -5.92 -7.75 0.80
CA LEU A 34 -4.73 -8.05 0.01
C LEU A 34 -3.86 -9.16 0.58
N GLY A 35 -3.90 -9.36 1.87
CA GLY A 35 -3.00 -10.31 2.49
C GLY A 35 -3.47 -11.75 2.38
N THR A 36 -4.69 -11.98 2.75
CA THR A 36 -5.27 -13.31 2.71
C THR A 36 -6.29 -13.35 1.57
N ALA A 37 -6.09 -12.43 0.64
CA ALA A 37 -6.97 -12.25 -0.50
C ALA A 37 -7.00 -13.49 -1.37
N THR A 38 -8.19 -13.88 -1.72
CA THR A 38 -8.43 -15.02 -2.56
C THR A 38 -7.95 -14.70 -3.97
N GLU A 39 -8.18 -13.46 -4.35
CA GLU A 39 -7.85 -12.95 -5.68
C GLU A 39 -6.35 -12.94 -5.92
N LEU A 40 -5.60 -12.82 -4.86
CA LEU A 40 -4.16 -12.72 -4.95
C LEU A 40 -3.55 -14.10 -5.08
N GLY A 41 -4.34 -15.10 -4.79
CA GLY A 41 -3.88 -16.45 -4.86
C GLY A 41 -3.28 -16.86 -3.55
N GLU A 42 -4.13 -17.39 -2.67
CA GLU A 42 -3.79 -17.89 -1.35
C GLU A 42 -3.44 -16.74 -0.39
N GLY A 43 -2.36 -16.08 -0.66
CA GLY A 43 -1.94 -15.01 0.16
C GLY A 43 -0.46 -15.00 0.32
N LYS A 44 0.17 -13.97 -0.18
CA LYS A 44 1.63 -13.84 -0.11
C LYS A 44 2.07 -13.27 1.23
N ILE A 45 1.11 -12.91 2.03
CA ILE A 45 1.34 -12.36 3.33
C ILE A 45 1.26 -13.47 4.38
N PRO A 46 2.23 -13.51 5.33
CA PRO A 46 2.20 -14.46 6.44
C PRO A 46 0.91 -14.32 7.26
N TRP A 47 0.31 -15.47 7.57
CA TRP A 47 -1.02 -15.65 8.21
C TRP A 47 -1.43 -14.58 9.24
N GLY A 48 -0.51 -14.17 10.08
CA GLY A 48 -0.86 -13.21 11.09
C GLY A 48 0.32 -12.40 11.56
N SER A 49 1.16 -11.97 10.65
CA SER A 49 2.28 -11.13 11.03
C SER A 49 1.78 -9.70 11.14
N MET A 50 0.85 -9.39 10.29
CA MET A 50 0.31 -8.05 10.13
C MET A 50 -0.77 -7.70 11.15
N GLU A 51 -0.89 -8.50 12.19
CA GLU A 51 -1.81 -8.20 13.27
C GLU A 51 -1.27 -7.08 14.13
N LYS A 52 0.01 -7.19 14.42
CA LYS A 52 0.73 -6.20 15.22
C LYS A 52 1.10 -5.00 14.37
N ALA A 53 1.07 -5.22 13.07
CA ALA A 53 1.55 -4.27 12.10
C ALA A 53 0.70 -3.01 12.04
N GLY A 54 1.38 -1.91 12.04
CA GLY A 54 0.75 -0.64 11.89
C GLY A 54 1.22 -0.04 10.60
N PRO A 55 1.11 1.28 10.40
CA PRO A 55 1.47 1.94 9.14
C PRO A 55 2.88 1.62 8.65
N LEU A 56 3.83 1.63 9.56
CA LEU A 56 5.22 1.39 9.21
C LEU A 56 5.44 -0.05 8.84
N GLU A 57 4.98 -0.96 9.68
CA GLU A 57 5.15 -2.39 9.44
C GLU A 57 4.36 -2.85 8.23
N MET A 58 3.19 -2.25 8.01
CA MET A 58 2.38 -2.55 6.83
C MET A 58 3.10 -2.14 5.59
N ALA A 59 3.68 -0.95 5.61
CA ALA A 59 4.43 -0.47 4.47
C ALA A 59 5.59 -1.43 4.14
N GLN A 60 6.23 -1.93 5.17
CA GLN A 60 7.32 -2.86 5.02
C GLN A 60 6.80 -4.21 4.53
N LEU A 61 5.62 -4.56 4.98
CA LEU A 61 4.95 -5.81 4.63
C LEU A 61 4.78 -5.87 3.11
N LEU A 62 4.10 -4.88 2.57
CA LEU A 62 3.83 -4.80 1.15
C LEU A 62 5.13 -4.67 0.34
N ILE A 63 6.05 -3.86 0.83
CA ILE A 63 7.31 -3.60 0.10
C ILE A 63 8.18 -4.89 0.02
N THR A 64 8.07 -5.74 1.01
CA THR A 64 8.87 -6.94 1.04
C THR A 64 8.30 -8.02 0.10
N HIS A 65 6.99 -8.16 0.08
CA HIS A 65 6.38 -9.22 -0.68
C HIS A 65 6.07 -8.82 -2.11
N PHE A 66 5.54 -7.64 -2.30
CA PHE A 66 5.20 -7.15 -3.62
C PHE A 66 6.37 -6.45 -4.30
N GLY A 67 6.79 -5.34 -3.76
CA GLY A 67 7.86 -4.57 -4.35
C GLY A 67 7.60 -3.12 -4.08
N PRO A 68 8.52 -2.22 -4.41
CA PRO A 68 8.36 -0.78 -4.12
C PRO A 68 7.15 -0.16 -4.80
N GLU A 69 7.05 -0.32 -6.10
CA GLU A 69 5.97 0.29 -6.85
C GLU A 69 4.71 -0.53 -6.65
N GLU A 70 4.90 -1.82 -6.52
CA GLU A 70 3.80 -2.75 -6.38
C GLU A 70 3.10 -2.53 -5.03
N ALA A 71 3.89 -2.35 -3.97
CA ALA A 71 3.38 -2.08 -2.61
C ALA A 71 2.52 -0.85 -2.59
N TRP A 72 3.05 0.23 -3.14
CA TRP A 72 2.34 1.49 -3.20
C TRP A 72 1.04 1.35 -3.98
N ARG A 73 1.12 0.64 -5.09
CA ARG A 73 -0.02 0.40 -5.93
C ARG A 73 -1.07 -0.42 -5.16
N LEU A 74 -0.61 -1.47 -4.47
CA LEU A 74 -1.47 -2.32 -3.65
C LEU A 74 -2.20 -1.52 -2.60
N ALA A 75 -1.53 -0.56 -1.99
CA ALA A 75 -2.14 0.24 -0.96
C ALA A 75 -3.19 1.16 -1.54
N LEU A 76 -2.80 1.99 -2.49
CA LEU A 76 -3.72 2.98 -3.04
C LEU A 76 -4.90 2.30 -3.71
N SER A 77 -4.65 1.21 -4.41
CA SER A 77 -5.71 0.56 -5.14
C SER A 77 -6.58 -0.30 -4.21
N THR A 78 -6.20 -0.40 -2.95
CA THR A 78 -7.03 -1.03 -1.97
C THR A 78 -7.83 0.05 -1.23
N PHE A 79 -7.28 1.28 -1.20
CA PHE A 79 -7.97 2.40 -0.59
C PHE A 79 -9.33 2.61 -1.29
N GLU A 80 -9.30 2.57 -2.62
CA GLU A 80 -10.51 2.73 -3.47
C GLU A 80 -11.54 1.57 -3.29
N ARG A 81 -11.15 0.56 -2.52
CA ARG A 81 -11.99 -0.63 -2.32
C ARG A 81 -12.64 -0.61 -0.95
N ILE A 82 -11.84 -0.35 0.06
CA ILE A 82 -12.26 -0.40 1.47
C ILE A 82 -12.99 0.88 1.92
N ASN A 83 -13.42 1.65 0.93
CA ASN A 83 -14.02 2.97 1.09
C ASN A 83 -13.03 3.91 1.71
N ARG A 84 -12.02 4.17 0.97
CA ARG A 84 -10.97 5.04 1.37
C ARG A 84 -10.45 5.73 0.12
N LYS A 85 -11.42 6.10 -0.72
CA LYS A 85 -11.17 6.79 -1.97
C LYS A 85 -10.60 8.16 -1.61
N ASP A 86 -10.95 8.56 -0.41
CA ASP A 86 -10.47 9.74 0.28
C ASP A 86 -8.93 9.85 0.24
N LEU A 87 -8.23 8.74 0.51
CA LEU A 87 -6.76 8.76 0.47
C LEU A 87 -6.26 8.23 -0.85
N TRP A 88 -7.12 7.55 -1.57
CA TRP A 88 -6.81 7.05 -2.88
C TRP A 88 -6.57 8.22 -3.82
N GLU A 89 -7.47 9.19 -3.79
CA GLU A 89 -7.36 10.39 -4.62
C GLU A 89 -6.16 11.26 -4.19
N ARG A 90 -5.68 11.00 -3.00
CA ARG A 90 -4.48 11.63 -2.48
C ARG A 90 -3.24 11.04 -3.14
N GLY A 91 -3.28 9.73 -3.37
CA GLY A 91 -2.18 9.07 -4.04
C GLY A 91 -2.27 9.23 -5.54
N GLN A 92 -3.50 9.19 -6.02
CA GLN A 92 -3.82 9.31 -7.41
C GLN A 92 -3.71 10.73 -7.92
N ARG A 93 -2.52 11.12 -8.15
CA ARG A 93 -2.26 12.36 -8.78
C ARG A 93 -2.00 12.07 -10.25
N GLU A 94 -3.03 12.22 -11.02
CA GLU A 94 -2.94 11.95 -12.42
C GLU A 94 -3.00 13.23 -13.21
N ASP A 95 -3.27 14.31 -12.52
CA ASP A 95 -3.24 15.62 -13.13
C ASP A 95 -1.89 16.25 -12.79
N LEU A 96 -1.65 17.43 -13.28
CA LEU A 96 -0.36 18.08 -13.12
C LEU A 96 -0.27 18.94 -11.86
N VAL A 97 -1.38 19.20 -11.23
CA VAL A 97 -1.38 20.14 -10.12
C VAL A 97 -1.55 19.40 -8.78
N ARG A 98 -2.77 18.99 -8.53
CA ARG A 98 -3.26 18.37 -7.30
C ARG A 98 -4.76 18.51 -7.38
N ASP A 99 -5.45 18.20 -6.33
CA ASP A 99 -6.89 18.43 -6.28
C ASP A 99 -7.17 19.92 -6.46
N THR A 100 -7.72 20.30 -7.60
CA THR A 100 -7.94 21.70 -7.89
C THR A 100 -9.45 21.98 -8.12
N VAL A 101 -10.28 21.07 -7.67
CA VAL A 101 -11.71 21.27 -7.81
C VAL A 101 -12.22 22.03 -6.60
N GLU A 102 -13.32 22.71 -6.77
CA GLU A 102 -13.89 23.50 -5.71
C GLU A 102 -15.18 22.87 -5.24
N GLY A 1 23.08 -0.56 0.81
CA GLY A 1 22.43 -1.85 0.67
C GLY A 1 22.81 -2.75 1.80
N HIS A 2 21.97 -3.77 2.06
CA HIS A 2 22.20 -4.83 3.08
C HIS A 2 22.51 -4.30 4.48
N MET A 3 23.79 -4.00 4.71
CA MET A 3 24.28 -3.48 6.00
C MET A 3 23.67 -2.10 6.30
N LEU A 4 23.34 -1.40 5.26
CA LEU A 4 22.69 -0.12 5.35
C LEU A 4 21.57 -0.14 4.35
N ARG A 5 20.39 -0.43 4.79
CA ARG A 5 19.26 -0.50 3.89
C ARG A 5 18.91 0.87 3.35
N THR A 6 18.74 0.94 2.05
CA THR A 6 18.43 2.15 1.37
C THR A 6 16.99 2.57 1.75
N ALA A 7 16.89 3.53 2.63
CA ALA A 7 15.61 3.97 3.14
C ALA A 7 14.99 5.04 2.25
N GLY A 8 15.78 5.61 1.36
CA GLY A 8 15.28 6.62 0.46
C GLY A 8 14.64 6.00 -0.77
N ARG A 9 13.68 5.14 -0.55
CA ARG A 9 13.00 4.45 -1.63
C ARG A 9 11.71 5.12 -2.00
N ASP A 10 11.37 5.00 -3.26
CA ASP A 10 10.14 5.53 -3.74
C ASP A 10 9.05 4.55 -3.39
N GLY A 11 7.89 5.03 -3.08
CA GLY A 11 6.83 4.14 -2.75
C GLY A 11 6.76 3.95 -1.27
N LEU A 12 7.81 3.37 -0.70
CA LEU A 12 7.90 3.05 0.74
C LEU A 12 7.58 4.27 1.63
N CYS A 13 8.25 5.35 1.35
CA CYS A 13 8.12 6.57 2.15
C CYS A 13 6.80 7.31 1.87
N ARG A 14 6.10 6.88 0.85
CA ARG A 14 4.81 7.45 0.50
C ARG A 14 3.74 6.58 1.15
N LEU A 15 3.97 5.30 1.03
CA LEU A 15 3.15 4.22 1.50
C LEU A 15 2.86 4.36 2.99
N SER A 16 3.90 4.50 3.78
CA SER A 16 3.77 4.57 5.22
C SER A 16 2.97 5.81 5.64
N THR A 17 3.19 6.89 4.93
CA THR A 17 2.57 8.16 5.21
C THR A 17 1.05 8.15 4.83
N TYR A 18 0.66 7.31 3.89
CA TYR A 18 -0.75 7.19 3.58
C TYR A 18 -1.41 6.17 4.48
N LEU A 19 -0.71 5.09 4.79
CA LEU A 19 -1.23 4.03 5.64
C LEU A 19 -1.47 4.52 7.07
N GLU A 20 -0.69 5.49 7.52
CA GLU A 20 -0.85 6.03 8.87
C GLU A 20 -2.15 6.81 9.02
N GLU A 21 -2.73 7.22 7.90
CA GLU A 21 -3.96 7.96 7.92
C GLU A 21 -5.17 7.03 7.94
N LEU A 22 -4.92 5.74 7.88
CA LEU A 22 -6.00 4.79 7.96
C LEU A 22 -6.30 4.47 9.39
N GLU A 23 -7.50 4.11 9.62
CA GLU A 23 -7.94 3.66 10.89
C GLU A 23 -7.43 2.26 11.11
N ALA A 24 -7.44 1.80 12.34
CA ALA A 24 -7.03 0.44 12.65
C ALA A 24 -7.98 -0.53 11.99
N VAL A 25 -9.26 -0.14 11.97
CA VAL A 25 -10.26 -0.94 11.28
C VAL A 25 -10.01 -0.95 9.76
N GLU A 26 -9.48 0.15 9.23
CA GLU A 26 -9.17 0.26 7.82
C GLU A 26 -7.93 -0.54 7.48
N LEU A 27 -6.94 -0.49 8.37
CA LEU A 27 -5.71 -1.26 8.23
C LEU A 27 -6.04 -2.75 8.28
N LYS A 28 -7.00 -3.09 9.11
CA LYS A 28 -7.49 -4.44 9.24
C LYS A 28 -8.14 -4.88 7.92
N LYS A 29 -8.94 -3.99 7.33
CA LYS A 29 -9.58 -4.25 6.04
C LYS A 29 -8.51 -4.46 4.98
N PHE A 30 -7.62 -3.50 4.93
CA PHE A 30 -6.51 -3.44 4.01
C PHE A 30 -5.68 -4.73 3.99
N LYS A 31 -5.32 -5.24 5.15
CA LYS A 31 -4.51 -6.45 5.19
C LYS A 31 -5.28 -7.71 4.87
N LEU A 32 -6.57 -7.73 5.16
CA LEU A 32 -7.32 -8.91 4.82
C LEU A 32 -7.65 -8.88 3.37
N TYR A 33 -7.81 -7.68 2.84
CA TYR A 33 -8.11 -7.53 1.46
C TYR A 33 -6.95 -8.04 0.63
N LEU A 34 -5.84 -7.34 0.66
CA LEU A 34 -4.70 -7.71 -0.18
C LEU A 34 -3.95 -8.93 0.33
N GLY A 35 -4.24 -9.32 1.53
CA GLY A 35 -3.61 -10.47 2.07
C GLY A 35 -4.32 -11.73 1.67
N THR A 36 -5.60 -11.62 1.36
CA THR A 36 -6.36 -12.80 0.90
C THR A 36 -6.79 -12.66 -0.57
N ALA A 37 -6.61 -11.46 -1.11
CA ALA A 37 -7.04 -11.08 -2.47
C ALA A 37 -6.67 -12.07 -3.55
N THR A 38 -7.67 -12.51 -4.23
CA THR A 38 -7.49 -13.45 -5.28
C THR A 38 -7.13 -12.76 -6.59
N GLU A 39 -7.23 -11.43 -6.62
CA GLU A 39 -6.86 -10.65 -7.81
C GLU A 39 -5.32 -10.60 -7.92
N LEU A 40 -4.66 -10.89 -6.82
CA LEU A 40 -3.22 -10.96 -6.79
C LEU A 40 -2.77 -12.39 -6.75
N GLY A 41 -3.64 -13.21 -6.29
CA GLY A 41 -3.43 -14.62 -6.33
C GLY A 41 -4.00 -15.33 -5.15
N GLU A 42 -3.14 -15.81 -4.32
CA GLU A 42 -3.51 -16.52 -3.12
C GLU A 42 -3.46 -15.57 -1.95
N GLY A 43 -2.47 -14.71 -1.97
CA GLY A 43 -2.26 -13.82 -0.91
C GLY A 43 -0.82 -13.81 -0.55
N LYS A 44 -0.19 -12.66 -0.66
CA LYS A 44 1.22 -12.54 -0.33
C LYS A 44 1.44 -12.33 1.16
N ILE A 45 0.38 -12.11 1.90
CA ILE A 45 0.51 -11.84 3.30
C ILE A 45 0.12 -13.06 4.14
N PRO A 46 1.03 -13.54 4.99
CA PRO A 46 0.74 -14.61 5.93
C PRO A 46 -0.28 -14.20 7.02
N TRP A 47 -0.78 -15.21 7.69
CA TRP A 47 -1.87 -15.14 8.66
C TRP A 47 -1.56 -14.31 9.92
N GLY A 48 -0.29 -14.17 10.27
CA GLY A 48 0.02 -13.48 11.50
C GLY A 48 1.21 -12.54 11.41
N SER A 49 1.32 -11.84 10.32
CA SER A 49 2.41 -10.89 10.17
C SER A 49 1.87 -9.47 10.16
N MET A 50 0.57 -9.35 10.28
CA MET A 50 -0.11 -8.08 10.15
C MET A 50 -1.18 -7.88 11.20
N GLU A 51 -1.02 -8.52 12.34
CA GLU A 51 -1.98 -8.37 13.42
C GLU A 51 -1.64 -7.16 14.25
N LYS A 52 -0.43 -7.12 14.76
CA LYS A 52 0.02 -6.03 15.61
C LYS A 52 0.92 -5.09 14.83
N ALA A 53 0.81 -5.17 13.53
CA ALA A 53 1.62 -4.36 12.65
C ALA A 53 0.93 -3.03 12.39
N GLY A 54 1.67 -1.96 12.50
CA GLY A 54 1.12 -0.67 12.28
C GLY A 54 1.51 -0.15 10.91
N PRO A 55 1.28 1.14 10.65
CA PRO A 55 1.51 1.79 9.34
C PRO A 55 2.90 1.53 8.76
N LEU A 56 3.92 1.66 9.59
CA LEU A 56 5.31 1.48 9.13
C LEU A 56 5.59 0.03 8.83
N GLU A 57 5.16 -0.83 9.72
CA GLU A 57 5.35 -2.26 9.58
C GLU A 57 4.60 -2.78 8.37
N MET A 58 3.41 -2.26 8.14
CA MET A 58 2.60 -2.61 6.98
C MET A 58 3.29 -2.16 5.71
N ALA A 59 3.86 -0.97 5.73
CA ALA A 59 4.58 -0.45 4.58
C ALA A 59 5.75 -1.35 4.24
N GLN A 60 6.51 -1.73 5.24
CA GLN A 60 7.66 -2.59 5.07
C GLN A 60 7.21 -4.00 4.69
N LEU A 61 6.06 -4.40 5.19
CA LEU A 61 5.45 -5.69 4.91
C LEU A 61 5.20 -5.79 3.41
N LEU A 62 4.42 -4.85 2.90
CA LEU A 62 4.08 -4.77 1.49
C LEU A 62 5.33 -4.66 0.63
N ILE A 63 6.28 -3.84 1.05
CA ILE A 63 7.51 -3.61 0.28
C ILE A 63 8.36 -4.92 0.20
N THR A 64 8.26 -5.75 1.22
CA THR A 64 9.00 -7.00 1.25
C THR A 64 8.31 -8.07 0.38
N HIS A 65 7.00 -8.15 0.46
CA HIS A 65 6.28 -9.18 -0.27
C HIS A 65 6.00 -8.80 -1.71
N PHE A 66 5.45 -7.62 -1.90
CA PHE A 66 5.12 -7.11 -3.22
C PHE A 66 6.33 -6.47 -3.90
N GLY A 67 6.81 -5.39 -3.36
CA GLY A 67 7.92 -4.68 -3.96
C GLY A 67 7.75 -3.19 -3.75
N PRO A 68 8.67 -2.35 -4.22
CA PRO A 68 8.62 -0.89 -3.99
C PRO A 68 7.35 -0.22 -4.55
N GLU A 69 7.15 -0.32 -5.84
CA GLU A 69 6.02 0.31 -6.47
C GLU A 69 4.80 -0.57 -6.32
N GLU A 70 5.03 -1.86 -6.20
CA GLU A 70 3.96 -2.82 -6.07
C GLU A 70 3.26 -2.61 -4.72
N ALA A 71 4.04 -2.37 -3.66
CA ALA A 71 3.50 -2.08 -2.33
C ALA A 71 2.61 -0.86 -2.36
N TRP A 72 3.11 0.21 -2.97
CA TRP A 72 2.37 1.44 -3.08
C TRP A 72 1.08 1.22 -3.87
N ARG A 73 1.23 0.55 -4.99
CA ARG A 73 0.13 0.23 -5.86
C ARG A 73 -0.94 -0.52 -5.07
N LEU A 74 -0.51 -1.55 -4.39
CA LEU A 74 -1.36 -2.39 -3.56
C LEU A 74 -2.13 -1.59 -2.53
N ALA A 75 -1.46 -0.71 -1.82
CA ALA A 75 -2.13 0.07 -0.79
C ALA A 75 -3.18 1.00 -1.36
N LEU A 76 -2.80 1.79 -2.38
CA LEU A 76 -3.74 2.75 -2.95
C LEU A 76 -4.91 2.01 -3.59
N SER A 77 -4.60 0.91 -4.23
CA SER A 77 -5.57 0.09 -4.91
C SER A 77 -6.36 -0.79 -3.92
N THR A 78 -6.11 -0.60 -2.65
CA THR A 78 -6.88 -1.23 -1.63
C THR A 78 -7.68 -0.16 -0.87
N PHE A 79 -7.16 1.10 -0.86
CA PHE A 79 -7.85 2.23 -0.24
C PHE A 79 -9.25 2.34 -0.81
N GLU A 80 -9.34 2.42 -2.13
CA GLU A 80 -10.60 2.51 -2.87
C GLU A 80 -11.56 1.36 -2.50
N ARG A 81 -11.00 0.20 -2.23
CA ARG A 81 -11.75 -1.02 -1.95
C ARG A 81 -12.31 -0.98 -0.54
N ILE A 82 -11.51 -0.48 0.38
CA ILE A 82 -11.88 -0.45 1.79
C ILE A 82 -12.67 0.81 2.14
N ASN A 83 -13.26 1.43 1.11
CA ASN A 83 -14.12 2.61 1.21
C ASN A 83 -13.35 3.85 1.56
N ARG A 84 -12.09 3.82 1.24
CA ARG A 84 -11.23 4.92 1.44
C ARG A 84 -10.81 5.50 0.08
N LYS A 85 -11.76 6.09 -0.59
CA LYS A 85 -11.51 6.68 -1.88
C LYS A 85 -10.90 8.06 -1.67
N ASP A 86 -11.10 8.55 -0.46
CA ASP A 86 -10.54 9.79 0.08
C ASP A 86 -9.02 9.85 -0.10
N LEU A 87 -8.32 8.84 0.40
CA LEU A 87 -6.86 8.80 0.29
C LEU A 87 -6.45 8.24 -1.05
N TRP A 88 -7.34 7.54 -1.69
CA TRP A 88 -7.10 6.93 -2.97
C TRP A 88 -6.82 8.00 -4.03
N GLU A 89 -7.69 8.98 -4.10
CA GLU A 89 -7.56 10.09 -5.05
C GLU A 89 -6.33 10.94 -4.75
N ARG A 90 -5.89 10.89 -3.51
CA ARG A 90 -4.70 11.59 -3.08
C ARG A 90 -3.47 10.79 -3.48
N GLY A 91 -3.63 9.48 -3.57
CA GLY A 91 -2.56 8.59 -3.93
C GLY A 91 -2.32 8.52 -5.41
N GLN A 92 -3.37 8.75 -6.18
CA GLN A 92 -3.29 8.73 -7.64
C GLN A 92 -2.31 9.75 -8.14
N ARG A 93 -1.24 9.27 -8.73
CA ARG A 93 -0.25 10.15 -9.28
C ARG A 93 -0.78 10.63 -10.62
N GLU A 94 -1.53 9.77 -11.27
CA GLU A 94 -2.21 10.12 -12.48
C GLU A 94 -3.66 10.38 -12.14
N ASP A 95 -3.97 11.62 -11.90
CA ASP A 95 -5.32 12.06 -11.44
C ASP A 95 -6.37 11.79 -12.48
N LEU A 96 -6.01 12.08 -13.65
CA LEU A 96 -6.87 11.93 -14.82
C LEU A 96 -6.65 10.59 -15.49
N VAL A 97 -5.69 9.85 -14.94
CA VAL A 97 -5.25 8.56 -15.46
C VAL A 97 -4.57 8.71 -16.83
N ARG A 98 -5.37 8.82 -17.89
CA ARG A 98 -4.85 8.89 -19.24
C ARG A 98 -5.83 9.67 -20.11
N ASP A 99 -5.34 10.09 -21.27
CA ASP A 99 -6.14 10.68 -22.36
C ASP A 99 -6.79 12.03 -21.95
N THR A 100 -7.62 12.52 -22.82
CA THR A 100 -8.37 13.73 -22.65
C THR A 100 -9.87 13.44 -22.88
N VAL A 101 -10.16 12.50 -23.76
CA VAL A 101 -11.53 12.19 -24.07
C VAL A 101 -11.92 10.83 -23.49
N GLU A 102 -13.18 10.59 -23.37
CA GLU A 102 -13.66 9.37 -22.82
C GLU A 102 -14.72 8.82 -23.75
N GLY A 1 26.91 17.46 4.86
CA GLY A 1 26.36 16.60 3.81
C GLY A 1 27.42 15.65 3.30
N HIS A 2 27.21 15.09 2.10
CA HIS A 2 28.10 14.12 1.45
C HIS A 2 27.99 12.76 2.17
N MET A 3 28.49 12.71 3.37
CA MET A 3 28.37 11.54 4.21
C MET A 3 27.57 11.87 5.42
N LEU A 4 26.32 11.55 5.35
CA LEU A 4 25.38 11.80 6.43
C LEU A 4 24.63 10.53 6.78
N ARG A 5 25.02 9.44 6.09
CA ARG A 5 24.45 8.10 6.25
C ARG A 5 22.95 8.14 5.99
N THR A 6 22.58 8.01 4.76
CA THR A 6 21.21 8.13 4.38
C THR A 6 20.76 6.91 3.59
N ALA A 7 19.47 6.77 3.49
CA ALA A 7 18.80 5.76 2.73
C ALA A 7 17.49 6.38 2.28
N GLY A 8 17.53 7.68 2.08
CA GLY A 8 16.37 8.46 1.71
C GLY A 8 15.86 8.18 0.31
N ARG A 9 14.90 7.31 0.23
CA ARG A 9 14.24 6.96 -1.02
C ARG A 9 12.74 6.93 -0.79
N ASP A 10 11.99 7.38 -1.75
CA ASP A 10 10.55 7.43 -1.58
C ASP A 10 9.91 6.14 -2.08
N GLY A 11 8.72 5.90 -1.65
CA GLY A 11 8.03 4.68 -1.93
C GLY A 11 7.57 4.09 -0.62
N LEU A 12 8.53 3.55 0.11
CA LEU A 12 8.31 2.97 1.44
C LEU A 12 7.77 4.07 2.35
N CYS A 13 8.42 5.20 2.29
CA CYS A 13 8.10 6.36 3.06
C CYS A 13 6.66 6.82 2.78
N ARG A 14 6.30 6.83 1.49
CA ARG A 14 4.99 7.25 1.03
C ARG A 14 3.92 6.34 1.61
N LEU A 15 4.22 5.04 1.63
CA LEU A 15 3.33 4.02 2.18
C LEU A 15 2.95 4.38 3.60
N SER A 16 3.95 4.67 4.40
CA SER A 16 3.75 4.99 5.80
C SER A 16 2.88 6.24 5.95
N THR A 17 3.18 7.28 5.17
CA THR A 17 2.46 8.55 5.23
C THR A 17 0.95 8.39 4.86
N TYR A 18 0.62 7.37 4.12
CA TYR A 18 -0.76 7.11 3.78
C TYR A 18 -1.40 6.13 4.74
N LEU A 19 -0.67 5.11 5.10
CA LEU A 19 -1.19 4.08 5.99
C LEU A 19 -1.35 4.57 7.43
N GLU A 20 -0.62 5.64 7.78
CA GLU A 20 -0.75 6.26 9.11
C GLU A 20 -2.11 6.98 9.23
N GLU A 21 -2.72 7.25 8.09
CA GLU A 21 -4.00 7.90 8.04
C GLU A 21 -5.10 6.91 8.30
N LEU A 22 -4.76 5.65 8.30
CA LEU A 22 -5.73 4.59 8.46
C LEU A 22 -5.75 4.09 9.89
N GLU A 23 -6.92 4.05 10.46
CA GLU A 23 -7.11 3.54 11.80
C GLU A 23 -7.19 2.01 11.77
N ALA A 24 -7.40 1.38 12.93
CA ALA A 24 -7.44 -0.07 13.07
C ALA A 24 -8.42 -0.71 12.10
N VAL A 25 -9.66 -0.21 12.05
CA VAL A 25 -10.67 -0.77 11.15
C VAL A 25 -10.27 -0.58 9.68
N GLU A 26 -9.62 0.53 9.36
CA GLU A 26 -9.23 0.81 8.01
C GLU A 26 -8.12 -0.13 7.58
N LEU A 27 -7.16 -0.33 8.48
CA LEU A 27 -6.08 -1.27 8.25
C LEU A 27 -6.63 -2.68 8.15
N LYS A 28 -7.59 -2.98 8.99
CA LYS A 28 -8.27 -4.27 9.01
C LYS A 28 -8.88 -4.59 7.64
N LYS A 29 -9.57 -3.60 7.07
CA LYS A 29 -10.20 -3.75 5.76
C LYS A 29 -9.15 -3.95 4.67
N PHE A 30 -8.15 -3.09 4.69
CA PHE A 30 -7.05 -3.12 3.72
C PHE A 30 -6.28 -4.46 3.81
N LYS A 31 -6.10 -4.93 5.01
CA LYS A 31 -5.40 -6.17 5.29
C LYS A 31 -6.16 -7.38 4.77
N LEU A 32 -7.48 -7.40 4.94
CA LEU A 32 -8.27 -8.54 4.48
C LEU A 32 -8.36 -8.55 2.96
N TYR A 33 -8.19 -7.39 2.35
CA TYR A 33 -8.29 -7.30 0.93
C TYR A 33 -7.03 -7.83 0.23
N LEU A 34 -5.88 -7.74 0.88
CA LEU A 34 -4.66 -8.15 0.19
C LEU A 34 -3.90 -9.30 0.86
N GLY A 35 -4.07 -9.47 2.15
CA GLY A 35 -3.25 -10.42 2.84
C GLY A 35 -3.78 -11.84 2.79
N THR A 36 -5.06 -12.00 2.99
CA THR A 36 -5.69 -13.32 3.04
C THR A 36 -6.66 -13.45 1.86
N ALA A 37 -6.43 -12.63 0.86
CA ALA A 37 -7.29 -12.54 -0.30
C ALA A 37 -7.09 -13.67 -1.27
N THR A 38 -8.18 -14.19 -1.73
CA THR A 38 -8.21 -15.27 -2.67
C THR A 38 -7.77 -14.77 -4.06
N GLU A 39 -7.98 -13.48 -4.29
CA GLU A 39 -7.61 -12.85 -5.57
C GLU A 39 -6.10 -12.60 -5.68
N LEU A 40 -5.38 -12.96 -4.65
CA LEU A 40 -3.94 -12.90 -4.62
C LEU A 40 -3.38 -14.30 -4.79
N GLY A 41 -4.26 -15.19 -5.16
CA GLY A 41 -3.94 -16.58 -5.34
C GLY A 41 -4.33 -17.35 -4.11
N GLU A 42 -3.73 -16.98 -3.03
CA GLU A 42 -4.02 -17.51 -1.73
C GLU A 42 -3.88 -16.39 -0.72
N GLY A 43 -2.81 -15.68 -0.85
CA GLY A 43 -2.50 -14.62 0.03
C GLY A 43 -1.02 -14.53 0.16
N LYS A 44 -0.47 -13.43 -0.26
CA LYS A 44 0.97 -13.30 -0.31
C LYS A 44 1.55 -12.92 1.03
N ILE A 45 0.70 -12.65 1.97
CA ILE A 45 1.15 -12.24 3.26
C ILE A 45 1.09 -13.44 4.22
N PRO A 46 2.18 -13.70 4.96
CA PRO A 46 2.23 -14.78 5.93
C PRO A 46 1.27 -14.58 7.13
N TRP A 47 0.26 -15.44 7.15
CA TRP A 47 -0.75 -15.71 8.21
C TRP A 47 -1.08 -14.57 9.19
N GLY A 48 -0.13 -14.21 10.00
CA GLY A 48 -0.40 -13.24 11.05
C GLY A 48 0.67 -12.18 11.18
N SER A 49 1.49 -12.03 10.16
CA SER A 49 2.55 -11.05 10.18
C SER A 49 1.96 -9.63 10.20
N MET A 50 0.86 -9.45 9.49
CA MET A 50 0.18 -8.16 9.41
C MET A 50 -0.78 -7.94 10.56
N GLU A 51 -1.00 -8.97 11.33
CA GLU A 51 -1.88 -8.90 12.48
C GLU A 51 -1.25 -8.09 13.58
N LYS A 52 0.04 -8.14 13.62
CA LYS A 52 0.81 -7.45 14.64
C LYS A 52 1.56 -6.28 13.98
N ALA A 53 1.04 -5.81 12.86
CA ALA A 53 1.70 -4.78 12.10
C ALA A 53 0.92 -3.48 12.10
N GLY A 54 1.65 -2.37 12.06
CA GLY A 54 1.05 -1.06 12.01
C GLY A 54 1.43 -0.39 10.71
N PRO A 55 1.19 0.92 10.54
CA PRO A 55 1.41 1.63 9.26
C PRO A 55 2.82 1.45 8.67
N LEU A 56 3.81 1.61 9.51
CA LEU A 56 5.21 1.50 9.07
C LEU A 56 5.59 0.06 8.81
N GLU A 57 5.00 -0.85 9.57
CA GLU A 57 5.29 -2.26 9.42
C GLU A 57 4.61 -2.79 8.17
N MET A 58 3.42 -2.28 7.90
CA MET A 58 2.65 -2.60 6.69
C MET A 58 3.42 -2.13 5.48
N ALA A 59 3.94 -0.92 5.54
CA ALA A 59 4.76 -0.36 4.47
C ALA A 59 5.89 -1.33 4.11
N GLN A 60 6.57 -1.82 5.13
CA GLN A 60 7.71 -2.71 4.96
C GLN A 60 7.25 -4.14 4.64
N LEU A 61 5.97 -4.37 4.75
CA LEU A 61 5.37 -5.66 4.46
C LEU A 61 5.16 -5.76 2.96
N LEU A 62 4.33 -4.83 2.43
CA LEU A 62 4.00 -4.83 1.01
C LEU A 62 5.24 -4.62 0.15
N ILE A 63 6.18 -3.80 0.63
CA ILE A 63 7.39 -3.48 -0.13
C ILE A 63 8.25 -4.75 -0.34
N THR A 64 8.18 -5.67 0.60
CA THR A 64 8.99 -6.84 0.55
C THR A 64 8.37 -7.92 -0.34
N HIS A 65 7.07 -8.11 -0.24
CA HIS A 65 6.42 -9.16 -1.01
C HIS A 65 6.13 -8.71 -2.45
N PHE A 66 5.63 -7.51 -2.59
CA PHE A 66 5.26 -6.98 -3.89
C PHE A 66 6.42 -6.27 -4.58
N GLY A 67 6.88 -5.22 -3.98
CA GLY A 67 7.92 -4.41 -4.55
C GLY A 67 7.66 -3.01 -4.15
N PRO A 68 8.51 -2.03 -4.47
CA PRO A 68 8.27 -0.64 -4.06
C PRO A 68 7.06 -0.03 -4.75
N GLU A 69 7.07 -0.02 -6.08
CA GLU A 69 5.95 0.54 -6.85
C GLU A 69 4.71 -0.29 -6.64
N GLU A 70 4.90 -1.60 -6.60
CA GLU A 70 3.81 -2.53 -6.46
C GLU A 70 3.18 -2.40 -5.09
N ALA A 71 4.00 -2.20 -4.06
CA ALA A 71 3.49 -1.96 -2.69
C ALA A 71 2.62 -0.74 -2.67
N TRP A 72 3.08 0.31 -3.33
CA TRP A 72 2.33 1.54 -3.40
C TRP A 72 0.99 1.32 -4.10
N ARG A 73 1.02 0.59 -5.17
CA ARG A 73 -0.17 0.29 -5.89
C ARG A 73 -1.10 -0.62 -5.06
N LEU A 74 -0.51 -1.58 -4.35
CA LEU A 74 -1.24 -2.47 -3.43
C LEU A 74 -1.85 -1.68 -2.28
N ALA A 75 -1.30 -0.54 -1.96
CA ALA A 75 -1.85 0.29 -0.94
C ALA A 75 -2.95 1.16 -1.51
N LEU A 76 -2.63 1.98 -2.52
CA LEU A 76 -3.58 2.95 -3.05
C LEU A 76 -4.80 2.26 -3.64
N SER A 77 -4.57 1.21 -4.39
CA SER A 77 -5.64 0.49 -5.01
C SER A 77 -6.39 -0.44 -4.08
N THR A 78 -5.99 -0.48 -2.85
CA THR A 78 -6.77 -1.17 -1.87
C THR A 78 -7.58 -0.14 -1.08
N PHE A 79 -7.06 1.09 -1.02
CA PHE A 79 -7.76 2.19 -0.38
C PHE A 79 -9.12 2.37 -1.06
N GLU A 80 -9.11 2.43 -2.39
CA GLU A 80 -10.33 2.59 -3.20
C GLU A 80 -11.35 1.43 -2.96
N ARG A 81 -10.85 0.27 -2.57
CA ARG A 81 -11.67 -0.92 -2.41
C ARG A 81 -12.38 -0.91 -1.07
N ILE A 82 -11.71 -0.41 -0.06
CA ILE A 82 -12.21 -0.42 1.30
C ILE A 82 -12.99 0.86 1.64
N ASN A 83 -13.45 1.56 0.60
CA ASN A 83 -14.14 2.85 0.74
C ASN A 83 -13.26 3.90 1.33
N ARG A 84 -12.02 3.83 0.99
CA ARG A 84 -11.03 4.79 1.39
C ARG A 84 -10.54 5.48 0.12
N LYS A 85 -11.49 5.83 -0.71
CA LYS A 85 -11.28 6.44 -2.00
C LYS A 85 -10.75 7.85 -1.78
N ASP A 86 -11.04 8.34 -0.59
CA ASP A 86 -10.64 9.65 -0.12
C ASP A 86 -9.12 9.77 -0.10
N LEU A 87 -8.48 8.74 0.39
CA LEU A 87 -7.03 8.69 0.50
C LEU A 87 -6.44 8.30 -0.84
N TRP A 88 -7.18 7.46 -1.54
CA TRP A 88 -6.83 6.97 -2.86
C TRP A 88 -6.64 8.13 -3.85
N GLU A 89 -7.53 9.09 -3.78
CA GLU A 89 -7.47 10.28 -4.61
C GLU A 89 -6.27 11.18 -4.33
N ARG A 90 -5.61 10.95 -3.22
CA ARG A 90 -4.37 11.66 -2.91
C ARG A 90 -3.19 10.88 -3.52
N GLY A 91 -3.37 9.58 -3.66
CA GLY A 91 -2.28 8.70 -4.02
C GLY A 91 -2.14 8.41 -5.48
N GLN A 92 -2.88 9.08 -6.31
CA GLN A 92 -2.80 8.84 -7.74
C GLN A 92 -1.57 9.51 -8.31
N ARG A 93 -0.47 8.81 -8.21
CA ARG A 93 0.81 9.34 -8.57
C ARG A 93 1.40 8.63 -9.79
N GLU A 94 0.99 7.39 -10.05
CA GLU A 94 1.54 6.68 -11.19
C GLU A 94 0.89 7.12 -12.50
N ASP A 95 1.46 6.70 -13.59
CA ASP A 95 1.02 7.11 -14.91
C ASP A 95 0.16 6.01 -15.56
N LEU A 96 -0.38 6.29 -16.74
CA LEU A 96 -1.20 5.36 -17.49
C LEU A 96 -0.44 4.07 -17.80
N VAL A 97 -1.13 2.95 -17.60
CA VAL A 97 -0.59 1.63 -17.92
C VAL A 97 -0.24 1.58 -19.40
N ARG A 98 0.88 0.99 -19.71
CA ARG A 98 1.35 0.92 -21.07
C ARG A 98 0.69 -0.16 -21.87
N ASP A 99 0.11 0.25 -22.95
CA ASP A 99 -0.46 -0.63 -23.93
C ASP A 99 0.13 -0.28 -25.30
N THR A 100 1.40 -0.56 -25.41
CA THR A 100 2.18 -0.25 -26.58
C THR A 100 1.83 -1.21 -27.70
N VAL A 101 1.84 -0.72 -28.92
CA VAL A 101 1.51 -1.54 -30.05
C VAL A 101 2.68 -1.61 -31.04
N GLU A 102 3.55 -0.61 -31.01
CA GLU A 102 4.72 -0.58 -31.84
C GLU A 102 5.74 0.44 -31.31
N GLY A 1 14.07 14.67 -22.33
CA GLY A 1 15.46 14.68 -21.91
C GLY A 1 15.72 15.73 -20.87
N HIS A 2 15.71 17.00 -21.28
CA HIS A 2 15.94 18.10 -20.35
C HIS A 2 14.67 18.42 -19.54
N MET A 3 14.34 17.53 -18.64
CA MET A 3 13.20 17.69 -17.79
C MET A 3 13.41 16.84 -16.56
N LEU A 4 12.75 17.18 -15.50
CA LEU A 4 12.81 16.41 -14.29
C LEU A 4 11.52 15.63 -14.18
N ARG A 5 11.63 14.32 -14.21
CA ARG A 5 10.47 13.44 -14.21
C ARG A 5 9.79 13.35 -12.83
N THR A 6 10.14 12.36 -12.05
CA THR A 6 9.52 12.14 -10.76
C THR A 6 10.58 12.36 -9.67
N ALA A 7 11.78 12.74 -10.12
CA ALA A 7 12.93 13.05 -9.28
C ALA A 7 13.44 11.82 -8.52
N GLY A 8 13.12 10.65 -9.03
CA GLY A 8 13.53 9.43 -8.39
C GLY A 8 12.46 8.39 -8.50
N ARG A 9 11.86 8.05 -7.39
CA ARG A 9 10.78 7.08 -7.35
C ARG A 9 9.91 7.35 -6.13
N ASP A 10 8.64 7.12 -6.26
CA ASP A 10 7.73 7.26 -5.14
C ASP A 10 7.24 5.88 -4.76
N GLY A 11 7.05 5.65 -3.49
CA GLY A 11 6.60 4.36 -3.06
C GLY A 11 6.59 4.20 -1.56
N LEU A 12 7.66 3.63 -1.02
CA LEU A 12 7.78 3.27 0.41
C LEU A 12 7.45 4.42 1.38
N CYS A 13 7.99 5.60 1.13
CA CYS A 13 7.76 6.73 2.01
C CYS A 13 6.31 7.20 1.92
N ARG A 14 5.81 7.29 0.71
CA ARG A 14 4.45 7.71 0.43
C ARG A 14 3.46 6.70 1.03
N LEU A 15 3.82 5.44 0.86
CA LEU A 15 3.09 4.29 1.37
C LEU A 15 2.94 4.41 2.89
N SER A 16 4.06 4.61 3.57
CA SER A 16 4.07 4.75 5.02
C SER A 16 3.18 5.92 5.46
N THR A 17 3.31 7.04 4.75
CA THR A 17 2.55 8.25 5.06
C THR A 17 1.02 8.02 4.91
N TYR A 18 0.61 7.37 3.82
CA TYR A 18 -0.81 7.14 3.58
C TYR A 18 -1.41 6.07 4.48
N LEU A 19 -0.62 5.08 4.83
CA LEU A 19 -1.11 4.04 5.72
C LEU A 19 -1.29 4.55 7.14
N GLU A 20 -0.60 5.64 7.48
CA GLU A 20 -0.76 6.28 8.78
C GLU A 20 -2.12 6.93 8.92
N GLU A 21 -2.73 7.22 7.79
CA GLU A 21 -4.02 7.86 7.76
C GLU A 21 -5.17 6.86 7.83
N LEU A 22 -4.84 5.60 7.97
CA LEU A 22 -5.84 4.59 8.14
C LEU A 22 -5.90 4.20 9.59
N GLU A 23 -7.08 3.93 10.08
CA GLU A 23 -7.25 3.49 11.45
C GLU A 23 -6.82 2.04 11.55
N ALA A 24 -6.70 1.53 12.77
CA ALA A 24 -6.31 0.14 12.97
C ALA A 24 -7.32 -0.80 12.31
N VAL A 25 -8.59 -0.43 12.41
CA VAL A 25 -9.67 -1.16 11.79
C VAL A 25 -9.55 -1.12 10.25
N GLU A 26 -9.13 0.01 9.73
CA GLU A 26 -9.00 0.21 8.29
C GLU A 26 -7.82 -0.59 7.77
N LEU A 27 -6.76 -0.60 8.54
CA LEU A 27 -5.56 -1.37 8.22
C LEU A 27 -5.89 -2.86 8.18
N LYS A 28 -6.79 -3.26 9.07
CA LYS A 28 -7.24 -4.64 9.15
C LYS A 28 -8.00 -5.00 7.86
N LYS A 29 -8.84 -4.07 7.42
CA LYS A 29 -9.61 -4.23 6.18
C LYS A 29 -8.66 -4.34 5.00
N PHE A 30 -7.76 -3.38 4.96
CA PHE A 30 -6.70 -3.29 3.97
C PHE A 30 -5.91 -4.60 3.88
N LYS A 31 -5.52 -5.12 5.02
CA LYS A 31 -4.80 -6.37 5.12
C LYS A 31 -5.59 -7.52 4.51
N LEU A 32 -6.82 -7.69 4.94
CA LEU A 32 -7.60 -8.84 4.53
C LEU A 32 -7.93 -8.79 3.06
N TYR A 33 -7.99 -7.60 2.50
CA TYR A 33 -8.29 -7.45 1.11
C TYR A 33 -7.16 -8.00 0.23
N LEU A 34 -5.95 -7.90 0.71
CA LEU A 34 -4.83 -8.32 -0.10
C LEU A 34 -4.10 -9.57 0.42
N GLY A 35 -4.12 -9.77 1.70
CA GLY A 35 -3.40 -10.87 2.27
C GLY A 35 -4.19 -12.16 2.27
N THR A 36 -5.44 -12.08 2.73
CA THR A 36 -6.30 -13.27 2.81
C THR A 36 -7.10 -13.46 1.51
N ALA A 37 -6.65 -12.81 0.47
CA ALA A 37 -7.37 -12.79 -0.78
C ALA A 37 -6.88 -13.83 -1.76
N THR A 38 -7.83 -14.44 -2.44
CA THR A 38 -7.55 -15.40 -3.46
C THR A 38 -7.31 -14.66 -4.79
N GLU A 39 -7.72 -13.39 -4.84
CA GLU A 39 -7.51 -12.55 -6.03
C GLU A 39 -6.05 -12.11 -6.15
N LEU A 40 -5.28 -12.44 -5.12
CA LEU A 40 -3.84 -12.25 -5.13
C LEU A 40 -3.14 -13.58 -5.34
N GLY A 41 -3.93 -14.54 -5.69
CA GLY A 41 -3.47 -15.86 -5.98
C GLY A 41 -3.39 -16.68 -4.73
N GLU A 42 -2.28 -16.57 -4.08
CA GLU A 42 -2.05 -17.27 -2.84
C GLU A 42 -2.32 -16.33 -1.71
N GLY A 43 -2.13 -15.06 -1.98
CA GLY A 43 -2.11 -14.08 -0.94
C GLY A 43 -0.69 -14.05 -0.44
N LYS A 44 0.06 -13.06 -0.86
CA LYS A 44 1.50 -13.04 -0.64
C LYS A 44 1.88 -12.75 0.82
N ILE A 45 0.89 -12.42 1.62
CA ILE A 45 1.12 -12.08 3.02
C ILE A 45 0.74 -13.23 3.93
N PRO A 46 1.63 -13.60 4.87
CA PRO A 46 1.30 -14.54 5.91
C PRO A 46 0.20 -13.97 6.82
N TRP A 47 -0.77 -14.80 7.03
CA TRP A 47 -2.05 -14.55 7.71
C TRP A 47 -1.93 -13.73 9.01
N GLY A 48 -0.91 -13.97 9.79
CA GLY A 48 -0.81 -13.31 11.06
C GLY A 48 0.30 -12.27 11.13
N SER A 49 1.09 -12.14 10.08
CA SER A 49 2.24 -11.25 10.10
C SER A 49 1.80 -9.77 10.18
N MET A 50 0.66 -9.44 9.59
CA MET A 50 0.19 -8.05 9.61
C MET A 50 -0.66 -7.75 10.84
N GLU A 51 -0.78 -8.71 11.74
CA GLU A 51 -1.53 -8.53 12.97
C GLU A 51 -0.73 -7.70 13.96
N LYS A 52 0.53 -8.02 14.02
CA LYS A 52 1.49 -7.39 14.93
C LYS A 52 2.11 -6.15 14.29
N ALA A 53 1.53 -5.69 13.21
CA ALA A 53 2.11 -4.62 12.44
C ALA A 53 1.20 -3.40 12.41
N GLY A 54 1.80 -2.23 12.53
CA GLY A 54 1.07 -1.01 12.44
C GLY A 54 1.21 -0.41 11.05
N PRO A 55 0.82 0.87 10.88
CA PRO A 55 0.84 1.57 9.57
C PRO A 55 2.22 1.52 8.89
N LEU A 56 3.26 1.81 9.66
CA LEU A 56 4.62 1.88 9.15
C LEU A 56 5.11 0.48 8.83
N GLU A 57 4.81 -0.44 9.71
CA GLU A 57 5.25 -1.80 9.57
C GLU A 57 4.58 -2.46 8.37
N MET A 58 3.30 -2.16 8.16
CA MET A 58 2.58 -2.67 7.01
C MET A 58 3.24 -2.25 5.73
N ALA A 59 3.63 -0.98 5.68
CA ALA A 59 4.32 -0.44 4.52
C ALA A 59 5.56 -1.26 4.18
N GLN A 60 6.30 -1.65 5.21
CA GLN A 60 7.51 -2.41 5.00
C GLN A 60 7.20 -3.87 4.65
N LEU A 61 6.07 -4.36 5.11
CA LEU A 61 5.63 -5.70 4.76
C LEU A 61 5.26 -5.79 3.28
N LEU A 62 4.38 -4.89 2.81
CA LEU A 62 3.99 -4.89 1.40
C LEU A 62 5.20 -4.68 0.50
N ILE A 63 6.11 -3.81 0.93
CA ILE A 63 7.30 -3.49 0.15
C ILE A 63 8.22 -4.74 0.02
N THR A 64 8.27 -5.55 1.06
CA THR A 64 9.12 -6.71 1.07
C THR A 64 8.53 -7.87 0.25
N HIS A 65 7.23 -8.05 0.33
CA HIS A 65 6.60 -9.16 -0.39
C HIS A 65 6.35 -8.79 -1.84
N PHE A 66 5.58 -7.75 -2.05
CA PHE A 66 5.23 -7.30 -3.37
C PHE A 66 6.39 -6.59 -4.06
N GLY A 67 6.75 -5.44 -3.57
CA GLY A 67 7.81 -4.68 -4.16
C GLY A 67 7.60 -3.22 -3.90
N PRO A 68 8.55 -2.35 -4.30
CA PRO A 68 8.47 -0.90 -4.03
C PRO A 68 7.24 -0.24 -4.62
N GLU A 69 7.03 -0.45 -5.89
CA GLU A 69 5.95 0.19 -6.61
C GLU A 69 4.68 -0.60 -6.39
N GLU A 70 4.85 -1.91 -6.25
CA GLU A 70 3.76 -2.84 -6.10
C GLU A 70 3.03 -2.58 -4.79
N ALA A 71 3.81 -2.45 -3.71
CA ALA A 71 3.28 -2.14 -2.37
C ALA A 71 2.41 -0.90 -2.40
N TRP A 72 2.88 0.12 -3.10
CA TRP A 72 2.16 1.36 -3.21
C TRP A 72 0.85 1.16 -3.96
N ARG A 73 0.92 0.43 -5.06
CA ARG A 73 -0.26 0.16 -5.84
C ARG A 73 -1.27 -0.65 -5.04
N LEU A 74 -0.78 -1.65 -4.31
CA LEU A 74 -1.59 -2.46 -3.41
C LEU A 74 -2.33 -1.60 -2.41
N ALA A 75 -1.64 -0.68 -1.78
CA ALA A 75 -2.27 0.16 -0.77
C ALA A 75 -3.25 1.14 -1.37
N LEU A 76 -2.83 1.91 -2.37
CA LEU A 76 -3.70 2.96 -2.93
C LEU A 76 -4.98 2.35 -3.50
N SER A 77 -4.83 1.25 -4.20
CA SER A 77 -5.94 0.57 -4.80
C SER A 77 -6.79 -0.18 -3.77
N THR A 78 -6.28 -0.41 -2.58
CA THR A 78 -7.07 -1.04 -1.56
C THR A 78 -7.81 0.02 -0.73
N PHE A 79 -7.28 1.26 -0.73
CA PHE A 79 -7.92 2.37 -0.03
C PHE A 79 -9.36 2.52 -0.50
N GLU A 80 -9.55 2.59 -1.81
CA GLU A 80 -10.88 2.76 -2.40
C GLU A 80 -11.81 1.56 -2.07
N ARG A 81 -11.20 0.38 -1.89
CA ARG A 81 -11.95 -0.85 -1.63
C ARG A 81 -12.55 -0.81 -0.25
N ILE A 82 -11.81 -0.24 0.66
CA ILE A 82 -12.25 -0.10 2.04
C ILE A 82 -13.03 1.21 2.22
N ASN A 83 -13.41 1.79 1.07
CA ASN A 83 -14.25 2.98 0.96
C ASN A 83 -13.52 4.24 1.34
N ARG A 84 -12.24 4.22 1.15
CA ARG A 84 -11.41 5.37 1.36
C ARG A 84 -10.92 5.87 -0.01
N LYS A 85 -11.73 6.66 -0.63
CA LYS A 85 -11.44 7.11 -1.96
C LYS A 85 -10.66 8.41 -1.92
N ASP A 86 -10.74 9.10 -0.78
CA ASP A 86 -10.05 10.37 -0.57
C ASP A 86 -8.57 10.19 -0.81
N LEU A 87 -7.95 9.34 0.00
CA LEU A 87 -6.50 9.11 -0.02
C LEU A 87 -6.07 8.43 -1.31
N TRP A 88 -7.03 7.78 -1.94
CA TRP A 88 -6.83 7.12 -3.20
C TRP A 88 -6.54 8.17 -4.29
N GLU A 89 -7.35 9.23 -4.29
CA GLU A 89 -7.18 10.37 -5.21
C GLU A 89 -5.89 11.11 -4.91
N ARG A 90 -5.47 11.02 -3.67
CA ARG A 90 -4.24 11.66 -3.20
C ARG A 90 -3.02 10.81 -3.57
N GLY A 91 -3.28 9.61 -4.04
CA GLY A 91 -2.23 8.71 -4.42
C GLY A 91 -2.02 8.68 -5.90
N GLN A 92 -2.57 7.64 -6.53
CA GLN A 92 -2.45 7.43 -7.99
C GLN A 92 -0.99 7.13 -8.37
N ARG A 93 -0.71 7.12 -9.65
CA ARG A 93 0.58 6.77 -10.11
C ARG A 93 1.41 8.01 -10.26
N GLU A 94 2.48 8.03 -9.51
CA GLU A 94 3.47 9.08 -9.46
C GLU A 94 2.88 10.39 -8.98
N ASP A 95 3.57 11.46 -9.24
CA ASP A 95 3.11 12.76 -8.88
C ASP A 95 2.50 13.43 -10.09
N LEU A 96 1.96 14.57 -9.85
CA LEU A 96 1.40 15.46 -10.84
C LEU A 96 1.60 16.79 -10.16
N VAL A 97 1.25 16.75 -8.92
CA VAL A 97 1.66 17.66 -7.91
C VAL A 97 2.37 16.71 -6.95
N ARG A 98 3.36 17.13 -6.24
CA ARG A 98 4.02 16.19 -5.38
C ARG A 98 3.35 16.13 -4.03
N ASP A 99 3.86 15.27 -3.18
CA ASP A 99 3.30 15.09 -1.84
C ASP A 99 3.61 16.29 -0.98
N THR A 100 2.79 17.28 -1.09
CA THR A 100 2.90 18.46 -0.30
C THR A 100 2.13 18.29 0.99
N VAL A 101 1.07 17.54 0.92
CA VAL A 101 0.25 17.25 2.06
C VAL A 101 0.70 15.95 2.74
N GLU A 102 1.60 16.11 3.69
CA GLU A 102 2.14 15.03 4.46
C GLU A 102 1.91 15.32 5.93
N GLY A 1 19.56 -1.69 11.26
CA GLY A 1 18.48 -1.77 12.23
C GLY A 1 17.18 -1.37 11.61
N HIS A 2 16.14 -1.24 12.39
CA HIS A 2 14.85 -0.89 11.85
C HIS A 2 14.28 0.39 12.37
N MET A 3 14.91 1.46 12.00
CA MET A 3 14.39 2.78 12.24
C MET A 3 13.95 3.21 10.89
N LEU A 4 12.63 3.22 10.66
CA LEU A 4 12.05 3.41 9.33
C LEU A 4 12.49 2.20 8.48
N ARG A 5 12.59 2.39 7.20
CA ARG A 5 13.13 1.38 6.34
C ARG A 5 14.15 2.05 5.45
N THR A 6 15.39 2.01 5.87
CA THR A 6 16.47 2.67 5.17
C THR A 6 16.72 2.04 3.80
N ALA A 7 16.85 0.73 3.77
CA ALA A 7 17.07 0.03 2.53
C ALA A 7 15.75 -0.13 1.78
N GLY A 8 15.55 0.72 0.82
CA GLY A 8 14.34 0.69 0.05
C GLY A 8 13.28 1.57 0.66
N ARG A 9 13.63 2.83 0.88
CA ARG A 9 12.70 3.79 1.43
C ARG A 9 11.88 4.44 0.33
N ASP A 10 12.36 4.28 -0.89
CA ASP A 10 11.76 4.88 -2.06
C ASP A 10 10.44 4.21 -2.38
N GLY A 11 9.37 4.93 -2.12
CA GLY A 11 8.07 4.40 -2.33
C GLY A 11 7.48 3.96 -1.03
N LEU A 12 8.34 3.42 -0.19
CA LEU A 12 8.01 2.92 1.14
C LEU A 12 7.54 4.08 2.00
N CYS A 13 8.30 5.16 2.01
CA CYS A 13 7.99 6.34 2.82
C CYS A 13 6.66 6.95 2.35
N ARG A 14 6.45 6.98 1.05
CA ARG A 14 5.19 7.45 0.45
C ARG A 14 4.03 6.55 0.92
N LEU A 15 4.29 5.26 0.91
CA LEU A 15 3.36 4.24 1.30
C LEU A 15 2.96 4.36 2.77
N SER A 16 3.95 4.39 3.65
CA SER A 16 3.73 4.44 5.07
C SER A 16 2.97 5.70 5.48
N THR A 17 3.27 6.81 4.83
CA THR A 17 2.63 8.08 5.11
C THR A 17 1.10 7.99 4.96
N TYR A 18 0.63 7.37 3.89
CA TYR A 18 -0.81 7.23 3.67
C TYR A 18 -1.42 6.16 4.54
N LEU A 19 -0.63 5.18 4.91
CA LEU A 19 -1.10 4.14 5.78
C LEU A 19 -1.27 4.67 7.22
N GLU A 20 -0.49 5.71 7.58
CA GLU A 20 -0.63 6.36 8.90
C GLU A 20 -1.89 7.21 8.95
N GLU A 21 -2.48 7.43 7.79
CA GLU A 21 -3.69 8.22 7.66
C GLU A 21 -4.91 7.34 7.86
N LEU A 22 -4.70 6.04 7.85
CA LEU A 22 -5.77 5.10 8.01
C LEU A 22 -6.06 4.81 9.46
N GLU A 23 -7.29 4.48 9.74
CA GLU A 23 -7.72 4.11 11.07
C GLU A 23 -7.36 2.65 11.27
N ALA A 24 -7.52 2.18 12.49
CA ALA A 24 -7.26 0.78 12.80
C ALA A 24 -8.20 -0.11 12.00
N VAL A 25 -9.48 0.28 11.93
CA VAL A 25 -10.49 -0.46 11.16
C VAL A 25 -10.11 -0.49 9.67
N GLU A 26 -9.56 0.61 9.18
CA GLU A 26 -9.18 0.75 7.80
C GLU A 26 -8.02 -0.18 7.50
N LEU A 27 -7.02 -0.13 8.37
CA LEU A 27 -5.84 -1.00 8.26
C LEU A 27 -6.24 -2.47 8.35
N LYS A 28 -7.17 -2.73 9.25
CA LYS A 28 -7.73 -4.05 9.48
C LYS A 28 -8.38 -4.58 8.19
N LYS A 29 -9.13 -3.72 7.51
CA LYS A 29 -9.80 -4.11 6.26
C LYS A 29 -8.76 -4.29 5.16
N PHE A 30 -7.90 -3.31 5.06
CA PHE A 30 -6.84 -3.27 4.08
C PHE A 30 -5.96 -4.52 4.10
N LYS A 31 -5.51 -4.94 5.27
CA LYS A 31 -4.63 -6.09 5.38
C LYS A 31 -5.35 -7.38 5.05
N LEU A 32 -6.61 -7.50 5.38
CA LEU A 32 -7.28 -8.74 5.07
C LEU A 32 -7.61 -8.80 3.60
N TYR A 33 -7.89 -7.64 3.03
CA TYR A 33 -8.25 -7.58 1.64
C TYR A 33 -7.12 -8.06 0.76
N LEU A 34 -5.93 -7.61 1.02
CA LEU A 34 -4.81 -8.00 0.19
C LEU A 34 -4.01 -9.17 0.75
N GLY A 35 -4.00 -9.31 2.04
CA GLY A 35 -3.19 -10.33 2.64
C GLY A 35 -3.76 -11.71 2.45
N THR A 36 -5.06 -11.84 2.59
CA THR A 36 -5.68 -13.16 2.45
C THR A 36 -6.26 -13.34 1.02
N ALA A 37 -5.98 -12.36 0.17
CA ALA A 37 -6.56 -12.26 -1.17
C ALA A 37 -6.25 -13.42 -2.10
N THR A 38 -7.29 -14.12 -2.48
CA THR A 38 -7.21 -15.17 -3.45
C THR A 38 -6.99 -14.51 -4.83
N GLU A 39 -7.55 -13.32 -4.98
CA GLU A 39 -7.45 -12.53 -6.21
C GLU A 39 -6.00 -12.14 -6.54
N LEU A 40 -5.15 -12.07 -5.53
CA LEU A 40 -3.76 -11.72 -5.75
C LEU A 40 -2.92 -12.94 -6.03
N GLY A 41 -3.48 -14.08 -5.74
CA GLY A 41 -2.78 -15.32 -5.93
C GLY A 41 -2.37 -15.92 -4.61
N GLU A 42 -3.34 -16.54 -3.94
CA GLU A 42 -3.18 -17.26 -2.65
C GLU A 42 -2.81 -16.37 -1.45
N GLY A 43 -2.65 -15.08 -1.67
CA GLY A 43 -2.26 -14.19 -0.61
C GLY A 43 -0.76 -14.19 -0.45
N LYS A 44 -0.13 -13.09 -0.80
CA LYS A 44 1.33 -12.99 -0.74
C LYS A 44 1.85 -12.78 0.67
N ILE A 45 0.97 -12.46 1.56
CA ILE A 45 1.35 -12.21 2.93
C ILE A 45 1.08 -13.46 3.77
N PRO A 46 2.03 -13.86 4.65
CA PRO A 46 1.83 -14.99 5.56
C PRO A 46 0.62 -14.79 6.49
N TRP A 47 0.04 -15.92 6.90
CA TRP A 47 -1.21 -16.06 7.71
C TRP A 47 -1.51 -14.93 8.72
N GLY A 48 -0.52 -14.54 9.50
CA GLY A 48 -0.73 -13.53 10.49
C GLY A 48 0.53 -12.81 10.83
N SER A 49 1.12 -12.18 9.87
CA SER A 49 2.32 -11.41 10.10
C SER A 49 1.98 -9.91 10.14
N MET A 50 0.70 -9.60 9.95
CA MET A 50 0.24 -8.20 9.86
C MET A 50 -0.54 -7.81 11.12
N GLU A 51 -0.34 -8.54 12.18
CA GLU A 51 -1.12 -8.32 13.38
C GLU A 51 -0.50 -7.24 14.22
N LYS A 52 0.76 -7.42 14.54
CA LYS A 52 1.53 -6.44 15.30
C LYS A 52 2.11 -5.38 14.38
N ALA A 53 1.67 -5.38 13.15
CA ALA A 53 2.15 -4.47 12.16
C ALA A 53 1.35 -3.19 12.17
N GLY A 54 2.02 -2.09 12.42
CA GLY A 54 1.41 -0.80 12.33
C GLY A 54 1.49 -0.30 10.90
N PRO A 55 1.14 0.95 10.65
CA PRO A 55 1.13 1.52 9.28
C PRO A 55 2.51 1.42 8.59
N LEU A 56 3.56 1.62 9.35
CA LEU A 56 4.92 1.57 8.84
C LEU A 56 5.34 0.13 8.65
N GLU A 57 4.98 -0.69 9.60
CA GLU A 57 5.27 -2.11 9.54
C GLU A 57 4.58 -2.75 8.35
N MET A 58 3.29 -2.42 8.18
CA MET A 58 2.49 -2.90 7.04
C MET A 58 3.14 -2.52 5.75
N ALA A 59 3.52 -1.25 5.64
CA ALA A 59 4.19 -0.73 4.46
C ALA A 59 5.41 -1.60 4.10
N GLN A 60 6.18 -1.94 5.11
CA GLN A 60 7.36 -2.75 4.93
C GLN A 60 7.00 -4.18 4.52
N LEU A 61 5.90 -4.68 5.03
CA LEU A 61 5.41 -6.00 4.66
C LEU A 61 5.02 -6.07 3.18
N LEU A 62 4.25 -5.09 2.72
CA LEU A 62 3.89 -5.05 1.30
C LEU A 62 5.13 -4.87 0.43
N ILE A 63 6.05 -4.03 0.86
CA ILE A 63 7.27 -3.74 0.10
C ILE A 63 8.19 -5.01 0.03
N THR A 64 8.14 -5.83 1.07
CA THR A 64 8.97 -7.02 1.14
C THR A 64 8.47 -8.14 0.20
N HIS A 65 7.16 -8.26 0.05
CA HIS A 65 6.63 -9.34 -0.77
C HIS A 65 6.29 -8.88 -2.19
N PHE A 66 5.58 -7.77 -2.29
CA PHE A 66 5.19 -7.22 -3.58
C PHE A 66 6.33 -6.44 -4.26
N GLY A 67 6.71 -5.32 -3.68
CA GLY A 67 7.75 -4.48 -4.28
C GLY A 67 7.46 -3.02 -4.00
N PRO A 68 8.33 -2.09 -4.40
CA PRO A 68 8.17 -0.65 -4.10
C PRO A 68 6.88 -0.04 -4.67
N GLU A 69 6.69 -0.16 -5.97
CA GLU A 69 5.52 0.41 -6.61
C GLU A 69 4.33 -0.51 -6.46
N GLU A 70 4.64 -1.79 -6.35
CA GLU A 70 3.62 -2.80 -6.23
C GLU A 70 2.91 -2.63 -4.88
N ALA A 71 3.68 -2.47 -3.81
CA ALA A 71 3.15 -2.22 -2.47
C ALA A 71 2.34 -0.97 -2.47
N TRP A 72 2.80 0.00 -3.23
CA TRP A 72 2.15 1.27 -3.33
C TRP A 72 0.78 1.11 -3.97
N ARG A 73 0.73 0.42 -5.08
CA ARG A 73 -0.52 0.17 -5.75
C ARG A 73 -1.41 -0.66 -4.84
N LEU A 74 -0.84 -1.70 -4.25
CA LEU A 74 -1.55 -2.58 -3.34
C LEU A 74 -2.24 -1.84 -2.22
N ALA A 75 -1.59 -0.84 -1.66
CA ALA A 75 -2.22 -0.09 -0.62
C ALA A 75 -3.32 0.82 -1.16
N LEU A 76 -2.98 1.74 -2.06
CA LEU A 76 -3.96 2.72 -2.53
C LEU A 76 -5.15 2.06 -3.24
N SER A 77 -4.86 1.07 -4.04
CA SER A 77 -5.87 0.37 -4.77
C SER A 77 -6.61 -0.64 -3.91
N THR A 78 -6.27 -0.69 -2.63
CA THR A 78 -7.03 -1.43 -1.67
C THR A 78 -7.80 -0.43 -0.78
N PHE A 79 -7.25 0.80 -0.66
CA PHE A 79 -7.94 1.88 0.06
C PHE A 79 -9.31 2.06 -0.57
N GLU A 80 -9.33 2.26 -1.88
CA GLU A 80 -10.57 2.43 -2.65
C GLU A 80 -11.51 1.22 -2.50
N ARG A 81 -10.93 0.03 -2.31
CA ARG A 81 -11.69 -1.20 -2.19
C ARG A 81 -12.39 -1.24 -0.85
N ILE A 82 -11.73 -0.74 0.17
CA ILE A 82 -12.27 -0.76 1.51
C ILE A 82 -13.05 0.52 1.80
N ASN A 83 -13.35 1.26 0.71
CA ASN A 83 -14.16 2.48 0.72
C ASN A 83 -13.42 3.71 1.13
N ARG A 84 -12.13 3.63 1.11
CA ARG A 84 -11.32 4.76 1.43
C ARG A 84 -10.78 5.38 0.14
N LYS A 85 -11.57 6.17 -0.47
CA LYS A 85 -11.22 6.75 -1.72
C LYS A 85 -10.58 8.12 -1.50
N ASP A 86 -10.83 8.70 -0.30
CA ASP A 86 -10.28 10.04 0.08
C ASP A 86 -8.76 10.08 -0.11
N LEU A 87 -8.10 9.13 0.52
CA LEU A 87 -6.65 9.07 0.52
C LEU A 87 -6.14 8.46 -0.77
N TRP A 88 -7.00 7.76 -1.43
CA TRP A 88 -6.71 7.13 -2.69
C TRP A 88 -6.49 8.22 -3.76
N GLU A 89 -7.37 9.21 -3.74
CA GLU A 89 -7.28 10.40 -4.60
C GLU A 89 -5.90 11.05 -4.46
N ARG A 90 -5.47 11.17 -3.22
CA ARG A 90 -4.20 11.81 -2.87
C ARG A 90 -3.03 10.93 -3.26
N GLY A 91 -3.25 9.63 -3.27
CA GLY A 91 -2.21 8.68 -3.54
C GLY A 91 -1.69 8.73 -4.96
N GLN A 92 -2.49 8.21 -5.90
CA GLN A 92 -2.12 8.07 -7.33
C GLN A 92 -1.02 7.02 -7.50
N ARG A 93 -1.38 5.91 -8.13
CA ARG A 93 -0.40 4.83 -8.43
C ARG A 93 0.62 5.32 -9.45
N GLU A 94 0.25 6.37 -10.10
CA GLU A 94 1.00 6.98 -11.13
C GLU A 94 0.90 8.47 -10.91
N ASP A 95 2.02 9.12 -10.76
CA ASP A 95 2.05 10.57 -10.58
C ASP A 95 1.72 11.21 -11.88
N LEU A 96 0.51 11.57 -12.00
CA LEU A 96 0.00 12.02 -13.26
C LEU A 96 -0.77 13.30 -13.10
N VAL A 97 -1.88 13.22 -12.43
CA VAL A 97 -2.77 14.35 -12.35
C VAL A 97 -2.33 15.38 -11.29
N ARG A 98 -1.47 16.27 -11.75
CA ARG A 98 -0.98 17.45 -11.02
C ARG A 98 -0.29 17.13 -9.70
N ASP A 99 -1.06 17.06 -8.63
CA ASP A 99 -0.55 16.83 -7.27
C ASP A 99 -1.72 16.88 -6.31
N THR A 100 -2.23 18.07 -6.14
CA THR A 100 -3.30 18.34 -5.25
C THR A 100 -4.61 18.21 -6.01
N VAL A 101 -5.25 17.08 -5.87
CA VAL A 101 -6.51 16.81 -6.51
C VAL A 101 -7.41 16.13 -5.49
N GLU A 102 -8.00 16.93 -4.68
CA GLU A 102 -8.95 16.50 -3.69
C GLU A 102 -10.07 17.51 -3.65
N GLY A 1 20.67 0.40 7.71
CA GLY A 1 21.44 0.84 6.56
C GLY A 1 20.52 1.29 5.47
N HIS A 2 21.05 1.93 4.46
CA HIS A 2 20.21 2.44 3.39
C HIS A 2 20.41 1.65 2.10
N MET A 3 21.41 0.78 2.07
CA MET A 3 21.71 0.01 0.86
C MET A 3 21.35 -1.45 1.02
N LEU A 4 20.52 -1.74 1.99
CA LEU A 4 20.03 -3.08 2.19
C LEU A 4 18.66 -3.15 1.57
N ARG A 5 18.60 -3.67 0.34
CA ARG A 5 17.38 -3.71 -0.45
C ARG A 5 16.82 -2.33 -0.68
N THR A 6 17.48 -1.61 -1.55
CA THR A 6 17.10 -0.28 -1.88
C THR A 6 15.84 -0.27 -2.69
N ALA A 7 14.78 0.24 -2.12
CA ALA A 7 13.57 0.41 -2.84
C ALA A 7 13.73 1.67 -3.68
N GLY A 8 12.92 1.85 -4.69
CA GLY A 8 13.05 3.04 -5.53
C GLY A 8 12.50 4.31 -4.88
N ARG A 9 12.51 4.34 -3.52
CA ARG A 9 12.05 5.47 -2.67
C ARG A 9 10.53 5.66 -2.72
N ASP A 10 10.01 5.63 -3.90
CA ASP A 10 8.62 5.90 -4.22
C ASP A 10 7.69 4.84 -3.63
N GLY A 11 8.23 3.66 -3.41
CA GLY A 11 7.46 2.57 -2.88
C GLY A 11 7.42 2.54 -1.36
N LEU A 12 8.06 3.50 -0.75
CA LEU A 12 8.08 3.64 0.65
C LEU A 12 7.87 5.09 0.95
N CYS A 13 7.93 5.41 2.23
CA CYS A 13 7.75 6.76 2.75
C CYS A 13 6.31 7.25 2.54
N ARG A 14 5.93 7.47 1.28
CA ARG A 14 4.60 7.91 0.89
C ARG A 14 3.60 6.86 1.35
N LEU A 15 3.96 5.61 1.17
CA LEU A 15 3.15 4.48 1.55
C LEU A 15 2.82 4.56 3.05
N SER A 16 3.83 4.78 3.85
CA SER A 16 3.71 4.93 5.27
C SER A 16 2.83 6.16 5.61
N THR A 17 3.05 7.27 4.89
CA THR A 17 2.31 8.52 5.09
C THR A 17 0.79 8.33 4.81
N TYR A 18 0.49 7.45 3.89
CA TYR A 18 -0.90 7.17 3.56
C TYR A 18 -1.51 6.17 4.53
N LEU A 19 -0.78 5.10 4.77
CA LEU A 19 -1.25 4.05 5.66
C LEU A 19 -1.40 4.53 7.11
N GLU A 20 -0.70 5.59 7.49
CA GLU A 20 -0.83 6.13 8.84
C GLU A 20 -2.17 6.86 9.04
N GLU A 21 -2.89 7.13 7.95
CA GLU A 21 -4.22 7.73 8.07
C GLU A 21 -5.29 6.67 8.26
N LEU A 22 -4.91 5.43 8.16
CA LEU A 22 -5.86 4.37 8.34
C LEU A 22 -5.89 3.94 9.79
N GLU A 23 -7.08 3.73 10.30
CA GLU A 23 -7.26 3.22 11.65
C GLU A 23 -6.82 1.76 11.68
N ALA A 24 -6.68 1.19 12.86
CA ALA A 24 -6.28 -0.21 12.99
C ALA A 24 -7.32 -1.11 12.33
N VAL A 25 -8.59 -0.71 12.46
CA VAL A 25 -9.70 -1.43 11.84
C VAL A 25 -9.61 -1.30 10.30
N GLU A 26 -9.22 -0.12 9.82
CA GLU A 26 -9.12 0.14 8.39
C GLU A 26 -7.93 -0.60 7.82
N LEU A 27 -6.85 -0.62 8.57
CA LEU A 27 -5.65 -1.37 8.21
C LEU A 27 -5.98 -2.84 8.13
N LYS A 28 -6.77 -3.30 9.09
CA LYS A 28 -7.20 -4.69 9.16
C LYS A 28 -7.99 -5.07 7.90
N LYS A 29 -8.84 -4.15 7.45
CA LYS A 29 -9.62 -4.33 6.22
C LYS A 29 -8.68 -4.38 5.01
N PHE A 30 -7.81 -3.40 4.96
CA PHE A 30 -6.81 -3.27 3.92
C PHE A 30 -5.93 -4.53 3.80
N LYS A 31 -5.40 -4.99 4.91
CA LYS A 31 -4.49 -6.11 4.89
C LYS A 31 -5.21 -7.45 4.67
N LEU A 32 -6.52 -7.50 4.87
CA LEU A 32 -7.21 -8.73 4.58
C LEU A 32 -7.48 -8.82 3.09
N TYR A 33 -7.75 -7.66 2.49
CA TYR A 33 -8.06 -7.56 1.09
C TYR A 33 -6.89 -7.97 0.20
N LEU A 34 -5.71 -7.52 0.55
CA LEU A 34 -4.54 -7.80 -0.26
C LEU A 34 -3.57 -8.79 0.38
N GLY A 35 -3.80 -9.14 1.61
CA GLY A 35 -2.85 -9.96 2.28
C GLY A 35 -3.16 -11.43 2.18
N THR A 36 -4.30 -11.80 2.72
CA THR A 36 -4.72 -13.19 2.73
C THR A 36 -5.55 -13.48 1.48
N ALA A 37 -5.54 -12.53 0.55
CA ALA A 37 -6.31 -12.61 -0.68
C ALA A 37 -5.98 -13.84 -1.47
N THR A 38 -6.94 -14.70 -1.58
CA THR A 38 -6.82 -15.89 -2.36
C THR A 38 -6.79 -15.56 -3.85
N GLU A 39 -7.31 -14.39 -4.19
CA GLU A 39 -7.37 -13.89 -5.56
C GLU A 39 -5.99 -13.76 -6.16
N LEU A 40 -5.03 -13.41 -5.32
CA LEU A 40 -3.65 -13.22 -5.74
C LEU A 40 -2.99 -14.56 -5.93
N GLY A 41 -3.54 -15.54 -5.29
CA GLY A 41 -2.97 -16.84 -5.27
C GLY A 41 -2.37 -17.08 -3.92
N GLU A 42 -3.06 -17.88 -3.13
CA GLU A 42 -2.70 -18.27 -1.76
C GLU A 42 -2.83 -17.12 -0.75
N GLY A 43 -2.21 -16.03 -1.06
CA GLY A 43 -2.08 -14.94 -0.16
C GLY A 43 -0.63 -14.65 -0.01
N LYS A 44 -0.22 -13.46 -0.34
CA LYS A 44 1.19 -13.11 -0.32
C LYS A 44 1.67 -12.87 1.09
N ILE A 45 0.75 -12.51 1.94
CA ILE A 45 1.06 -12.23 3.31
C ILE A 45 0.90 -13.49 4.14
N PRO A 46 1.87 -13.78 5.03
CA PRO A 46 1.82 -14.94 5.91
C PRO A 46 0.55 -14.97 6.78
N TRP A 47 0.27 -16.15 7.33
CA TRP A 47 -0.94 -16.50 8.11
C TRP A 47 -1.65 -15.33 8.83
N GLY A 48 -0.97 -14.66 9.73
CA GLY A 48 -1.59 -13.56 10.44
C GLY A 48 -0.58 -12.75 11.19
N SER A 49 0.58 -12.61 10.60
CA SER A 49 1.69 -11.91 11.22
C SER A 49 1.40 -10.41 11.30
N MET A 50 0.53 -9.95 10.43
CA MET A 50 0.21 -8.55 10.31
C MET A 50 -0.91 -8.08 11.23
N GLU A 51 -1.41 -8.95 12.08
CA GLU A 51 -2.48 -8.57 13.00
C GLU A 51 -2.03 -7.51 14.01
N LYS A 52 -0.80 -7.64 14.46
CA LYS A 52 -0.22 -6.70 15.43
C LYS A 52 0.59 -5.60 14.75
N ALA A 53 0.49 -5.53 13.45
CA ALA A 53 1.30 -4.63 12.66
C ALA A 53 0.69 -3.24 12.55
N GLY A 54 1.52 -2.22 12.70
CA GLY A 54 1.10 -0.87 12.55
C GLY A 54 1.39 -0.39 11.15
N PRO A 55 1.14 0.89 10.84
CA PRO A 55 1.28 1.45 9.48
C PRO A 55 2.68 1.27 8.88
N LEU A 56 3.70 1.39 9.73
CA LEU A 56 5.09 1.27 9.27
C LEU A 56 5.44 -0.16 8.94
N GLU A 57 4.91 -1.06 9.75
CA GLU A 57 5.15 -2.47 9.59
C GLU A 57 4.41 -2.95 8.38
N MET A 58 3.24 -2.40 8.17
CA MET A 58 2.43 -2.68 7.00
C MET A 58 3.16 -2.23 5.76
N ALA A 59 3.59 -0.98 5.74
CA ALA A 59 4.31 -0.41 4.61
C ALA A 59 5.50 -1.28 4.21
N GLN A 60 6.28 -1.69 5.18
CA GLN A 60 7.44 -2.50 4.91
C GLN A 60 7.07 -3.96 4.62
N LEU A 61 5.86 -4.36 4.94
CA LEU A 61 5.42 -5.72 4.73
C LEU A 61 5.12 -5.90 3.26
N LEU A 62 4.27 -5.01 2.72
CA LEU A 62 3.91 -5.08 1.33
C LEU A 62 5.11 -4.84 0.43
N ILE A 63 6.03 -3.98 0.88
CA ILE A 63 7.21 -3.65 0.10
C ILE A 63 8.14 -4.89 -0.03
N THR A 64 8.16 -5.73 0.99
CA THR A 64 8.99 -6.90 0.99
C THR A 64 8.40 -7.98 0.08
N HIS A 65 7.12 -8.28 0.28
CA HIS A 65 6.48 -9.34 -0.48
C HIS A 65 6.19 -8.91 -1.92
N PHE A 66 5.40 -7.88 -2.07
CA PHE A 66 5.03 -7.38 -3.39
C PHE A 66 6.21 -6.69 -4.06
N GLY A 67 6.57 -5.54 -3.58
CA GLY A 67 7.64 -4.78 -4.17
C GLY A 67 7.41 -3.34 -3.91
N PRO A 68 8.33 -2.44 -4.28
CA PRO A 68 8.16 -1.01 -4.04
C PRO A 68 6.94 -0.44 -4.76
N GLU A 69 6.96 -0.53 -6.07
CA GLU A 69 5.89 0.00 -6.90
C GLU A 69 4.60 -0.77 -6.67
N GLU A 70 4.75 -2.07 -6.46
CA GLU A 70 3.61 -2.93 -6.29
C GLU A 70 2.91 -2.68 -4.96
N ALA A 71 3.70 -2.56 -3.88
CA ALA A 71 3.16 -2.27 -2.54
C ALA A 71 2.34 -1.00 -2.55
N TRP A 72 2.92 0.04 -3.13
CA TRP A 72 2.26 1.31 -3.22
C TRP A 72 0.95 1.21 -4.01
N ARG A 73 1.00 0.55 -5.16
CA ARG A 73 -0.19 0.43 -5.99
C ARG A 73 -1.25 -0.40 -5.25
N LEU A 74 -0.82 -1.48 -4.64
CA LEU A 74 -1.68 -2.35 -3.86
C LEU A 74 -2.38 -1.60 -2.75
N ALA A 75 -1.65 -0.77 -2.02
CA ALA A 75 -2.23 -0.01 -0.92
C ALA A 75 -3.26 0.97 -1.44
N LEU A 76 -2.88 1.78 -2.44
CA LEU A 76 -3.78 2.80 -2.96
C LEU A 76 -5.03 2.17 -3.55
N SER A 77 -4.84 1.11 -4.29
CA SER A 77 -5.91 0.40 -4.92
C SER A 77 -6.70 -0.52 -3.96
N THR A 78 -6.34 -0.46 -2.70
CA THR A 78 -7.11 -1.11 -1.67
C THR A 78 -7.86 -0.03 -0.87
N PHE A 79 -7.31 1.20 -0.87
CA PHE A 79 -7.95 2.33 -0.22
C PHE A 79 -9.32 2.56 -0.86
N GLU A 80 -9.35 2.54 -2.18
CA GLU A 80 -10.59 2.72 -2.94
C GLU A 80 -11.61 1.59 -2.64
N ARG A 81 -11.10 0.41 -2.28
CA ARG A 81 -11.94 -0.75 -1.99
C ARG A 81 -12.65 -0.61 -0.66
N ILE A 82 -11.91 -0.19 0.34
CA ILE A 82 -12.43 -0.09 1.71
C ILE A 82 -13.12 1.27 1.94
N ASN A 83 -13.43 1.94 0.85
CA ASN A 83 -14.04 3.24 0.84
C ASN A 83 -13.20 4.27 1.53
N ARG A 84 -12.08 4.50 0.92
CA ARG A 84 -11.11 5.45 1.34
C ARG A 84 -10.54 6.05 0.06
N LYS A 85 -11.45 6.52 -0.77
CA LYS A 85 -11.12 7.06 -2.06
C LYS A 85 -10.48 8.43 -1.84
N ASP A 86 -10.77 8.97 -0.66
CA ASP A 86 -10.20 10.22 -0.16
C ASP A 86 -8.68 10.18 -0.17
N LEU A 87 -8.14 9.04 0.17
CA LEU A 87 -6.72 8.85 0.27
C LEU A 87 -6.19 8.36 -1.09
N TRP A 88 -7.02 7.58 -1.76
CA TRP A 88 -6.71 6.99 -3.05
C TRP A 88 -6.43 8.07 -4.11
N GLU A 89 -7.32 9.04 -4.20
CA GLU A 89 -7.25 10.12 -5.19
C GLU A 89 -6.01 11.01 -5.02
N ARG A 90 -5.43 10.98 -3.86
CA ARG A 90 -4.22 11.74 -3.60
C ARG A 90 -3.04 10.98 -4.18
N GLY A 91 -3.07 9.66 -3.97
CA GLY A 91 -2.02 8.77 -4.44
C GLY A 91 -2.06 8.62 -5.93
N GLN A 92 -3.21 8.84 -6.49
CA GLN A 92 -3.43 8.84 -7.90
C GLN A 92 -2.80 10.03 -8.53
N ARG A 93 -1.75 9.78 -9.27
CA ARG A 93 -1.14 10.83 -10.02
C ARG A 93 -2.07 11.30 -11.12
N GLU A 94 -2.54 10.32 -11.94
CA GLU A 94 -3.41 10.55 -13.10
C GLU A 94 -3.03 11.81 -13.85
N ASP A 95 -2.02 11.66 -14.67
CA ASP A 95 -1.35 12.75 -15.38
C ASP A 95 -2.15 13.25 -16.56
N LEU A 96 -3.44 12.90 -16.58
CA LEU A 96 -4.38 13.21 -17.63
C LEU A 96 -4.07 12.41 -18.89
N VAL A 97 -5.05 12.16 -19.69
CA VAL A 97 -4.83 11.50 -20.95
C VAL A 97 -4.11 12.47 -21.87
N ARG A 98 -2.84 12.23 -22.06
CA ARG A 98 -2.03 13.09 -22.88
C ARG A 98 -2.17 12.74 -24.32
N ASP A 99 -3.29 13.14 -24.81
CA ASP A 99 -3.69 12.92 -26.17
C ASP A 99 -3.38 14.14 -27.01
N THR A 100 -2.17 14.21 -27.47
CA THR A 100 -1.72 15.30 -28.29
C THR A 100 -1.74 14.83 -29.74
N VAL A 101 -0.99 13.75 -29.98
CA VAL A 101 -0.89 13.03 -31.25
C VAL A 101 -0.75 13.96 -32.47
N GLU A 102 0.32 14.74 -32.46
CA GLU A 102 0.69 15.68 -33.49
C GLU A 102 1.93 16.41 -33.01
N GLY A 1 21.54 -1.96 -16.48
CA GLY A 1 21.03 -0.58 -16.35
C GLY A 1 22.09 0.33 -15.80
N HIS A 2 22.04 1.59 -16.18
CA HIS A 2 23.03 2.57 -15.74
C HIS A 2 22.83 2.89 -14.27
N MET A 3 21.57 2.92 -13.86
CA MET A 3 21.17 3.31 -12.51
C MET A 3 21.41 4.79 -12.27
N LEU A 4 20.48 5.58 -12.71
CA LEU A 4 20.54 7.01 -12.54
C LEU A 4 19.63 7.41 -11.41
N ARG A 5 20.09 8.34 -10.57
CA ARG A 5 19.40 8.80 -9.37
C ARG A 5 19.52 7.73 -8.29
N THR A 6 20.48 7.92 -7.43
CA THR A 6 20.77 6.98 -6.39
C THR A 6 19.73 7.06 -5.26
N ALA A 7 18.70 6.28 -5.42
CA ALA A 7 17.62 6.11 -4.49
C ALA A 7 16.81 4.95 -5.00
N GLY A 8 15.75 4.61 -4.34
CA GLY A 8 14.90 3.57 -4.83
C GLY A 8 13.76 4.18 -5.57
N ARG A 9 12.86 4.76 -4.80
CA ARG A 9 11.70 5.47 -5.26
C ARG A 9 10.92 5.83 -4.01
N ASP A 10 10.13 6.88 -4.07
CA ASP A 10 9.29 7.22 -2.96
C ASP A 10 8.03 6.37 -2.96
N GLY A 11 8.21 5.10 -2.69
CA GLY A 11 7.12 4.18 -2.63
C GLY A 11 6.75 3.94 -1.20
N LEU A 12 7.66 3.29 -0.49
CA LEU A 12 7.52 2.96 0.95
C LEU A 12 7.35 4.27 1.72
N CYS A 13 8.03 5.25 1.24
CA CYS A 13 8.05 6.58 1.79
C CYS A 13 6.64 7.19 1.84
N ARG A 14 5.93 7.15 0.72
CA ARG A 14 4.59 7.73 0.72
C ARG A 14 3.61 6.72 1.30
N LEU A 15 3.95 5.45 1.16
CA LEU A 15 3.18 4.32 1.66
C LEU A 15 2.98 4.45 3.17
N SER A 16 4.08 4.67 3.88
CA SER A 16 4.04 4.77 5.33
C SER A 16 3.38 6.09 5.77
N THR A 17 3.22 7.00 4.85
CA THR A 17 2.58 8.25 5.12
C THR A 17 1.05 8.09 5.03
N TYR A 18 0.58 7.48 3.94
CA TYR A 18 -0.86 7.27 3.73
C TYR A 18 -1.44 6.24 4.68
N LEU A 19 -0.66 5.21 4.97
CA LEU A 19 -1.14 4.17 5.88
C LEU A 19 -1.23 4.69 7.33
N GLU A 20 -0.57 5.81 7.60
CA GLU A 20 -0.64 6.47 8.91
C GLU A 20 -1.97 7.16 9.10
N GLU A 21 -2.64 7.49 8.00
CA GLU A 21 -3.92 8.16 8.06
C GLU A 21 -5.07 7.15 8.01
N LEU A 22 -4.74 5.88 8.24
CA LEU A 22 -5.71 4.82 8.32
C LEU A 22 -5.84 4.38 9.76
N GLU A 23 -7.05 4.32 10.25
CA GLU A 23 -7.30 3.89 11.60
C GLU A 23 -7.30 2.36 11.68
N ALA A 24 -7.61 1.84 12.87
CA ALA A 24 -7.61 0.41 13.15
C ALA A 24 -8.44 -0.37 12.14
N VAL A 25 -9.69 0.04 11.94
CA VAL A 25 -10.58 -0.65 11.02
C VAL A 25 -10.10 -0.55 9.57
N GLU A 26 -9.55 0.59 9.21
CA GLU A 26 -9.09 0.82 7.85
C GLU A 26 -7.93 -0.14 7.55
N LEU A 27 -6.98 -0.21 8.48
CA LEU A 27 -5.84 -1.12 8.34
C LEU A 27 -6.30 -2.57 8.35
N LYS A 28 -7.32 -2.85 9.16
CA LYS A 28 -7.91 -4.17 9.30
C LYS A 28 -8.44 -4.64 7.94
N LYS A 29 -9.16 -3.76 7.28
CA LYS A 29 -9.76 -4.06 5.98
C LYS A 29 -8.67 -4.21 4.93
N PHE A 30 -7.74 -3.29 4.96
CA PHE A 30 -6.64 -3.22 4.04
C PHE A 30 -5.76 -4.49 4.07
N LYS A 31 -5.42 -4.96 5.25
CA LYS A 31 -4.54 -6.10 5.38
C LYS A 31 -5.21 -7.40 4.97
N LEU A 32 -6.51 -7.48 5.12
CA LEU A 32 -7.19 -8.69 4.71
C LEU A 32 -7.37 -8.68 3.21
N TYR A 33 -7.60 -7.50 2.66
CA TYR A 33 -7.82 -7.32 1.24
C TYR A 33 -6.62 -7.78 0.43
N LEU A 34 -5.45 -7.32 0.80
CA LEU A 34 -4.25 -7.68 0.04
C LEU A 34 -3.49 -8.82 0.66
N GLY A 35 -3.91 -9.24 1.82
CA GLY A 35 -3.20 -10.28 2.46
C GLY A 35 -3.83 -11.62 2.30
N THR A 36 -5.09 -11.73 2.72
CA THR A 36 -5.79 -13.01 2.66
C THR A 36 -6.46 -13.21 1.30
N ALA A 37 -6.15 -12.29 0.38
CA ALA A 37 -6.72 -12.22 -0.96
C ALA A 37 -6.67 -13.53 -1.72
N THR A 38 -7.84 -14.01 -2.10
CA THR A 38 -7.99 -15.25 -2.85
C THR A 38 -7.43 -15.06 -4.27
N GLU A 39 -7.49 -13.82 -4.71
CA GLU A 39 -7.05 -13.40 -6.05
C GLU A 39 -5.54 -13.48 -6.22
N LEU A 40 -4.85 -13.59 -5.12
CA LEU A 40 -3.40 -13.73 -5.16
C LEU A 40 -3.02 -15.20 -5.26
N GLY A 41 -3.99 -16.03 -5.05
CA GLY A 41 -3.81 -17.45 -5.08
C GLY A 41 -4.03 -18.01 -3.70
N GLU A 42 -3.21 -17.56 -2.81
CA GLU A 42 -3.26 -17.92 -1.41
C GLU A 42 -3.18 -16.64 -0.63
N GLY A 43 -2.24 -15.83 -1.02
CA GLY A 43 -2.00 -14.60 -0.40
C GLY A 43 -0.53 -14.39 -0.27
N LYS A 44 -0.05 -13.25 -0.72
CA LYS A 44 1.35 -12.88 -0.54
C LYS A 44 1.66 -12.75 0.93
N ILE A 45 0.67 -12.32 1.67
CA ILE A 45 0.78 -12.14 3.08
C ILE A 45 0.22 -13.38 3.76
N PRO A 46 0.98 -14.01 4.66
CA PRO A 46 0.50 -15.17 5.40
C PRO A 46 -0.59 -14.78 6.42
N TRP A 47 -1.24 -15.80 6.93
CA TRP A 47 -2.39 -15.74 7.86
C TRP A 47 -2.31 -14.64 8.95
N GLY A 48 -1.16 -14.39 9.53
CA GLY A 48 -1.12 -13.42 10.59
C GLY A 48 0.22 -12.76 10.78
N SER A 49 0.86 -12.35 9.70
CA SER A 49 2.10 -11.63 9.85
C SER A 49 1.81 -10.17 10.16
N MET A 50 0.63 -9.76 9.78
CA MET A 50 0.17 -8.39 9.96
C MET A 50 -0.91 -8.32 11.04
N GLU A 51 -0.84 -9.27 11.96
CA GLU A 51 -1.81 -9.40 13.04
C GLU A 51 -1.87 -8.09 13.86
N LYS A 52 -0.72 -7.64 14.32
CA LYS A 52 -0.62 -6.42 15.13
C LYS A 52 0.22 -5.37 14.41
N ALA A 53 0.34 -5.50 13.11
CA ALA A 53 1.19 -4.61 12.34
C ALA A 53 0.52 -3.25 12.12
N GLY A 54 1.30 -2.21 12.26
CA GLY A 54 0.84 -0.89 12.01
C GLY A 54 1.40 -0.35 10.73
N PRO A 55 1.22 0.94 10.47
CA PRO A 55 1.59 1.60 9.20
C PRO A 55 3.04 1.36 8.76
N LEU A 56 3.97 1.42 9.70
CA LEU A 56 5.40 1.26 9.36
C LEU A 56 5.68 -0.18 9.02
N GLU A 57 5.13 -1.06 9.81
CA GLU A 57 5.29 -2.49 9.61
C GLU A 57 4.62 -2.93 8.31
N MET A 58 3.43 -2.40 8.07
CA MET A 58 2.67 -2.66 6.85
C MET A 58 3.43 -2.20 5.64
N ALA A 59 4.02 -1.03 5.72
CA ALA A 59 4.77 -0.49 4.61
C ALA A 59 5.93 -1.41 4.25
N GLN A 60 6.62 -1.93 5.26
CA GLN A 60 7.74 -2.81 5.05
C GLN A 60 7.24 -4.21 4.66
N LEU A 61 6.05 -4.53 5.09
CA LEU A 61 5.40 -5.80 4.80
C LEU A 61 5.13 -5.86 3.30
N LEU A 62 4.36 -4.89 2.83
CA LEU A 62 3.99 -4.76 1.43
C LEU A 62 5.23 -4.69 0.54
N ILE A 63 6.22 -3.90 0.96
CA ILE A 63 7.43 -3.69 0.18
C ILE A 63 8.24 -5.01 0.04
N THR A 64 8.17 -5.88 1.04
CA THR A 64 8.92 -7.11 1.02
C THR A 64 8.22 -8.18 0.16
N HIS A 65 6.91 -8.17 0.15
CA HIS A 65 6.19 -9.18 -0.59
C HIS A 65 5.82 -8.73 -1.99
N PHE A 66 5.18 -7.59 -2.09
CA PHE A 66 4.77 -7.05 -3.37
C PHE A 66 5.93 -6.44 -4.13
N GLY A 67 6.62 -5.52 -3.51
CA GLY A 67 7.74 -4.86 -4.14
C GLY A 67 7.68 -3.38 -3.86
N PRO A 68 8.71 -2.62 -4.24
CA PRO A 68 8.80 -1.17 -3.92
C PRO A 68 7.67 -0.34 -4.51
N GLU A 69 7.33 -0.60 -5.75
CA GLU A 69 6.31 0.16 -6.41
C GLU A 69 4.98 -0.55 -6.32
N GLU A 70 5.06 -1.86 -6.15
CA GLU A 70 3.87 -2.68 -6.09
C GLU A 70 3.17 -2.51 -4.75
N ALA A 71 3.98 -2.33 -3.70
CA ALA A 71 3.46 -2.09 -2.35
C ALA A 71 2.55 -0.88 -2.35
N TRP A 72 3.00 0.17 -3.00
CA TRP A 72 2.28 1.39 -3.07
C TRP A 72 0.99 1.24 -3.86
N ARG A 73 1.06 0.59 -5.02
CA ARG A 73 -0.13 0.40 -5.82
C ARG A 73 -1.14 -0.45 -5.07
N LEU A 74 -0.65 -1.48 -4.42
CA LEU A 74 -1.47 -2.35 -3.59
C LEU A 74 -2.19 -1.55 -2.53
N ALA A 75 -1.48 -0.68 -1.83
CA ALA A 75 -2.09 0.12 -0.79
C ALA A 75 -3.18 1.01 -1.35
N LEU A 76 -2.85 1.79 -2.37
CA LEU A 76 -3.82 2.74 -2.93
C LEU A 76 -5.03 2.02 -3.53
N SER A 77 -4.79 0.90 -4.17
CA SER A 77 -5.85 0.15 -4.81
C SER A 77 -6.67 -0.61 -3.76
N THR A 78 -6.12 -0.74 -2.58
CA THR A 78 -6.86 -1.31 -1.50
C THR A 78 -7.75 -0.23 -0.90
N PHE A 79 -7.19 1.00 -0.81
CA PHE A 79 -7.89 2.15 -0.25
C PHE A 79 -9.26 2.32 -0.91
N GLU A 80 -9.26 2.38 -2.23
CA GLU A 80 -10.48 2.61 -3.03
C GLU A 80 -11.57 1.54 -2.76
N ARG A 81 -11.17 0.33 -2.41
CA ARG A 81 -12.13 -0.73 -2.22
C ARG A 81 -12.51 -0.94 -0.76
N ILE A 82 -11.72 -0.38 0.15
CA ILE A 82 -12.04 -0.50 1.58
C ILE A 82 -12.81 0.73 2.05
N ASN A 83 -13.39 1.45 1.08
CA ASN A 83 -14.22 2.67 1.30
C ASN A 83 -13.31 3.86 1.65
N ARG A 84 -12.08 3.74 1.30
CA ARG A 84 -11.10 4.75 1.57
C ARG A 84 -10.62 5.37 0.24
N LYS A 85 -11.59 5.76 -0.56
CA LYS A 85 -11.35 6.35 -1.87
C LYS A 85 -10.75 7.73 -1.67
N ASP A 86 -11.00 8.25 -0.47
CA ASP A 86 -10.50 9.51 0.01
C ASP A 86 -8.96 9.61 -0.12
N LEU A 87 -8.26 8.58 0.34
CA LEU A 87 -6.80 8.58 0.25
C LEU A 87 -6.36 8.06 -1.09
N TRP A 88 -7.24 7.35 -1.76
CA TRP A 88 -6.96 6.81 -3.08
C TRP A 88 -6.76 7.93 -4.07
N GLU A 89 -7.65 8.90 -4.06
CA GLU A 89 -7.54 10.08 -4.92
C GLU A 89 -6.35 10.95 -4.54
N ARG A 90 -5.87 10.78 -3.33
CA ARG A 90 -4.69 11.47 -2.87
C ARG A 90 -3.44 10.72 -3.34
N GLY A 91 -3.58 9.42 -3.54
CA GLY A 91 -2.49 8.57 -3.98
C GLY A 91 -2.34 8.54 -5.49
N GLN A 92 -3.44 8.75 -6.18
CA GLN A 92 -3.44 8.82 -7.62
C GLN A 92 -2.64 9.99 -8.11
N ARG A 93 -2.16 9.89 -9.32
CA ARG A 93 -1.20 10.84 -9.80
C ARG A 93 -1.45 11.23 -11.24
N GLU A 94 -1.30 12.50 -11.50
CA GLU A 94 -1.42 13.07 -12.80
C GLU A 94 -0.20 13.95 -13.03
N ASP A 95 -0.05 14.50 -14.21
CA ASP A 95 1.02 15.45 -14.43
C ASP A 95 0.58 16.74 -13.81
N LEU A 96 1.44 17.30 -12.95
CA LEU A 96 1.15 18.47 -12.14
C LEU A 96 0.18 18.08 -11.00
N VAL A 97 0.11 18.89 -9.98
CA VAL A 97 -0.77 18.63 -8.87
C VAL A 97 -2.21 18.67 -9.28
N ARG A 98 -2.92 17.64 -8.92
CA ARG A 98 -4.30 17.47 -9.29
C ARG A 98 -5.19 18.24 -8.34
N ASP A 99 -4.60 18.66 -7.26
CA ASP A 99 -5.26 19.52 -6.33
C ASP A 99 -4.79 20.91 -6.65
N THR A 100 -5.69 21.83 -6.73
CA THR A 100 -5.35 23.17 -7.06
C THR A 100 -6.25 24.09 -6.25
N VAL A 101 -5.73 25.28 -5.94
CA VAL A 101 -6.39 26.29 -5.11
C VAL A 101 -6.32 25.89 -3.65
N GLU A 102 -5.48 26.55 -2.92
CA GLU A 102 -5.31 26.33 -1.52
C GLU A 102 -5.67 27.61 -0.81
N GLY A 1 12.68 14.39 -17.26
CA GLY A 1 13.83 13.68 -17.78
C GLY A 1 13.38 12.50 -18.60
N HIS A 2 14.17 12.18 -19.61
CA HIS A 2 13.85 11.11 -20.54
C HIS A 2 14.25 9.76 -20.00
N MET A 3 15.17 9.77 -19.06
CA MET A 3 15.65 8.55 -18.44
C MET A 3 14.56 7.99 -17.52
N LEU A 4 14.27 8.74 -16.46
CA LEU A 4 13.25 8.42 -15.46
C LEU A 4 13.34 6.97 -14.96
N ARG A 5 14.23 6.73 -14.05
CA ARG A 5 14.37 5.42 -13.45
C ARG A 5 14.96 5.57 -12.07
N THR A 6 16.08 6.22 -12.02
CA THR A 6 16.74 6.48 -10.79
C THR A 6 16.57 7.95 -10.43
N ALA A 7 15.44 8.28 -9.86
CA ALA A 7 15.13 9.64 -9.46
C ALA A 7 14.85 9.66 -7.97
N GLY A 8 15.11 8.55 -7.34
CA GLY A 8 14.87 8.39 -5.95
C GLY A 8 14.20 7.08 -5.69
N ARG A 9 13.73 6.91 -4.49
CA ARG A 9 13.07 5.69 -4.10
C ARG A 9 11.68 6.04 -3.60
N ASP A 10 10.83 5.05 -3.52
CA ASP A 10 9.52 5.21 -2.91
C ASP A 10 8.95 3.82 -2.71
N GLY A 11 7.68 3.74 -2.38
CA GLY A 11 7.05 2.48 -2.15
C GLY A 11 7.20 2.06 -0.73
N LEU A 12 7.74 2.94 0.04
CA LEU A 12 7.97 2.72 1.44
C LEU A 12 7.71 4.03 2.12
N CYS A 13 8.42 5.05 1.67
CA CYS A 13 8.30 6.37 2.23
C CYS A 13 6.89 6.95 2.09
N ARG A 14 6.38 7.10 0.86
CA ARG A 14 5.05 7.68 0.67
C ARG A 14 3.97 6.68 1.07
N LEU A 15 4.33 5.41 1.05
CA LEU A 15 3.48 4.34 1.49
C LEU A 15 3.16 4.54 2.96
N SER A 16 4.22 4.68 3.75
CA SER A 16 4.08 4.95 5.16
C SER A 16 3.92 6.49 5.35
N THR A 17 2.95 7.00 4.65
CA THR A 17 2.50 8.37 4.74
C THR A 17 0.99 8.33 4.59
N TYR A 18 0.53 7.56 3.60
CA TYR A 18 -0.89 7.38 3.41
C TYR A 18 -1.44 6.35 4.37
N LEU A 19 -0.64 5.35 4.69
CA LEU A 19 -1.05 4.35 5.66
C LEU A 19 -1.08 4.94 7.07
N GLU A 20 -0.38 6.07 7.25
CA GLU A 20 -0.37 6.76 8.53
C GLU A 20 -1.72 7.41 8.74
N GLU A 21 -2.38 7.78 7.64
CA GLU A 21 -3.68 8.43 7.67
C GLU A 21 -4.77 7.45 8.09
N LEU A 22 -4.49 6.16 7.96
CA LEU A 22 -5.46 5.14 8.24
C LEU A 22 -5.60 4.86 9.71
N GLU A 23 -6.57 4.07 9.98
CA GLU A 23 -6.95 3.67 11.28
C GLU A 23 -6.68 2.19 11.38
N ALA A 24 -6.65 1.66 12.59
CA ALA A 24 -6.48 0.24 12.82
C ALA A 24 -7.58 -0.55 12.13
N VAL A 25 -8.82 -0.02 12.15
CA VAL A 25 -9.93 -0.66 11.45
C VAL A 25 -9.73 -0.64 9.93
N GLU A 26 -9.17 0.45 9.44
CA GLU A 26 -8.92 0.61 8.02
C GLU A 26 -7.79 -0.35 7.62
N LEU A 27 -6.79 -0.44 8.48
CA LEU A 27 -5.67 -1.34 8.29
C LEU A 27 -6.14 -2.78 8.37
N LYS A 28 -7.14 -3.02 9.19
CA LYS A 28 -7.76 -4.33 9.30
C LYS A 28 -8.34 -4.73 7.97
N LYS A 29 -9.11 -3.82 7.37
CA LYS A 29 -9.75 -4.03 6.08
C LYS A 29 -8.68 -4.27 5.02
N PHE A 30 -7.76 -3.32 4.96
CA PHE A 30 -6.62 -3.30 4.05
C PHE A 30 -5.85 -4.62 4.10
N LYS A 31 -5.44 -5.01 5.28
CA LYS A 31 -4.69 -6.22 5.49
C LYS A 31 -5.45 -7.49 5.13
N LEU A 32 -6.75 -7.54 5.43
CA LEU A 32 -7.50 -8.72 5.10
C LEU A 32 -7.74 -8.79 3.61
N TYR A 33 -8.02 -7.65 3.02
CA TYR A 33 -8.34 -7.56 1.61
C TYR A 33 -7.23 -8.11 0.74
N LEU A 34 -6.00 -7.82 1.10
CA LEU A 34 -4.90 -8.24 0.27
C LEU A 34 -4.12 -9.45 0.81
N GLY A 35 -4.04 -9.59 2.11
CA GLY A 35 -3.24 -10.66 2.66
C GLY A 35 -4.01 -11.95 2.84
N THR A 36 -5.33 -11.89 2.78
CA THR A 36 -6.11 -13.13 2.81
C THR A 36 -6.76 -13.33 1.45
N ALA A 37 -6.28 -12.55 0.49
CA ALA A 37 -6.85 -12.48 -0.83
C ALA A 37 -6.52 -13.66 -1.68
N THR A 38 -7.51 -14.25 -2.23
CA THR A 38 -7.33 -15.26 -3.19
C THR A 38 -7.38 -14.62 -4.59
N GLU A 39 -7.95 -13.41 -4.65
CA GLU A 39 -8.05 -12.65 -5.91
C GLU A 39 -6.66 -12.21 -6.39
N LEU A 40 -5.75 -12.04 -5.44
CA LEU A 40 -4.36 -11.72 -5.75
C LEU A 40 -3.62 -12.93 -6.25
N GLY A 41 -4.12 -14.10 -5.90
CA GLY A 41 -3.43 -15.34 -6.23
C GLY A 41 -2.31 -15.60 -5.26
N GLU A 42 -1.38 -14.66 -5.21
CA GLU A 42 -0.23 -14.72 -4.35
C GLU A 42 -0.44 -13.90 -3.08
N GLY A 43 -1.69 -13.61 -2.78
CA GLY A 43 -2.05 -12.84 -1.59
C GLY A 43 -2.02 -13.73 -0.39
N LYS A 44 -0.85 -14.23 -0.09
CA LYS A 44 -0.64 -15.15 0.97
C LYS A 44 -0.33 -14.47 2.26
N ILE A 45 0.85 -13.83 2.31
CA ILE A 45 1.37 -13.16 3.50
C ILE A 45 1.61 -14.16 4.67
N PRO A 46 2.77 -14.08 5.36
CA PRO A 46 3.04 -14.94 6.51
C PRO A 46 1.93 -14.82 7.55
N TRP A 47 1.46 -15.98 7.98
CA TRP A 47 0.28 -16.25 8.84
C TRP A 47 -0.06 -15.16 9.90
N GLY A 48 0.94 -14.60 10.54
CA GLY A 48 0.65 -13.64 11.58
C GLY A 48 1.68 -12.56 11.65
N SER A 49 2.03 -12.01 10.53
CA SER A 49 3.00 -10.92 10.47
C SER A 49 2.27 -9.57 10.54
N MET A 50 1.00 -9.63 10.24
CA MET A 50 0.13 -8.47 10.08
C MET A 50 -1.07 -8.52 11.01
N GLU A 51 -0.88 -9.12 12.17
CA GLU A 51 -1.95 -9.26 13.16
C GLU A 51 -2.42 -7.88 13.62
N LYS A 52 -1.51 -7.18 14.29
CA LYS A 52 -1.80 -5.88 14.86
C LYS A 52 -0.84 -4.87 14.28
N ALA A 53 -0.28 -5.24 13.14
CA ALA A 53 0.69 -4.43 12.43
C ALA A 53 0.16 -3.03 12.16
N GLY A 54 0.96 -2.06 12.47
CA GLY A 54 0.60 -0.70 12.27
C GLY A 54 1.10 -0.23 10.94
N PRO A 55 0.98 1.06 10.63
CA PRO A 55 1.31 1.59 9.30
C PRO A 55 2.75 1.33 8.86
N LEU A 56 3.68 1.35 9.81
CA LEU A 56 5.10 1.13 9.48
C LEU A 56 5.36 -0.34 9.19
N GLU A 57 4.77 -1.21 9.99
CA GLU A 57 4.89 -2.65 9.82
C GLU A 57 4.21 -3.07 8.52
N MET A 58 3.06 -2.46 8.27
CA MET A 58 2.29 -2.68 7.05
C MET A 58 3.06 -2.24 5.83
N ALA A 59 3.67 -1.07 5.90
CA ALA A 59 4.44 -0.54 4.77
C ALA A 59 5.54 -1.51 4.37
N GLN A 60 6.20 -2.09 5.35
CA GLN A 60 7.26 -3.01 5.05
C GLN A 60 6.71 -4.36 4.61
N LEU A 61 5.49 -4.66 4.99
CA LEU A 61 4.85 -5.92 4.66
C LEU A 61 4.72 -6.02 3.14
N LEU A 62 4.05 -5.04 2.56
CA LEU A 62 3.81 -5.03 1.14
C LEU A 62 5.11 -4.88 0.35
N ILE A 63 6.03 -4.08 0.86
CA ILE A 63 7.30 -3.81 0.18
C ILE A 63 8.17 -5.11 0.11
N THR A 64 8.02 -5.98 1.10
CA THR A 64 8.81 -7.21 1.15
C THR A 64 8.29 -8.25 0.14
N HIS A 65 7.01 -8.15 -0.19
CA HIS A 65 6.40 -9.09 -1.12
C HIS A 65 6.33 -8.54 -2.52
N PHE A 66 5.51 -7.54 -2.66
CA PHE A 66 5.17 -6.96 -3.94
C PHE A 66 6.31 -6.20 -4.58
N GLY A 67 6.92 -5.34 -3.83
CA GLY A 67 7.98 -4.54 -4.34
C GLY A 67 7.75 -3.12 -3.96
N PRO A 68 8.65 -2.20 -4.28
CA PRO A 68 8.49 -0.79 -3.92
C PRO A 68 7.24 -0.15 -4.56
N GLU A 69 7.23 -0.07 -5.87
CA GLU A 69 6.12 0.59 -6.58
C GLU A 69 4.86 -0.25 -6.46
N GLU A 70 5.06 -1.54 -6.38
CA GLU A 70 3.98 -2.48 -6.34
C GLU A 70 3.26 -2.40 -4.96
N ALA A 71 4.03 -2.22 -3.89
CA ALA A 71 3.47 -2.04 -2.54
C ALA A 71 2.58 -0.82 -2.48
N TRP A 72 3.07 0.27 -3.05
CA TRP A 72 2.33 1.52 -3.09
C TRP A 72 1.02 1.33 -3.86
N ARG A 73 1.11 0.62 -4.95
CA ARG A 73 -0.03 0.34 -5.78
C ARG A 73 -1.04 -0.52 -5.00
N LEU A 74 -0.52 -1.52 -4.29
CA LEU A 74 -1.33 -2.39 -3.44
C LEU A 74 -2.04 -1.62 -2.36
N ALA A 75 -1.41 -0.60 -1.82
CA ALA A 75 -2.06 0.20 -0.79
C ALA A 75 -3.12 1.10 -1.36
N LEU A 76 -2.74 1.92 -2.34
CA LEU A 76 -3.68 2.90 -2.90
C LEU A 76 -4.89 2.21 -3.50
N SER A 77 -4.66 1.16 -4.23
CA SER A 77 -5.73 0.43 -4.86
C SER A 77 -6.44 -0.54 -3.93
N THR A 78 -6.11 -0.50 -2.67
CA THR A 78 -6.87 -1.20 -1.69
C THR A 78 -7.65 -0.19 -0.86
N PHE A 79 -7.19 1.08 -0.85
CA PHE A 79 -7.90 2.16 -0.19
C PHE A 79 -9.30 2.27 -0.80
N GLU A 80 -9.35 2.31 -2.12
CA GLU A 80 -10.60 2.36 -2.91
C GLU A 80 -11.51 1.13 -2.63
N ARG A 81 -10.93 0.07 -2.10
CA ARG A 81 -11.66 -1.18 -1.91
C ARG A 81 -12.20 -1.28 -0.50
N ILE A 82 -11.65 -0.51 0.41
CA ILE A 82 -12.04 -0.58 1.82
C ILE A 82 -12.88 0.63 2.22
N ASN A 83 -13.40 1.31 1.20
CA ASN A 83 -14.20 2.54 1.34
C ASN A 83 -13.29 3.66 1.85
N ARG A 84 -12.23 3.87 1.12
CA ARG A 84 -11.29 4.92 1.41
C ARG A 84 -10.84 5.55 0.09
N LYS A 85 -11.81 6.09 -0.61
CA LYS A 85 -11.63 6.68 -1.91
C LYS A 85 -11.02 8.07 -1.77
N ASP A 86 -11.14 8.62 -0.57
CA ASP A 86 -10.61 9.95 -0.25
C ASP A 86 -9.12 9.93 -0.44
N LEU A 87 -8.51 9.03 0.31
CA LEU A 87 -7.07 8.87 0.40
C LEU A 87 -6.54 8.32 -0.91
N TRP A 88 -7.36 7.50 -1.55
CA TRP A 88 -7.07 6.90 -2.82
C TRP A 88 -6.80 7.95 -3.90
N GLU A 89 -7.68 8.93 -4.01
CA GLU A 89 -7.54 9.97 -5.01
C GLU A 89 -6.39 10.94 -4.72
N ARG A 90 -5.90 10.91 -3.51
CA ARG A 90 -4.73 11.70 -3.15
C ARG A 90 -3.49 10.97 -3.66
N GLY A 91 -3.59 9.64 -3.71
CA GLY A 91 -2.46 8.82 -4.05
C GLY A 91 -2.35 8.49 -5.52
N GLN A 92 -3.47 8.27 -6.17
CA GLN A 92 -3.42 7.85 -7.55
C GLN A 92 -3.27 8.96 -8.58
N ARG A 93 -2.54 8.63 -9.59
CA ARG A 93 -2.34 9.46 -10.77
C ARG A 93 -2.49 8.51 -11.95
N GLU A 94 -3.10 7.39 -11.63
CA GLU A 94 -3.23 6.27 -12.50
C GLU A 94 -4.58 6.28 -13.17
N ASP A 95 -4.60 6.60 -14.46
CA ASP A 95 -5.82 6.59 -15.31
C ASP A 95 -5.42 7.21 -16.64
N LEU A 96 -6.38 7.37 -17.54
CA LEU A 96 -6.14 7.93 -18.85
C LEU A 96 -7.47 8.24 -19.49
N VAL A 97 -7.64 9.47 -19.94
CA VAL A 97 -8.88 9.87 -20.60
C VAL A 97 -8.72 11.22 -21.29
N ARG A 98 -8.06 12.14 -20.63
CA ARG A 98 -7.88 13.48 -21.15
C ARG A 98 -6.44 13.68 -21.59
N ASP A 99 -5.56 13.60 -20.64
CA ASP A 99 -4.17 13.88 -20.86
C ASP A 99 -3.43 12.63 -21.20
N THR A 100 -3.05 12.53 -22.43
CA THR A 100 -2.34 11.39 -22.94
C THR A 100 -0.89 11.79 -23.05
N VAL A 101 -0.07 11.18 -22.27
CA VAL A 101 1.32 11.57 -22.23
C VAL A 101 2.25 10.55 -22.84
N GLU A 102 1.73 9.40 -23.15
CA GLU A 102 2.49 8.37 -23.82
C GLU A 102 1.70 7.89 -25.00
N GLY A 1 25.51 -9.22 -16.68
CA GLY A 1 25.76 -8.26 -15.63
C GLY A 1 24.62 -8.24 -14.67
N HIS A 2 24.90 -8.09 -13.39
CA HIS A 2 23.85 -8.04 -12.39
C HIS A 2 23.36 -6.61 -12.18
N MET A 3 24.29 -5.75 -11.75
CA MET A 3 23.99 -4.38 -11.34
C MET A 3 23.06 -4.44 -10.14
N LEU A 4 23.65 -4.67 -9.00
CA LEU A 4 22.93 -4.86 -7.76
C LEU A 4 22.50 -3.53 -7.17
N ARG A 5 22.03 -3.59 -5.93
CA ARG A 5 21.44 -2.47 -5.22
C ARG A 5 20.07 -2.17 -5.78
N THR A 6 19.09 -2.76 -5.16
CA THR A 6 17.73 -2.65 -5.56
C THR A 6 17.28 -1.18 -5.52
N ALA A 7 16.72 -0.75 -6.63
CA ALA A 7 16.21 0.58 -6.75
C ALA A 7 14.93 0.69 -5.97
N GLY A 8 14.99 1.41 -4.88
CA GLY A 8 13.84 1.59 -4.06
C GLY A 8 13.77 3.00 -3.57
N ARG A 9 12.76 3.70 -4.01
CA ARG A 9 12.55 5.06 -3.62
C ARG A 9 11.07 5.33 -3.69
N ASP A 10 10.60 6.26 -2.88
CA ASP A 10 9.22 6.78 -2.88
C ASP A 10 8.25 5.83 -2.22
N GLY A 11 8.23 4.58 -2.70
CA GLY A 11 7.34 3.54 -2.19
C GLY A 11 7.42 3.40 -0.69
N LEU A 12 8.56 2.99 -0.18
CA LEU A 12 8.71 2.85 1.25
C LEU A 12 9.09 4.18 1.84
N CYS A 13 8.07 4.95 1.95
CA CYS A 13 8.06 6.28 2.48
C CYS A 13 6.63 6.80 2.34
N ARG A 14 6.19 6.96 1.09
CA ARG A 14 4.86 7.49 0.76
C ARG A 14 3.80 6.56 1.32
N LEU A 15 4.03 5.27 1.12
CA LEU A 15 3.15 4.22 1.56
C LEU A 15 2.85 4.32 3.06
N SER A 16 3.89 4.52 3.84
CA SER A 16 3.76 4.59 5.27
C SER A 16 2.94 5.84 5.66
N THR A 17 3.27 6.98 5.03
CA THR A 17 2.60 8.26 5.31
C THR A 17 1.08 8.18 5.05
N TYR A 18 0.70 7.50 3.99
CA TYR A 18 -0.71 7.36 3.64
C TYR A 18 -1.40 6.35 4.54
N LEU A 19 -0.71 5.26 4.84
CA LEU A 19 -1.29 4.21 5.67
C LEU A 19 -1.51 4.64 7.12
N GLU A 20 -0.88 5.73 7.53
CA GLU A 20 -1.02 6.24 8.91
C GLU A 20 -2.42 6.75 9.19
N GLU A 21 -3.17 7.04 8.15
CA GLU A 21 -4.54 7.51 8.28
C GLU A 21 -5.51 6.35 8.52
N LEU A 22 -5.01 5.15 8.39
CA LEU A 22 -5.77 3.96 8.63
C LEU A 22 -5.48 3.43 10.02
N GLU A 23 -6.52 3.12 10.75
CA GLU A 23 -6.38 2.57 12.07
C GLU A 23 -6.48 1.04 12.01
N ALA A 24 -6.61 0.39 13.17
CA ALA A 24 -6.71 -1.07 13.28
C ALA A 24 -7.79 -1.64 12.36
N VAL A 25 -9.03 -1.12 12.45
CA VAL A 25 -10.12 -1.64 11.62
C VAL A 25 -9.90 -1.35 10.13
N GLU A 26 -9.28 -0.24 9.84
CA GLU A 26 -9.05 0.17 8.48
C GLU A 26 -7.98 -0.68 7.83
N LEU A 27 -6.90 -0.89 8.57
CA LEU A 27 -5.82 -1.75 8.14
C LEU A 27 -6.28 -3.20 8.08
N LYS A 28 -7.29 -3.52 8.88
CA LYS A 28 -7.86 -4.85 8.93
C LYS A 28 -8.52 -5.20 7.59
N LYS A 29 -9.22 -4.24 7.04
CA LYS A 29 -9.89 -4.42 5.75
C LYS A 29 -8.83 -4.51 4.66
N PHE A 30 -7.86 -3.66 4.78
CA PHE A 30 -6.74 -3.56 3.88
C PHE A 30 -5.91 -4.86 3.83
N LYS A 31 -5.58 -5.41 4.98
CA LYS A 31 -4.79 -6.64 5.04
C LYS A 31 -5.60 -7.82 4.51
N LEU A 32 -6.88 -7.75 4.72
CA LEU A 32 -7.80 -8.74 4.27
C LEU A 32 -7.85 -8.76 2.75
N TYR A 33 -7.90 -7.58 2.17
CA TYR A 33 -8.05 -7.41 0.76
C TYR A 33 -6.80 -7.85 -0.03
N LEU A 34 -5.64 -7.79 0.57
CA LEU A 34 -4.44 -8.12 -0.18
C LEU A 34 -3.58 -9.22 0.42
N GLY A 35 -3.52 -9.30 1.71
CA GLY A 35 -2.60 -10.20 2.32
C GLY A 35 -3.14 -11.60 2.52
N THR A 36 -4.43 -11.74 2.47
CA THR A 36 -5.03 -13.04 2.67
C THR A 36 -6.17 -13.26 1.65
N ALA A 37 -6.15 -12.47 0.61
CA ALA A 37 -7.18 -12.54 -0.39
C ALA A 37 -6.86 -13.59 -1.43
N THR A 38 -7.86 -14.32 -1.84
CA THR A 38 -7.73 -15.37 -2.81
C THR A 38 -7.51 -14.78 -4.21
N GLU A 39 -7.86 -13.51 -4.37
CA GLU A 39 -7.66 -12.81 -5.64
C GLU A 39 -6.20 -12.39 -5.81
N LEU A 40 -5.42 -12.60 -4.78
CA LEU A 40 -3.98 -12.38 -4.80
C LEU A 40 -3.27 -13.72 -4.91
N GLY A 41 -4.05 -14.71 -5.22
CA GLY A 41 -3.58 -16.04 -5.43
C GLY A 41 -3.35 -16.76 -4.12
N GLU A 42 -2.22 -16.49 -3.53
CA GLU A 42 -1.83 -17.14 -2.30
C GLU A 42 -2.25 -16.32 -1.10
N GLY A 43 -2.17 -15.03 -1.25
CA GLY A 43 -2.21 -14.18 -0.09
C GLY A 43 -0.78 -14.10 0.38
N LYS A 44 -0.06 -13.16 -0.19
CA LYS A 44 1.40 -13.05 -0.06
C LYS A 44 1.92 -12.94 1.36
N ILE A 45 1.16 -12.35 2.24
CA ILE A 45 1.65 -12.11 3.58
C ILE A 45 1.35 -13.33 4.44
N PRO A 46 2.30 -13.75 5.31
CA PRO A 46 2.07 -14.82 6.25
C PRO A 46 0.92 -14.51 7.23
N TRP A 47 0.28 -15.57 7.66
CA TRP A 47 -0.94 -15.64 8.48
C TRP A 47 -1.09 -14.58 9.60
N GLY A 48 -0.02 -14.27 10.29
CA GLY A 48 -0.18 -13.42 11.46
C GLY A 48 0.73 -12.22 11.50
N SER A 49 1.33 -11.88 10.38
CA SER A 49 2.26 -10.77 10.39
C SER A 49 1.56 -9.40 10.27
N MET A 50 0.35 -9.39 9.73
CA MET A 50 -0.35 -8.12 9.50
C MET A 50 -1.19 -7.76 10.72
N GLU A 51 -1.44 -8.74 11.57
CA GLU A 51 -2.32 -8.61 12.74
C GLU A 51 -1.93 -7.46 13.66
N LYS A 52 -0.68 -7.34 13.96
CA LYS A 52 -0.21 -6.30 14.84
C LYS A 52 0.56 -5.27 14.07
N ALA A 53 0.48 -5.34 12.77
CA ALA A 53 1.25 -4.44 11.94
C ALA A 53 0.57 -3.09 11.82
N GLY A 54 1.34 -2.05 11.94
CA GLY A 54 0.90 -0.73 11.78
C GLY A 54 1.26 -0.23 10.43
N PRO A 55 1.00 1.05 10.16
CA PRO A 55 1.26 1.69 8.84
C PRO A 55 2.68 1.42 8.32
N LEU A 56 3.65 1.58 9.19
CA LEU A 56 5.05 1.42 8.83
C LEU A 56 5.37 -0.04 8.57
N GLU A 57 4.87 -0.88 9.43
CA GLU A 57 5.10 -2.31 9.37
C GLU A 57 4.41 -2.90 8.14
N MET A 58 3.19 -2.43 7.89
CA MET A 58 2.41 -2.81 6.73
C MET A 58 3.16 -2.41 5.47
N ALA A 59 3.70 -1.21 5.49
CA ALA A 59 4.46 -0.70 4.38
C ALA A 59 5.64 -1.62 4.06
N GLN A 60 6.30 -2.10 5.11
CA GLN A 60 7.43 -3.00 4.95
C GLN A 60 6.95 -4.37 4.48
N LEU A 61 5.81 -4.81 4.97
CA LEU A 61 5.21 -6.08 4.56
C LEU A 61 4.87 -6.07 3.07
N LEU A 62 4.15 -5.05 2.63
CA LEU A 62 3.80 -4.90 1.23
C LEU A 62 5.04 -4.80 0.35
N ILE A 63 6.01 -3.99 0.79
CA ILE A 63 7.24 -3.75 0.02
C ILE A 63 8.06 -5.06 -0.16
N THR A 64 8.06 -5.91 0.85
CA THR A 64 8.84 -7.13 0.83
C THR A 64 8.24 -8.18 -0.12
N HIS A 65 6.93 -8.20 -0.21
CA HIS A 65 6.27 -9.21 -1.01
C HIS A 65 5.92 -8.70 -2.40
N PHE A 66 5.19 -7.62 -2.44
CA PHE A 66 4.76 -7.04 -3.70
C PHE A 66 5.89 -6.36 -4.45
N GLY A 67 6.54 -5.43 -3.81
CA GLY A 67 7.61 -4.69 -4.45
C GLY A 67 7.51 -3.24 -4.06
N PRO A 68 8.45 -2.38 -4.45
CA PRO A 68 8.48 -0.97 -4.05
C PRO A 68 7.24 -0.17 -4.46
N GLU A 69 6.99 -0.08 -5.73
CA GLU A 69 5.87 0.70 -6.25
C GLU A 69 4.61 -0.16 -6.24
N GLU A 70 4.82 -1.47 -6.26
CA GLU A 70 3.75 -2.44 -6.20
C GLU A 70 3.02 -2.31 -4.86
N ALA A 71 3.79 -2.21 -3.78
CA ALA A 71 3.27 -1.98 -2.43
C ALA A 71 2.39 -0.74 -2.40
N TRP A 72 2.90 0.34 -2.97
CA TRP A 72 2.17 1.60 -3.05
C TRP A 72 0.88 1.43 -3.85
N ARG A 73 1.00 0.81 -4.99
CA ARG A 73 -0.12 0.54 -5.88
C ARG A 73 -1.19 -0.28 -5.15
N LEU A 74 -0.76 -1.30 -4.45
CA LEU A 74 -1.63 -2.16 -3.66
C LEU A 74 -2.41 -1.35 -2.65
N ALA A 75 -1.73 -0.47 -1.92
CA ALA A 75 -2.38 0.31 -0.89
C ALA A 75 -3.39 1.28 -1.46
N LEU A 76 -2.99 2.02 -2.49
CA LEU A 76 -3.89 3.02 -3.06
C LEU A 76 -5.13 2.35 -3.66
N SER A 77 -4.92 1.21 -4.27
CA SER A 77 -6.00 0.48 -4.87
C SER A 77 -6.81 -0.27 -3.80
N THR A 78 -6.34 -0.26 -2.58
CA THR A 78 -7.09 -0.82 -1.50
C THR A 78 -7.93 0.29 -0.85
N PHE A 79 -7.38 1.52 -0.85
CA PHE A 79 -8.07 2.69 -0.28
C PHE A 79 -9.43 2.88 -0.95
N GLU A 80 -9.47 2.66 -2.24
CA GLU A 80 -10.70 2.79 -3.00
C GLU A 80 -11.71 1.67 -2.65
N ARG A 81 -11.22 0.46 -2.35
CA ARG A 81 -12.08 -0.68 -1.99
C ARG A 81 -12.63 -0.53 -0.58
N ILE A 82 -11.82 0.01 0.32
CA ILE A 82 -12.23 0.15 1.72
C ILE A 82 -12.94 1.48 1.98
N ASN A 83 -13.36 2.09 0.87
CA ASN A 83 -14.09 3.36 0.83
C ASN A 83 -13.34 4.49 1.54
N ARG A 84 -12.21 4.79 1.04
CA ARG A 84 -11.40 5.87 1.49
C ARG A 84 -10.75 6.39 0.21
N LYS A 85 -11.61 6.75 -0.76
CA LYS A 85 -11.19 7.10 -2.09
C LYS A 85 -10.41 8.38 -2.05
N ASP A 86 -10.58 9.08 -0.94
CA ASP A 86 -9.99 10.36 -0.69
C ASP A 86 -8.50 10.22 -0.80
N LEU A 87 -7.99 9.24 -0.09
CA LEU A 87 -6.58 9.00 0.01
C LEU A 87 -6.08 8.29 -1.26
N TRP A 88 -7.00 7.68 -1.98
CA TRP A 88 -6.74 7.05 -3.26
C TRP A 88 -6.50 8.14 -4.31
N GLU A 89 -7.34 9.17 -4.29
CA GLU A 89 -7.21 10.34 -5.16
C GLU A 89 -5.92 11.06 -4.78
N ARG A 90 -5.67 11.13 -3.48
CA ARG A 90 -4.47 11.75 -2.92
C ARG A 90 -3.24 10.96 -3.29
N GLY A 91 -3.44 9.71 -3.64
CA GLY A 91 -2.38 8.82 -3.96
C GLY A 91 -1.73 9.09 -5.28
N GLN A 92 -2.04 8.26 -6.27
CA GLN A 92 -1.50 8.35 -7.62
C GLN A 92 0.04 8.20 -7.64
N ARG A 93 0.60 8.27 -8.81
CA ARG A 93 2.04 8.22 -8.99
C ARG A 93 2.45 9.02 -10.22
N GLU A 94 1.63 8.88 -11.29
CA GLU A 94 1.81 9.58 -12.57
C GLU A 94 3.21 9.34 -13.10
N ASP A 95 3.60 8.11 -13.04
CA ASP A 95 4.92 7.67 -13.41
C ASP A 95 5.06 7.57 -14.92
N LEU A 96 6.27 7.49 -15.37
CA LEU A 96 6.56 7.43 -16.77
C LEU A 96 6.54 5.98 -17.24
N VAL A 97 6.10 5.75 -18.46
CA VAL A 97 6.19 4.43 -19.02
C VAL A 97 7.64 4.17 -19.32
N ARG A 98 8.19 3.29 -18.59
CA ARG A 98 9.59 3.04 -18.59
C ARG A 98 10.08 2.31 -19.81
N ASP A 99 11.27 2.71 -20.23
CA ASP A 99 11.99 2.26 -21.42
C ASP A 99 13.13 3.22 -21.71
N THR A 100 12.79 4.50 -21.65
CA THR A 100 13.69 5.57 -22.02
C THR A 100 14.80 5.86 -20.98
N VAL A 101 14.50 6.61 -19.94
CA VAL A 101 15.52 7.00 -18.97
C VAL A 101 15.53 6.04 -17.78
N GLU A 102 14.54 5.23 -17.74
CA GLU A 102 14.31 4.23 -16.76
C GLU A 102 13.34 3.33 -17.42
#